data_4F2X
# 
_entry.id   4F2X 
# 
_audit_conform.dict_name       mmcif_pdbx.dic 
_audit_conform.dict_version    5.379 
_audit_conform.dict_location   http://mmcif.pdb.org/dictionaries/ascii/mmcif_pdbx.dic 
# 
loop_
_database_2.database_id 
_database_2.database_code 
_database_2.pdbx_database_accession 
_database_2.pdbx_DOI 
PDB   4F2X         pdb_00004f2x 10.2210/pdb4f2x/pdb 
NDB   NA1780       ?            ?                   
RCSB  RCSB072387   ?            ?                   
WWPDB D_1000072387 ?            ?                   
# 
_pdbx_database_related.db_name        PDB 
_pdbx_database_related.db_id          4F2Y 
_pdbx_database_related.details        . 
_pdbx_database_related.content_type   unspecified 
# 
_pdbx_database_status.status_code                     REL 
_pdbx_database_status.entry_id                        4F2X 
_pdbx_database_status.recvd_initial_deposition_date   2012-05-08 
_pdbx_database_status.deposit_site                    RCSB 
_pdbx_database_status.process_site                    RCSB 
_pdbx_database_status.status_code_sf                  REL 
_pdbx_database_status.status_code_mr                  ? 
_pdbx_database_status.SG_entry                        ? 
_pdbx_database_status.status_code_cs                  ? 
_pdbx_database_status.methods_development_category    ? 
_pdbx_database_status.pdb_format_compatible           Y 
_pdbx_database_status.status_code_nmr_data            ? 
# 
loop_
_audit_author.name 
_audit_author.pdbx_ordinal 
'Pallan, P.S.' 1 
'Egli, M.'     2 
# 
_citation.id                        primary 
_citation.title                     
;Synthesis and Antisense Properties of Fluoro Cyclohexenyl Nucleic Acid (F-CeNA), a Nuclease Stable Mimic of 2'-Fluoro RNA.
;
_citation.journal_abbrev            J.Org.Chem. 
_citation.journal_volume            77 
_citation.page_first                5074 
_citation.page_last                 5085 
_citation.year                      2012 
_citation.journal_id_ASTM           JOCEAH 
_citation.country                   US 
_citation.journal_id_ISSN           0022-3263 
_citation.journal_id_CSD            0035 
_citation.book_publisher            ? 
_citation.pdbx_database_id_PubMed   22591005 
_citation.pdbx_database_id_DOI      10.1021/jo300594b 
# 
loop_
_citation_author.citation_id 
_citation_author.name 
_citation_author.ordinal 
_citation_author.identifier_ORCID 
primary 'Seth, P.P.'       1  ? 
primary 'Yu, J.'           2  ? 
primary 'Jazayeri, A.'     3  ? 
primary 'Pallan, P.S.'     4  ? 
primary 'Allerson, C.R.'   5  ? 
primary 'Ostergaard, M.E.' 6  ? 
primary 'Liu, F.'          7  ? 
primary 'Herdewijn, P.'    8  ? 
primary 'Egli, M.'         9  ? 
primary 'Swayze, E.E.'     10 ? 
# 
_cell.entry_id           4F2X 
_cell.length_a           26.700 
_cell.length_b           33.862 
_cell.length_c           80.165 
_cell.angle_alpha        90.00 
_cell.angle_beta         90.00 
_cell.angle_gamma        90.00 
_cell.Z_PDB              8 
_cell.pdbx_unique_axis   ? 
_cell.length_a_esd       ? 
_cell.length_b_esd       ? 
_cell.length_c_esd       ? 
_cell.angle_alpha_esd    ? 
_cell.angle_beta_esd     ? 
_cell.angle_gamma_esd    ? 
# 
_symmetry.entry_id                         4F2X 
_symmetry.space_group_name_H-M             'P 21 21 21' 
_symmetry.pdbx_full_space_group_name_H-M   ? 
_symmetry.cell_setting                     ? 
_symmetry.Int_Tables_number                19 
_symmetry.space_group_name_Hall            ? 
# 
loop_
_entity.id 
_entity.type 
_entity.src_method 
_entity.pdbx_description 
_entity.formula_weight 
_entity.pdbx_number_of_molecules 
_entity.pdbx_ec 
_entity.pdbx_mutation 
_entity.pdbx_fragment 
_entity.details 
1 polymer     syn "5'-D(*GP*CP*GP*(XTF)P*GP*CP*G)-3'" 2182.451 2  ? ? ? ? 
2 polymer     syn "5'-D(*CP*GP*CP*AP*CP*GP*C)-3'"     2083.388 2  ? ? ? ? 
3 non-polymer syn 'COBALT HEXAMMINE(III)'             161.116  2  ? ? ? ? 
4 non-polymer syn 'COBALT (III) ION'                  58.933   6  ? ? ? ? 
5 water       nat water                               18.015   77 ? ? ? ? 
# 
loop_
_entity_poly.entity_id 
_entity_poly.type 
_entity_poly.nstd_linkage 
_entity_poly.nstd_monomer 
_entity_poly.pdbx_seq_one_letter_code 
_entity_poly.pdbx_seq_one_letter_code_can 
_entity_poly.pdbx_strand_id 
_entity_poly.pdbx_target_identifier 
1 polydeoxyribonucleotide no yes '(DG)(DC)(DG)(XTF)(DG)(DC)(DG)' GCGXGCG A,C ? 
2 polydeoxyribonucleotide no no  '(DC)(DG)(DC)(DA)(DC)(DG)(DC)'  CGCACGC B,D ? 
# 
loop_
_entity_poly_seq.entity_id 
_entity_poly_seq.num 
_entity_poly_seq.mon_id 
_entity_poly_seq.hetero 
1 1 DG  n 
1 2 DC  n 
1 3 DG  n 
1 4 XTF n 
1 5 DG  n 
1 6 DC  n 
1 7 DG  n 
2 1 DC  n 
2 2 DG  n 
2 3 DC  n 
2 4 DA  n 
2 5 DC  n 
2 6 DG  n 
2 7 DC  n 
# 
loop_
_struct_ref.id 
_struct_ref.db_name 
_struct_ref.db_code 
_struct_ref.pdbx_db_accession 
_struct_ref.entity_id 
_struct_ref.pdbx_align_begin 
_struct_ref.pdbx_seq_one_letter_code 
_struct_ref.pdbx_db_isoform 
1 PDB 4F2X 4F2X 1 1 'GCG(XTF)GCG' ? 
2 PDB 4F2X 4F2X 2 1 CGCACGC       ? 
# 
loop_
_struct_ref_seq.align_id 
_struct_ref_seq.ref_id 
_struct_ref_seq.pdbx_PDB_id_code 
_struct_ref_seq.pdbx_strand_id 
_struct_ref_seq.seq_align_beg 
_struct_ref_seq.pdbx_seq_align_beg_ins_code 
_struct_ref_seq.seq_align_end 
_struct_ref_seq.pdbx_seq_align_end_ins_code 
_struct_ref_seq.pdbx_db_accession 
_struct_ref_seq.db_align_beg 
_struct_ref_seq.pdbx_db_align_beg_ins_code 
_struct_ref_seq.db_align_end 
_struct_ref_seq.pdbx_db_align_end_ins_code 
_struct_ref_seq.pdbx_auth_seq_align_beg 
_struct_ref_seq.pdbx_auth_seq_align_end 
1 1 4F2X A 1 ? 7 ? 4F2X 1 ? 7 ? 1 7 
2 1 4F2X C 1 ? 7 ? 4F2X 1 ? 7 ? 1 7 
3 2 4F2X B 1 ? 7 ? 4F2X 1 ? 7 ? 1 7 
4 2 4F2X D 1 ? 7 ? 4F2X 1 ? 7 ? 1 7 
# 
loop_
_chem_comp.id 
_chem_comp.type 
_chem_comp.mon_nstd_flag 
_chem_comp.name 
_chem_comp.pdbx_synonyms 
_chem_comp.formula 
_chem_comp.formula_weight 
3CO non-polymer   . 'COBALT (III) ION' ? 'Co 3'              58.933  
DA  'DNA linking' y "2'-DEOXYADENOSINE-5'-MONOPHOSPHATE" ? 'C10 H14 N5 O6 P'   331.222 
DC  'DNA linking' y "2'-DEOXYCYTIDINE-5'-MONOPHOSPHATE" ? 'C9 H14 N3 O7 P'    307.197 
DG  'DNA linking' y "2'-DEOXYGUANOSINE-5'-MONOPHOSPHATE" ? 'C10 H14 N5 O7 P'   347.221 
HOH non-polymer   . WATER ? 'H2 O'              18.015  
NCO non-polymer   . 'COBALT HEXAMMINE(III)' ? 'Co H18 N6 3'       161.116 
XTF 'DNA linking' n 
;[(1R,4R,5S,6R)-5-fluoro-6-hydroxy-4-(5-methyl-2,4-dioxo-3,4-dihydropyrimidin-1(2H)-yl)cyclohex-2-en-1-yl]methyl dihydrogen phosphate
;
? 'C12 H16 F N2 O7 P' 350.237 
# 
_exptl.entry_id          4F2X 
_exptl.method            'X-RAY DIFFRACTION' 
_exptl.crystals_number   1 
# 
_exptl_crystal.id                    1 
_exptl_crystal.density_meas          ? 
_exptl_crystal.density_Matthews      2.12 
_exptl_crystal.density_percent_sol   42.08 
_exptl_crystal.description           ? 
_exptl_crystal.F_000                 ? 
_exptl_crystal.preparation           ? 
# 
_exptl_crystal_grow.crystal_id      1 
_exptl_crystal_grow.method          'VAPOR DIFFUSION, HANGING DROP' 
_exptl_crystal_grow.temp            291 
_exptl_crystal_grow.temp_details    ? 
_exptl_crystal_grow.pH              5.5 
_exptl_crystal_grow.pdbx_details    
;40 mM sodium cacodylate, 20 mM cobalt hexamine, 20 mM magnesium chloride, 10% v/v MPD, pH 5.5, VAPOR DIFFUSION, HANGING DROP, temperature 291K
;
_exptl_crystal_grow.pdbx_pH_range   ? 
# 
_diffrn.id                     1 
_diffrn.ambient_temp           100 
_diffrn.ambient_temp_details   ? 
_diffrn.crystal_id             1 
# 
_diffrn_detector.diffrn_id              1 
_diffrn_detector.detector               CCD 
_diffrn_detector.type                   'MARMOSAIC 225 mm CCD' 
_diffrn_detector.pdbx_collection_date   2012-02-07 
_diffrn_detector.details                ? 
# 
_diffrn_radiation.diffrn_id                        1 
_diffrn_radiation.wavelength_id                    1 
_diffrn_radiation.pdbx_monochromatic_or_laue_m_l   M 
_diffrn_radiation.monochromator                    'diamond(111)' 
_diffrn_radiation.pdbx_diffrn_protocol             'SINGLE WAVELENGTH' 
_diffrn_radiation.pdbx_scattering_type             x-ray 
# 
_diffrn_radiation_wavelength.id           1 
_diffrn_radiation_wavelength.wavelength   0.9787 
_diffrn_radiation_wavelength.wt           1.0 
# 
_diffrn_source.diffrn_id                   1 
_diffrn_source.source                      SYNCHROTRON 
_diffrn_source.type                        'APS BEAMLINE 21-ID-F' 
_diffrn_source.pdbx_synchrotron_site       APS 
_diffrn_source.pdbx_synchrotron_beamline   21-ID-F 
_diffrn_source.pdbx_wavelength             ? 
_diffrn_source.pdbx_wavelength_list        0.9787 
# 
_reflns.entry_id                     4F2X 
_reflns.observed_criterion_sigma_I   5 
_reflns.observed_criterion_sigma_F   ? 
_reflns.d_resolution_low             40.08 
_reflns.d_resolution_high            1.57 
_reflns.number_obs                   10592 
_reflns.number_all                   10628 
_reflns.percent_possible_obs         99.6 
_reflns.pdbx_Rmerge_I_obs            0.063 
_reflns.pdbx_Rsym_value              ? 
_reflns.pdbx_netI_over_sigmaI        38.6 
_reflns.B_iso_Wilson_estimate        ? 
_reflns.pdbx_redundancy              7.7 
_reflns.R_free_details               ? 
_reflns.limit_h_max                  ? 
_reflns.limit_h_min                  ? 
_reflns.limit_k_max                  ? 
_reflns.limit_k_min                  ? 
_reflns.limit_l_max                  ? 
_reflns.limit_l_min                  ? 
_reflns.observed_criterion_F_max     ? 
_reflns.observed_criterion_F_min     ? 
_reflns.pdbx_chi_squared             ? 
_reflns.pdbx_scaling_rejects         ? 
_reflns.pdbx_ordinal                 1 
_reflns.pdbx_diffrn_id               1 
# 
_reflns_shell.d_res_high             1.57 
_reflns_shell.d_res_low              1.63 
_reflns_shell.percent_possible_all   99.3 
_reflns_shell.Rmerge_I_obs           0.59 
_reflns_shell.pdbx_Rsym_value        ? 
_reflns_shell.meanI_over_sigI_obs    3.63 
_reflns_shell.pdbx_redundancy        7.5 
_reflns_shell.percent_possible_obs   ? 
_reflns_shell.number_unique_all      ? 
_reflns_shell.number_measured_all    ? 
_reflns_shell.number_measured_obs    ? 
_reflns_shell.number_unique_obs      ? 
_reflns_shell.pdbx_chi_squared       ? 
_reflns_shell.pdbx_ordinal           1 
_reflns_shell.pdbx_diffrn_id         1 
# 
_refine.entry_id                                 4F2X 
_refine.ls_number_reflns_obs                     10085 
_refine.ls_number_reflns_all                     ? 
_refine.pdbx_ls_sigma_I                          ? 
_refine.pdbx_ls_sigma_F                          ? 
_refine.pdbx_data_cutoff_high_absF               ? 
_refine.pdbx_data_cutoff_low_absF                ? 
_refine.pdbx_data_cutoff_high_rms_absF           ? 
_refine.ls_d_res_low                             40.08 
_refine.ls_d_res_high                            1.57 
_refine.ls_percent_reflns_obs                    99.32 
_refine.ls_R_factor_obs                          ? 
_refine.ls_R_factor_all                          0.188 
_refine.ls_R_factor_R_work                       0.185 
_refine.ls_R_factor_R_free                       0.251 
_refine.ls_R_factor_R_free_error                 ? 
_refine.ls_R_factor_R_free_error_details         ? 
_refine.ls_percent_reflns_R_free                 4.8 
_refine.ls_number_reflns_R_free                  507 
_refine.ls_number_parameters                     ? 
_refine.ls_number_restraints                     ? 
_refine.occupancy_min                            ? 
_refine.occupancy_max                            ? 
_refine.correlation_coeff_Fo_to_Fc               0.960 
_refine.correlation_coeff_Fo_to_Fc_free          0.933 
_refine.B_iso_mean                               25.805 
_refine.aniso_B[1][1]                            1.96 
_refine.aniso_B[2][2]                            0.22 
_refine.aniso_B[3][3]                            -2.18 
_refine.aniso_B[1][2]                            0.00 
_refine.aniso_B[1][3]                            0.00 
_refine.aniso_B[2][3]                            0.00 
_refine.solvent_model_details                    MASK 
_refine.solvent_model_param_ksol                 ? 
_refine.solvent_model_param_bsol                 ? 
_refine.pdbx_solvent_vdw_probe_radii             1.20 
_refine.pdbx_solvent_ion_probe_radii             0.80 
_refine.pdbx_solvent_shrinkage_radii             0.80 
_refine.pdbx_ls_cross_valid_method               THROUGHOUT 
_refine.details                                  
;HYDROGENS HAVE BEEN USED IF PRESENT IN THE INPUT
 U VALUES      : RESIDUAL ONLY
;
_refine.pdbx_starting_model                      'PDB ENTRY 3FL6' 
_refine.pdbx_method_to_determine_struct          'MOLECULAR REPLACEMENT' 
_refine.pdbx_isotropic_thermal_model             ? 
_refine.pdbx_stereochemistry_target_values       'MAXIMUM LIKELIHOOD' 
_refine.pdbx_stereochem_target_val_spec_case     ? 
_refine.pdbx_R_Free_selection_details            RANDOM 
_refine.pdbx_overall_ESU_R                       0.098 
_refine.pdbx_overall_ESU_R_Free                  0.104 
_refine.overall_SU_ML                            0.071 
_refine.pdbx_overall_phase_error                 ? 
_refine.overall_SU_B                             3.219 
_refine.overall_SU_R_Cruickshank_DPI             ? 
_refine.ls_redundancy_reflns_obs                 ? 
_refine.B_iso_min                                ? 
_refine.B_iso_max                                ? 
_refine.overall_SU_R_free                        ? 
_refine.ls_wR_factor_R_free                      ? 
_refine.ls_wR_factor_R_work                      ? 
_refine.overall_FOM_free_R_set                   ? 
_refine.overall_FOM_work_R_set                   ? 
_refine.pdbx_diffrn_id                           1 
_refine.pdbx_refine_id                           'X-RAY DIFFRACTION' 
_refine.pdbx_TLS_residual_ADP_flag               ? 
_refine.pdbx_overall_SU_R_free_Cruickshank_DPI   ? 
_refine.pdbx_overall_SU_R_Blow_DPI               ? 
_refine.pdbx_overall_SU_R_free_Blow_DPI          ? 
# 
_refine_hist.pdbx_refine_id                   'X-RAY DIFFRACTION' 
_refine_hist.cycle_id                         LAST 
_refine_hist.pdbx_number_atoms_protein        0 
_refine_hist.pdbx_number_atoms_nucleic_acid   551 
_refine_hist.pdbx_number_atoms_ligand         20 
_refine_hist.number_atoms_solvent             77 
_refine_hist.number_atoms_total               648 
_refine_hist.d_res_high                       1.57 
_refine_hist.d_res_low                        40.08 
# 
loop_
_refine_ls_restr.type 
_refine_ls_restr.dev_ideal 
_refine_ls_restr.dev_ideal_target 
_refine_ls_restr.weight 
_refine_ls_restr.number 
_refine_ls_restr.pdbx_restraint_function 
_refine_ls_restr.pdbx_refine_id 
r_bond_refined_d     0.0082 0.012 ? 627 ? 'X-RAY DIFFRACTION' 
r_angle_refined_deg  1.823  1.505 ? 973 ? 'X-RAY DIFFRACTION' 
r_chiral_restr       0.115  0.200 ? 85  ? 'X-RAY DIFFRACTION' 
r_gen_planes_refined 0.027  0.020 ? 293 ? 'X-RAY DIFFRACTION' 
# 
_refine_ls_shell.pdbx_total_number_of_bins_used   20 
_refine_ls_shell.d_res_high                       1.57 
_refine_ls_shell.d_res_low                        1.612 
_refine_ls_shell.number_reflns_R_work             628 
_refine_ls_shell.R_factor_R_work                  0.246 
_refine_ls_shell.percent_reflns_obs               97.65 
_refine_ls_shell.R_factor_R_free                  0.298 
_refine_ls_shell.R_factor_R_free_error            ? 
_refine_ls_shell.percent_reflns_R_free            ? 
_refine_ls_shell.number_reflns_R_free             37 
_refine_ls_shell.number_reflns_all                ? 
_refine_ls_shell.R_factor_all                     ? 
_refine_ls_shell.number_reflns_obs                507 
_refine_ls_shell.redundancy_reflns_obs            ? 
_refine_ls_shell.pdbx_refine_id                   'X-RAY DIFFRACTION' 
# 
_struct.entry_id                  4F2X 
_struct.title                     
;Structure of 3'-Fluoro Cyclohexenyl Nucleic Acid Heptamer
;
_struct.pdbx_model_details        ? 
_struct.pdbx_CASP_flag            ? 
_struct.pdbx_model_type_details   ? 
# 
_struct_keywords.entry_id        4F2X 
_struct_keywords.pdbx_keywords   DNA 
_struct_keywords.text            'Fluoro Cyclohexenyl Nucleic Acid, F-CeNA, Modified DNA, B-form DNA, DNA' 
# 
loop_
_struct_asym.id 
_struct_asym.pdbx_blank_PDB_chainid_flag 
_struct_asym.pdbx_modified 
_struct_asym.entity_id 
_struct_asym.details 
A N N 1 ? 
B N N 2 ? 
C N N 1 ? 
D N N 2 ? 
E N N 3 ? 
F N N 3 ? 
G N N 4 ? 
H N N 4 ? 
I N N 4 ? 
J N N 4 ? 
K N N 4 ? 
L N N 4 ? 
M N N 5 ? 
N N N 5 ? 
O N N 5 ? 
P N N 5 ? 
# 
_struct_biol.id        1 
_struct_biol.details   ? 
# 
loop_
_struct_conn.id 
_struct_conn.conn_type_id 
_struct_conn.pdbx_leaving_atom_flag 
_struct_conn.pdbx_PDB_id 
_struct_conn.ptnr1_label_asym_id 
_struct_conn.ptnr1_label_comp_id 
_struct_conn.ptnr1_label_seq_id 
_struct_conn.ptnr1_label_atom_id 
_struct_conn.pdbx_ptnr1_label_alt_id 
_struct_conn.pdbx_ptnr1_PDB_ins_code 
_struct_conn.pdbx_ptnr1_standard_comp_id 
_struct_conn.ptnr1_symmetry 
_struct_conn.ptnr2_label_asym_id 
_struct_conn.ptnr2_label_comp_id 
_struct_conn.ptnr2_label_seq_id 
_struct_conn.ptnr2_label_atom_id 
_struct_conn.pdbx_ptnr2_label_alt_id 
_struct_conn.pdbx_ptnr2_PDB_ins_code 
_struct_conn.ptnr1_auth_asym_id 
_struct_conn.ptnr1_auth_comp_id 
_struct_conn.ptnr1_auth_seq_id 
_struct_conn.ptnr2_auth_asym_id 
_struct_conn.ptnr2_auth_comp_id 
_struct_conn.ptnr2_auth_seq_id 
_struct_conn.ptnr2_symmetry 
_struct_conn.pdbx_ptnr3_label_atom_id 
_struct_conn.pdbx_ptnr3_label_seq_id 
_struct_conn.pdbx_ptnr3_label_comp_id 
_struct_conn.pdbx_ptnr3_label_asym_id 
_struct_conn.pdbx_ptnr3_label_alt_id 
_struct_conn.pdbx_ptnr3_PDB_ins_code 
_struct_conn.details 
_struct_conn.pdbx_dist_value 
_struct_conn.pdbx_value_order 
_struct_conn.pdbx_role 
covale1  covale both ? A DG 3 "O3'" ? ? ? 1_555 A XTF 4 P  ? ? A DG 3 A XTF 4 1_555 ? ? ? ? ? ? ?            1.607 ? ? 
covale2  covale both ? C DG 3 "O3'" ? ? ? 1_555 C XTF 4 P  ? ? C DG 3 C XTF 4 1_555 ? ? ? ? ? ? ?            1.628 ? ? 
hydrog1  hydrog ?    ? A DG 1 N1    ? ? ? 1_555 B DC  7 N3 ? ? A DG 1 B DC  7 1_555 ? ? ? ? ? ? WATSON-CRICK ?     ? ? 
hydrog2  hydrog ?    ? A DG 1 N2    ? ? ? 1_555 B DC  7 O2 ? ? A DG 1 B DC  7 1_555 ? ? ? ? ? ? WATSON-CRICK ?     ? ? 
hydrog3  hydrog ?    ? A DG 1 O6    ? ? ? 1_555 B DC  7 N4 ? ? A DG 1 B DC  7 1_555 ? ? ? ? ? ? WATSON-CRICK ?     ? ? 
hydrog4  hydrog ?    ? A DC 2 N3    ? ? ? 1_555 B DG  6 N1 ? ? A DC 2 B DG  6 1_555 ? ? ? ? ? ? WATSON-CRICK ?     ? ? 
hydrog5  hydrog ?    ? A DC 2 N4    ? ? ? 1_555 B DG  6 O6 ? ? A DC 2 B DG  6 1_555 ? ? ? ? ? ? WATSON-CRICK ?     ? ? 
hydrog6  hydrog ?    ? A DC 2 O2    ? ? ? 1_555 B DG  6 N2 ? ? A DC 2 B DG  6 1_555 ? ? ? ? ? ? WATSON-CRICK ?     ? ? 
hydrog7  hydrog ?    ? A DG 3 N1    ? ? ? 1_555 B DC  5 N3 ? ? A DG 3 B DC  5 1_555 ? ? ? ? ? ? WATSON-CRICK ?     ? ? 
hydrog8  hydrog ?    ? A DG 3 N2    ? ? ? 1_555 B DC  5 O2 ? ? A DG 3 B DC  5 1_555 ? ? ? ? ? ? WATSON-CRICK ?     ? ? 
hydrog9  hydrog ?    ? A DG 3 O6    ? ? ? 1_555 B DC  5 N4 ? ? A DG 3 B DC  5 1_555 ? ? ? ? ? ? WATSON-CRICK ?     ? ? 
hydrog10 hydrog ?    ? A DG 5 N1    ? ? ? 1_555 B DC  3 N3 ? ? A DG 5 B DC  3 1_555 ? ? ? ? ? ? WATSON-CRICK ?     ? ? 
hydrog11 hydrog ?    ? A DG 5 N2    ? ? ? 1_555 B DC  3 O2 ? ? A DG 5 B DC  3 1_555 ? ? ? ? ? ? WATSON-CRICK ?     ? ? 
hydrog12 hydrog ?    ? A DG 5 O6    ? ? ? 1_555 B DC  3 N4 ? ? A DG 5 B DC  3 1_555 ? ? ? ? ? ? WATSON-CRICK ?     ? ? 
hydrog13 hydrog ?    ? A DC 6 N3    ? ? ? 1_555 B DG  2 N1 ? ? A DC 6 B DG  2 1_555 ? ? ? ? ? ? WATSON-CRICK ?     ? ? 
hydrog14 hydrog ?    ? A DC 6 N4    ? ? ? 1_555 B DG  2 O6 ? ? A DC 6 B DG  2 1_555 ? ? ? ? ? ? WATSON-CRICK ?     ? ? 
hydrog15 hydrog ?    ? A DC 6 O2    ? ? ? 1_555 B DG  2 N2 ? ? A DC 6 B DG  2 1_555 ? ? ? ? ? ? WATSON-CRICK ?     ? ? 
hydrog16 hydrog ?    ? C DG 1 N1    ? ? ? 1_555 D DC  7 N3 ? ? C DG 1 D DC  7 1_555 ? ? ? ? ? ? WATSON-CRICK ?     ? ? 
hydrog17 hydrog ?    ? C DG 1 N2    ? ? ? 1_555 D DC  7 O2 ? ? C DG 1 D DC  7 1_555 ? ? ? ? ? ? WATSON-CRICK ?     ? ? 
hydrog18 hydrog ?    ? C DG 1 O6    ? ? ? 1_555 D DC  7 N4 ? ? C DG 1 D DC  7 1_555 ? ? ? ? ? ? WATSON-CRICK ?     ? ? 
hydrog19 hydrog ?    ? C DC 2 N3    ? ? ? 1_555 D DG  6 N1 ? ? C DC 2 D DG  6 1_555 ? ? ? ? ? ? WATSON-CRICK ?     ? ? 
hydrog20 hydrog ?    ? C DC 2 N4    ? ? ? 1_555 D DG  6 O6 ? ? C DC 2 D DG  6 1_555 ? ? ? ? ? ? WATSON-CRICK ?     ? ? 
hydrog21 hydrog ?    ? C DC 2 O2    ? ? ? 1_555 D DG  6 N2 ? ? C DC 2 D DG  6 1_555 ? ? ? ? ? ? WATSON-CRICK ?     ? ? 
hydrog22 hydrog ?    ? C DG 3 N1    ? ? ? 1_555 D DC  5 N3 ? ? C DG 3 D DC  5 1_555 ? ? ? ? ? ? WATSON-CRICK ?     ? ? 
hydrog23 hydrog ?    ? C DG 3 N2    ? ? ? 1_555 D DC  5 O2 ? ? C DG 3 D DC  5 1_555 ? ? ? ? ? ? WATSON-CRICK ?     ? ? 
hydrog24 hydrog ?    ? C DG 3 O6    ? ? ? 1_555 D DC  5 N4 ? ? C DG 3 D DC  5 1_555 ? ? ? ? ? ? WATSON-CRICK ?     ? ? 
hydrog25 hydrog ?    ? C DG 5 N1    ? ? ? 1_555 D DC  3 N3 ? ? C DG 5 D DC  3 1_555 ? ? ? ? ? ? WATSON-CRICK ?     ? ? 
hydrog26 hydrog ?    ? C DG 5 N2    ? ? ? 1_555 D DC  3 O2 ? ? C DG 5 D DC  3 1_555 ? ? ? ? ? ? WATSON-CRICK ?     ? ? 
hydrog27 hydrog ?    ? C DG 5 O6    ? ? ? 1_555 D DC  3 N4 ? ? C DG 5 D DC  3 1_555 ? ? ? ? ? ? WATSON-CRICK ?     ? ? 
hydrog28 hydrog ?    ? C DC 6 N3    ? ? ? 1_555 D DG  2 N1 ? ? C DC 6 D DG  2 1_555 ? ? ? ? ? ? WATSON-CRICK ?     ? ? 
hydrog29 hydrog ?    ? C DC 6 N4    ? ? ? 1_555 D DG  2 O6 ? ? C DC 6 D DG  2 1_555 ? ? ? ? ? ? WATSON-CRICK ?     ? ? 
hydrog30 hydrog ?    ? C DC 6 O2    ? ? ? 1_555 D DG  2 N2 ? ? C DC 6 D DG  2 1_555 ? ? ? ? ? ? WATSON-CRICK ?     ? ? 
# 
loop_
_struct_conn_type.id 
_struct_conn_type.criteria 
_struct_conn_type.reference 
covale ? ? 
hydrog ? ? 
# 
loop_
_struct_site.id 
_struct_site.pdbx_evidence_code 
_struct_site.pdbx_auth_asym_id 
_struct_site.pdbx_auth_comp_id 
_struct_site.pdbx_auth_seq_id 
_struct_site.pdbx_auth_ins_code 
_struct_site.pdbx_num_residues 
_struct_site.details 
AC1 Software A NCO 101 ? 8 'BINDING SITE FOR RESIDUE NCO A 101' 
AC2 Software B NCO 101 ? 8 'BINDING SITE FOR RESIDUE NCO B 101' 
AC3 Software B 3CO 102 ? 1 'BINDING SITE FOR RESIDUE 3CO B 102' 
AC4 Software B 3CO 103 ? 1 'BINDING SITE FOR RESIDUE 3CO B 103' 
AC5 Software B 3CO 104 ? 2 'BINDING SITE FOR RESIDUE 3CO B 104' 
AC6 Software B 3CO 105 ? 1 'BINDING SITE FOR RESIDUE 3CO B 105' 
AC7 Software C 3CO 101 ? 2 'BINDING SITE FOR RESIDUE 3CO C 101' 
AC8 Software C 3CO 102 ? 3 'BINDING SITE FOR RESIDUE 3CO C 102' 
# 
loop_
_struct_site_gen.id 
_struct_site_gen.site_id 
_struct_site_gen.pdbx_num_res 
_struct_site_gen.label_comp_id 
_struct_site_gen.label_asym_id 
_struct_site_gen.label_seq_id 
_struct_site_gen.pdbx_auth_ins_code 
_struct_site_gen.auth_comp_id 
_struct_site_gen.auth_asym_id 
_struct_site_gen.auth_seq_id 
_struct_site_gen.label_atom_id 
_struct_site_gen.label_alt_id 
_struct_site_gen.symmetry 
_struct_site_gen.details 
1  AC1 8 DG  A 1 ? DG  A 1   . ? 1_555 ? 
2  AC1 8 DC  A 2 ? DC  A 2   . ? 1_555 ? 
3  AC1 8 DG  B 6 ? DG  B 6   . ? 1_555 ? 
4  AC1 8 DC  B 7 ? DC  B 7   . ? 1_555 ? 
5  AC1 8 HOH N . ? HOH B 205 . ? 1_555 ? 
6  AC1 8 DG  D 2 ? DG  D 2   . ? 1_555 ? 
7  AC1 8 DG  D 2 ? DG  D 2   . ? 4_445 ? 
8  AC1 8 DC  D 3 ? DC  D 3   . ? 1_555 ? 
9  AC2 8 DC  B 1 ? DC  B 1   . ? 3_554 ? 
10 AC2 8 DC  B 3 ? DC  B 3   . ? 1_555 ? 
11 AC2 8 DA  B 4 ? DA  B 4   . ? 1_555 ? 
12 AC2 8 HOH N . ? HOH B 201 . ? 1_555 ? 
13 AC2 8 HOH N . ? HOH B 220 . ? 1_555 ? 
14 AC2 8 DG  C 1 ? DG  C 1   . ? 1_555 ? 
15 AC2 8 DG  D 6 ? DG  D 6   . ? 1_555 ? 
16 AC2 8 DC  D 7 ? DC  D 7   . ? 1_555 ? 
17 AC3 1 3CO H . ? 3CO B 103 . ? 1_555 ? 
18 AC4 1 3CO G . ? 3CO B 102 . ? 1_555 ? 
19 AC5 2 DG  A 7 ? DG  A 7   . ? 1_655 ? 
20 AC5 2 3CO J . ? 3CO B 105 . ? 1_555 ? 
21 AC6 1 3CO I . ? 3CO B 104 . ? 1_555 ? 
22 AC7 2 3CO L . ? 3CO C 102 . ? 1_555 ? 
23 AC7 2 HOH O . ? HOH C 201 . ? 4_555 ? 
24 AC8 3 DG  C 7 ? DG  C 7   . ? 4_555 ? 
25 AC8 3 3CO K . ? 3CO C 101 . ? 1_555 ? 
26 AC8 3 HOH O . ? HOH C 201 . ? 4_555 ? 
# 
_atom_sites.entry_id                    4F2X 
_atom_sites.fract_transf_matrix[1][1]   0.01312593 
_atom_sites.fract_transf_matrix[1][2]   -0.01851474 
_atom_sites.fract_transf_matrix[1][3]   -0.02979331 
_atom_sites.fract_transf_matrix[2][1]   -0.01446230 
_atom_sites.fract_transf_matrix[2][2]   -0.02423748 
_atom_sites.fract_transf_matrix[2][3]   0.00869053 
_atom_sites.fract_transf_matrix[3][1]   -0.00995854 
_atom_sites.fract_transf_matrix[3][2]   0.00357292 
_atom_sites.fract_transf_matrix[3][3]   -0.00660775 
_atom_sites.fract_transf_vector[1]      -0.056781 
_atom_sites.fract_transf_vector[2]      -0.229361 
_atom_sites.fract_transf_vector[3]      -0.127040 
# 
loop_
_atom_type.symbol 
C  
CO 
F  
N  
O  
P  
# 
loop_
_atom_site.group_PDB 
_atom_site.id 
_atom_site.type_symbol 
_atom_site.label_atom_id 
_atom_site.label_alt_id 
_atom_site.label_comp_id 
_atom_site.label_asym_id 
_atom_site.label_entity_id 
_atom_site.label_seq_id 
_atom_site.pdbx_PDB_ins_code 
_atom_site.Cartn_x 
_atom_site.Cartn_y 
_atom_site.Cartn_z 
_atom_site.occupancy 
_atom_site.B_iso_or_equiv 
_atom_site.pdbx_formal_charge 
_atom_site.auth_seq_id 
_atom_site.auth_comp_id 
_atom_site.auth_asym_id 
_atom_site.auth_atom_id 
_atom_site.pdbx_PDB_model_num 
ATOM   1   O  "O5'" . DG  A 1 1 ? -4.157  11.899  -8.982  1.00 40.85 ? 1   DG  A "O5'" 1 
ATOM   2   C  "C5'" . DG  A 1 1 ? -4.296  13.319  -9.214  1.00 39.15 ? 1   DG  A "C5'" 1 
ATOM   3   C  "C4'" . DG  A 1 1 ? -3.472  14.114  -8.223  1.00 35.93 ? 1   DG  A "C4'" 1 
ATOM   4   O  "O4'" . DG  A 1 1 ? -3.934  13.926  -6.859  1.00 31.01 ? 1   DG  A "O4'" 1 
ATOM   5   C  "C3'" . DG  A 1 1 ? -1.968  13.818  -8.212  1.00 34.56 ? 1   DG  A "C3'" 1 
ATOM   6   O  "O3'" . DG  A 1 1 ? -1.318  15.093  -8.394  1.00 34.86 ? 1   DG  A "O3'" 1 
ATOM   7   C  "C2'" . DG  A 1 1 ? -1.744  13.077  -6.895  1.00 32.13 ? 1   DG  A "C2'" 1 
ATOM   8   C  "C1'" . DG  A 1 1 ? -2.887  13.541  -5.988  1.00 28.24 ? 1   DG  A "C1'" 1 
ATOM   9   N  N9    . DG  A 1 1 ? -3.447  12.547  -5.056  1.00 22.35 ? 1   DG  A N9    1 
ATOM   10  C  C8    . DG  A 1 1 ? -3.935  11.305  -5.381  1.00 23.55 ? 1   DG  A C8    1 
ATOM   11  N  N7    . DG  A 1 1 ? -4.408  10.654  -4.353  1.00 20.64 ? 1   DG  A N7    1 
ATOM   12  C  C5    . DG  A 1 1 ? -4.303  11.548  -3.297  1.00 19.76 ? 1   DG  A C5    1 
ATOM   13  C  C6    . DG  A 1 1 ? -4.741  11.435  -1.953  1.00 18.49 ? 1   DG  A C6    1 
ATOM   14  O  O6    . DG  A 1 1 ? -5.283  10.480  -1.398  1.00 18.40 ? 1   DG  A O6    1 
ATOM   15  N  N1    . DG  A 1 1 ? -4.472  12.586  -1.227  1.00 19.55 ? 1   DG  A N1    1 
ATOM   16  C  C2    . DG  A 1 1 ? -3.846  13.700  -1.727  1.00 19.79 ? 1   DG  A C2    1 
ATOM   17  N  N2    . DG  A 1 1 ? -3.661  14.705  -0.859  1.00 20.05 ? 1   DG  A N2    1 
ATOM   18  N  N3    . DG  A 1 1 ? -3.428  13.819  -2.978  1.00 21.14 ? 1   DG  A N3    1 
ATOM   19  C  C4    . DG  A 1 1 ? -3.740  12.735  -3.718  1.00 21.05 ? 1   DG  A C4    1 
ATOM   20  P  P     . DC  A 1 2 ? 0.271   15.139  -8.486  1.00 37.39 ? 2   DC  A P     1 
ATOM   21  O  OP1   . DC  A 1 2 ? 0.552   16.455  -9.149  1.00 36.31 ? 2   DC  A OP1   1 
ATOM   22  O  OP2   . DC  A 1 2 ? 0.859   13.878  -9.041  1.00 38.51 ? 2   DC  A OP2   1 
ATOM   23  O  "O5'" . DC  A 1 2 ? 0.628   15.277  -6.945  1.00 33.47 ? 2   DC  A "O5'" 1 
ATOM   24  C  "C5'" . DC  A 1 2 ? 0.006   16.298  -6.173  1.00 29.61 ? 2   DC  A "C5'" 1 
ATOM   25  C  "C4'" . DC  A 1 2 ? 0.292   15.990  -4.728  1.00 27.67 ? 2   DC  A "C4'" 1 
ATOM   26  O  "O4'" . DC  A 1 2 ? -0.331  14.741  -4.405  1.00 24.17 ? 2   DC  A "O4'" 1 
ATOM   27  C  "C3'" . DC  A 1 2 ? 1.769   15.778  -4.427  1.00 28.74 ? 2   DC  A "C3'" 1 
ATOM   28  O  "O3'" . DC  A 1 2 ? 2.251   17.037  -3.969  1.00 31.66 ? 2   DC  A "O3'" 1 
ATOM   29  C  "C2'" . DC  A 1 2 ? 1.785   14.590  -3.456  1.00 26.26 ? 2   DC  A "C2'" 1 
ATOM   30  C  "C1'" . DC  A 1 2 ? 0.319   14.250  -3.244  1.00 24.21 ? 2   DC  A "C1'" 1 
ATOM   31  N  N1    . DC  A 1 2 ? -0.059  12.832  -3.082  1.00 21.68 ? 2   DC  A N1    1 
ATOM   32  C  C2    . DC  A 1 2 ? -0.619  12.429  -1.865  1.00 19.66 ? 2   DC  A C2    1 
ATOM   33  O  O2    . DC  A 1 2 ? -0.594  13.214  -0.905  1.00 19.50 ? 2   DC  A O2    1 
ATOM   34  N  N3    . DC  A 1 2 ? -1.078  11.156  -1.734  1.00 19.96 ? 2   DC  A N3    1 
ATOM   35  C  C4    . DC  A 1 2 ? -1.028  10.323  -2.773  1.00 19.87 ? 2   DC  A C4    1 
ATOM   36  N  N4    . DC  A 1 2 ? -1.505  9.083   -2.599  1.00 19.05 ? 2   DC  A N4    1 
ATOM   37  C  C5    . DC  A 1 2 ? -0.512  10.725  -4.040  1.00 22.82 ? 2   DC  A C5    1 
ATOM   38  C  C6    . DC  A 1 2 ? -0.056  11.980  -4.153  1.00 22.29 ? 2   DC  A C6    1 
ATOM   39  P  P     . DG  A 1 3 ? 3.809   17.295  -3.707  1.00 32.95 ? 3   DG  A P     1 
ATOM   40  O  OP1   . DG  A 1 3 ? 4.132   18.729  -3.786  1.00 37.22 ? 3   DG  A OP1   1 
ATOM   41  O  OP2   . DG  A 1 3 ? 4.627   16.299  -4.449  1.00 33.65 ? 3   DG  A OP2   1 
ATOM   42  O  "O5'" . DG  A 1 3 ? 3.938   16.803  -2.198  1.00 30.50 ? 3   DG  A "O5'" 1 
ATOM   43  C  "C5'" . DG  A 1 3 ? 3.236   17.495  -1.152  1.00 27.79 ? 3   DG  A "C5'" 1 
ATOM   44  C  "C4'" . DG  A 1 3 ? 3.372   16.736  0.145   1.00 25.79 ? 3   DG  A "C4'" 1 
ATOM   45  O  "O4'" . DG  A 1 3 ? 2.699   15.453  0.025   1.00 22.85 ? 3   DG  A "O4'" 1 
ATOM   46  C  "C3'" . DG  A 1 3 ? 4.819   16.399  0.505   1.00 26.11 ? 3   DG  A "C3'" 1 
ATOM   47  O  "O3'" . DG  A 1 3 ? 5.003   16.366  1.916   1.00 29.80 ? 3   DG  A "O3'" 1 
ATOM   48  C  "C2'" . DG  A 1 3 ? 4.980   14.981  -0.002  1.00 23.79 ? 3   DG  A "C2'" 1 
ATOM   49  C  "C1'" . DG  A 1 3 ? 3.621   14.449  0.378   1.00 22.92 ? 3   DG  A "C1'" 1 
ATOM   50  N  N9    . DG  A 1 3 ? 3.235   13.204  -0.274  1.00 20.24 ? 3   DG  A N9    1 
ATOM   51  C  C8    . DG  A 1 3 ? 3.591   12.714  -1.509  1.00 20.27 ? 3   DG  A C8    1 
ATOM   52  N  N7    . DG  A 1 3 ? 3.087   11.532  -1.755  1.00 21.50 ? 3   DG  A N7    1 
ATOM   53  C  C5    . DG  A 1 3 ? 2.382   11.211  -0.601  1.00 18.69 ? 3   DG  A C5    1 
ATOM   54  C  C6    . DG  A 1 3 ? 1.643   10.052  -0.275  1.00 18.25 ? 3   DG  A C6    1 
ATOM   55  O  O6    . DG  A 1 3 ? 1.454   9.056   -0.972  1.00 18.35 ? 3   DG  A O6    1 
ATOM   56  N  N1    . DG  A 1 3 ? 1.073   10.148  0.998   1.00 18.22 ? 3   DG  A N1    1 
ATOM   57  C  C2    . DG  A 1 3 ? 1.233   11.212  1.855   1.00 19.25 ? 3   DG  A C2    1 
ATOM   58  N  N2    . DG  A 1 3 ? 0.611   11.145  3.048   1.00 18.01 ? 3   DG  A N2    1 
ATOM   59  N  N3    . DG  A 1 3 ? 1.903   12.311  1.544   1.00 19.97 ? 3   DG  A N3    1 
ATOM   60  C  C4    . DG  A 1 3 ? 2.463   12.231  0.322   1.00 20.02 ? 3   DG  A C4    1 
HETATM 61  F  F     . XTF A 1 4 ? 6.579   12.496  5.838   1.00 30.37 ? 4   XTF A F     1 
HETATM 62  C  "C2'" . XTF A 1 4 ? 5.913   13.475  5.172   1.00 28.87 ? 4   XTF A "C2'" 1 
HETATM 63  C  "C1'" . XTF A 1 4 ? 4.653   12.742  4.745   1.00 25.38 ? 4   XTF A "C1'" 1 
HETATM 64  N  N1    . XTF A 1 4 ? 4.849   11.800  3.634   1.00 23.61 ? 4   XTF A N1    1 
HETATM 65  C  C6    . XTF A 1 4 ? 5.551   12.145  2.557   1.00 22.15 ? 4   XTF A C6    1 
HETATM 66  C  C5    . XTF A 1 4 ? 5.693   11.302  1.481   1.00 22.54 ? 4   XTF A C5    1 
HETATM 67  C  C5M   . XTF A 1 4 ? 6.479   11.664  0.252   1.00 24.79 ? 4   XTF A C5M   1 
HETATM 68  C  C2    . XTF A 1 4 ? 4.222   10.578  3.668   1.00 21.02 ? 4   XTF A C2    1 
HETATM 69  O  O2    . XTF A 1 4 ? 3.575   10.180  4.653   1.00 22.61 ? 4   XTF A O2    1 
HETATM 70  N  N3    . XTF A 1 4 ? 4.345   9.748   2.620   1.00 20.62 ? 4   XTF A N3    1 
HETATM 71  C  C4    . XTF A 1 4 ? 5.049   10.058  1.544   1.00 20.53 ? 4   XTF A C4    1 
HETATM 72  O  O4    . XTF A 1 4 ? 5.149   9.301   0.573   1.00 20.29 ? 4   XTF A O4    1 
HETATM 73  C  "C7'" . XTF A 1 4 ? 3.635   13.782  4.303   1.00 26.88 ? 4   XTF A "C7'" 1 
HETATM 74  C  "C6'" . XTF A 1 4 ? 3.664   15.072  4.630   1.00 29.27 ? 4   XTF A "C6'" 1 
HETATM 75  C  "C3'" . XTF A 1 4 ? 5.549   14.575  6.160   1.00 32.12 ? 4   XTF A "C3'" 1 
HETATM 76  O  "O3'" . XTF A 1 4 ? 4.766   13.990  7.207   1.00 37.33 ? 4   XTF A "O3'" 1 
HETATM 77  C  "C4'" . XTF A 1 4 ? 4.685   15.687  5.561   1.00 32.08 ? 4   XTF A "C4'" 1 
HETATM 78  C  "C5'" . XTF A 1 4 ? 5.441   16.792  4.831   1.00 33.19 ? 4   XTF A "C5'" 1 
HETATM 79  O  "O5'" . XTF A 1 4 ? 6.366   16.121  3.979   1.00 32.76 ? 4   XTF A "O5'" 1 
HETATM 80  P  P     . XTF A 1 4 ? 6.492   16.590  2.480   1.00 35.06 ? 4   XTF A P     1 
HETATM 81  O  OP1   . XTF A 1 4 ? 7.487   15.683  1.771   1.00 32.88 ? 4   XTF A OP1   1 
HETATM 82  O  OP2   . XTF A 1 4 ? 6.645   18.066  2.406   1.00 36.75 ? 4   XTF A OP2   1 
ATOM   83  P  P     . DG  A 1 5 ? 5.456   13.634  8.608   1.00 44.85 ? 5   DG  A P     1 
ATOM   84  O  OP1   . DG  A 1 5 ? 4.576   14.294  9.607   1.00 43.23 ? 5   DG  A OP1   1 
ATOM   85  O  OP2   . DG  A 1 5 ? 6.913   13.897  8.529   1.00 42.86 ? 5   DG  A OP2   1 
ATOM   86  O  "O5'" . DG  A 1 5 ? 5.362   12.056  8.722   1.00 41.02 ? 5   DG  A "O5'" 1 
ATOM   87  C  "C5'" . DG  A 1 5 ? 4.111   11.474  9.092   1.00 36.43 ? 5   DG  A "C5'" 1 
ATOM   88  C  "C4'" . DG  A 1 5 ? 4.342   10.018  9.399   1.00 31.11 ? 5   DG  A "C4'" 1 
ATOM   89  O  "O4'" . DG  A 1 5 ? 4.458   9.282   8.177   1.00 29.05 ? 5   DG  A "O4'" 1 
ATOM   90  C  "C3'" . DG  A 1 5 ? 5.610   9.753   10.196  1.00 30.37 ? 5   DG  A "C3'" 1 
ATOM   91  O  "O3'" . DG  A 1 5 ? 5.121   8.894   11.216  1.00 31.28 ? 5   DG  A "O3'" 1 
ATOM   92  C  "C2'" . DG  A 1 5 ? 6.547   9.070   9.210   1.00 27.93 ? 5   DG  A "C2'" 1 
ATOM   93  C  "C1'" . DG  A 1 5 ? 5.625   8.499   8.152   1.00 26.75 ? 5   DG  A "C1'" 1 
ATOM   94  N  N9    . DG  A 1 5 ? 6.133   8.554   6.783   1.00 24.02 ? 5   DG  A N9    1 
ATOM   95  C  C8    . DG  A 1 5 ? 6.807   9.579   6.163   1.00 23.37 ? 5   DG  A C8    1 
ATOM   96  N  N7    . DG  A 1 5 ? 7.064   9.333   4.906   1.00 21.60 ? 5   DG  A N7    1 
ATOM   97  C  C5    . DG  A 1 5 ? 6.575   8.048   4.700   1.00 20.76 ? 5   DG  A C5    1 
ATOM   98  C  C6    . DG  A 1 5 ? 6.604   7.224   3.539   1.00 20.60 ? 5   DG  A C6    1 
ATOM   99  O  O6    . DG  A 1 5 ? 7.067   7.481   2.418   1.00 20.97 ? 5   DG  A O6    1 
ATOM   100 N  N1    . DG  A 1 5 ? 5.961   6.007   3.758   1.00 20.34 ? 5   DG  A N1    1 
ATOM   101 C  C2    . DG  A 1 5 ? 5.381   5.625   4.940   1.00 20.94 ? 5   DG  A C2    1 
ATOM   102 N  N2    . DG  A 1 5 ? 4.829   4.401   4.954   1.00 22.20 ? 5   DG  A N2    1 
ATOM   103 N  N3    . DG  A 1 5 ? 5.362   6.373   6.034   1.00 21.99 ? 5   DG  A N3    1 
ATOM   104 C  C4    . DG  A 1 5 ? 5.988   7.558   5.845   1.00 21.27 ? 5   DG  A C4    1 
ATOM   105 P  P     . DC  A 1 6 ? 6.078   8.421   12.337  1.00 32.60 ? 6   DC  A P     1 
ATOM   106 O  OP1   . DC  A 1 6 ? 5.166   8.234   13.508  1.00 34.19 ? 6   DC  A OP1   1 
ATOM   107 O  OP2   . DC  A 1 6 ? 7.227   9.347   12.492  1.00 30.78 ? 6   DC  A OP2   1 
ATOM   108 O  "O5'" . DC  A 1 6 ? 6.530   6.978   11.868  1.00 31.18 ? 6   DC  A "O5'" 1 
ATOM   109 C  "C5'" . DC  A 1 6 ? 5.582   5.951   11.569  1.00 29.87 ? 6   DC  A "C5'" 1 
ATOM   110 C  "C4'" . DC  A 1 6 ? 6.271   4.824   10.842  1.00 29.67 ? 6   DC  A "C4'" 1 
ATOM   111 O  "O4'" . DC  A 1 6 ? 6.608   5.260   9.517   1.00 26.60 ? 6   DC  A "O4'" 1 
ATOM   112 C  "C3'" . DC  A 1 6 ? 7.586   4.349   11.468  1.00 28.56 ? 6   DC  A "C3'" 1 
ATOM   113 O  "O3'" . DC  A 1 6 ? 7.543   2.935   11.459  1.00 28.88 ? 6   DC  A "O3'" 1 
ATOM   114 C  "C2'" . DC  A 1 6 ? 8.639   4.680   10.418  1.00 27.46 ? 6   DC  A "C2'" 1 
ATOM   115 C  "C1'" . DC  A 1 6 ? 7.804   4.608   9.168   1.00 26.50 ? 6   DC  A "C1'" 1 
ATOM   116 N  N1    . DC  A 1 6 ? 8.376   5.300   8.010   1.00 23.75 ? 6   DC  A N1    1 
ATOM   117 C  C2    . DC  A 1 6 ? 8.335   4.673   6.761   1.00 23.61 ? 6   DC  A C2    1 
ATOM   118 O  O2    . DC  A 1 6 ? 7.826   3.545   6.672   1.00 23.78 ? 6   DC  A O2    1 
ATOM   119 N  N3    . DC  A 1 6 ? 8.865   5.306   5.687   1.00 21.12 ? 6   DC  A N3    1 
ATOM   120 C  C4    . DC  A 1 6 ? 9.401   6.521   5.824   1.00 22.21 ? 6   DC  A C4    1 
ATOM   121 N  N4    . DC  A 1 6 ? 9.941   7.094   4.750   1.00 22.88 ? 6   DC  A N4    1 
ATOM   122 C  C5    . DC  A 1 6 ? 9.448   7.184   7.084   1.00 23.44 ? 6   DC  A C5    1 
ATOM   123 C  C6    . DC  A 1 6 ? 8.922   6.546   8.140   1.00 24.15 ? 6   DC  A C6    1 
ATOM   124 P  P     . DG  A 1 7 ? 8.091   2.050   12.639  1.00 32.01 ? 7   DG  A P     1 
ATOM   125 O  OP1   . DG  A 1 7 ? 7.829   0.626   12.400  1.00 31.59 ? 7   DG  A OP1   1 
ATOM   126 O  OP2   . DG  A 1 7 ? 7.769   2.702   13.938  1.00 31.85 ? 7   DG  A OP2   1 
ATOM   127 O  "O5'" . DG  A 1 7 ? 9.686   2.070   12.504  1.00 28.99 ? 7   DG  A "O5'" 1 
ATOM   128 C  "C5'" . DG  A 1 7 ? 10.356  1.581   11.304  1.00 29.48 ? 7   DG  A "C5'" 1 
ATOM   129 C  "C4'" . DG  A 1 7 ? 11.838  1.881   11.383  1.00 28.24 ? 7   DG  A "C4'" 1 
ATOM   130 O  "O4'" . DG  A 1 7 ? 12.024  3.309   11.337  1.00 28.09 ? 7   DG  A "O4'" 1 
ATOM   131 C  "C3'" . DG  A 1 7 ? 12.492  1.420   12.684  1.00 30.06 ? 7   DG  A "C3'" 1 
ATOM   132 O  "O3'" . DG  A 1 7 ? 13.081  0.126   12.529  1.00 30.37 ? 7   DG  A "O3'" 1 
ATOM   133 C  "C2'" . DG  A 1 7 ? 13.449  2.546   13.033  1.00 29.78 ? 7   DG  A "C2'" 1 
ATOM   134 C  "C1'" . DG  A 1 7 ? 12.727  3.770   12.486  1.00 28.98 ? 7   DG  A "C1'" 1 
ATOM   135 N  N9    . DG  A 1 7 ? 11.746  4.405   13.368  1.00 29.97 ? 7   DG  A N9    1 
ATOM   136 C  C8    . DG  A 1 7 ? 11.259  3.925   14.562  1.00 32.42 ? 7   DG  A C8    1 
ATOM   137 N  N7    . DG  A 1 7 ? 10.326  4.680   15.075  1.00 33.95 ? 7   DG  A N7    1 
ATOM   138 C  C5    . DG  A 1 7 ? 10.168  5.708   14.153  1.00 31.18 ? 7   DG  A C5    1 
ATOM   139 C  C6    . DG  A 1 7 ? 9.315   6.848   14.176  1.00 32.25 ? 7   DG  A C6    1 
ATOM   140 O  O6    . DG  A 1 7 ? 8.467   7.161   15.021  1.00 33.88 ? 7   DG  A O6    1 
ATOM   141 N  N1    . DG  A 1 7 ? 9.469   7.627   13.033  1.00 29.11 ? 7   DG  A N1    1 
ATOM   142 C  C2    . DG  A 1 7 ? 10.374  7.378   12.030  1.00 29.76 ? 7   DG  A C2    1 
ATOM   143 N  N2    . DG  A 1 7 ? 10.401  8.264   11.026  1.00 29.29 ? 7   DG  A N2    1 
ATOM   144 N  N3    . DG  A 1 7 ? 11.184  6.332   12.008  1.00 28.52 ? 7   DG  A N3    1 
ATOM   145 C  C4    . DG  A 1 7 ? 11.022  5.541   13.083  1.00 30.15 ? 7   DG  A C4    1 
ATOM   146 O  "O5'" . DC  B 2 1 ? 16.278  -2.481  -0.407  1.00 25.93 ? 1   DC  B "O5'" 1 
ATOM   147 C  "C5'" . DC  B 2 1 ? 15.018  -2.236  0.237   1.00 25.12 ? 1   DC  B "C5'" 1 
ATOM   148 C  "C4'" . DC  B 2 1 ? 14.553  -0.816  -0.003  1.00 24.24 ? 1   DC  B "C4'" 1 
ATOM   149 O  "O4'" . DC  B 2 1 ? 15.423  0.097   0.730   1.00 24.10 ? 1   DC  B "O4'" 1 
ATOM   150 C  "C3'" . DC  B 2 1 ? 14.623  -0.417  -1.480  1.00 24.47 ? 1   DC  B "C3'" 1 
ATOM   151 O  "O3'" . DC  B 2 1 ? 13.408  0.244   -1.819  1.00 26.61 ? 1   DC  B "O3'" 1 
ATOM   152 C  "C2'" . DC  B 2 1 ? 15.818  0.528   -1.514  1.00 23.85 ? 1   DC  B "C2'" 1 
ATOM   153 C  "C1'" . DC  B 2 1 ? 15.787  1.152   -0.130  1.00 22.70 ? 1   DC  B "C1'" 1 
ATOM   154 N  N1    . DC  B 2 1 ? 17.098  1.655   0.324   1.00 21.84 ? 1   DC  B N1    1 
ATOM   155 C  C2    . DC  B 2 1 ? 17.193  2.964   0.812   1.00 23.13 ? 1   DC  B C2    1 
ATOM   156 O  O2    . DC  B 2 1 ? 16.171  3.679   0.826   1.00 23.03 ? 1   DC  B O2    1 
ATOM   157 N  N3    . DC  B 2 1 ? 18.403  3.435   1.200   1.00 22.16 ? 1   DC  B N3    1 
ATOM   158 C  C4    . DC  B 2 1 ? 19.475  2.635   1.162   1.00 22.29 ? 1   DC  B C4    1 
ATOM   159 N  N4    . DC  B 2 1 ? 20.643  3.123   1.589   1.00 21.48 ? 1   DC  B N4    1 
ATOM   160 C  C5    . DC  B 2 1 ? 19.397  1.291   0.697   1.00 22.63 ? 1   DC  B C5    1 
ATOM   161 C  C6    . DC  B 2 1 ? 18.210  0.861   0.245   1.00 22.63 ? 1   DC  B C6    1 
ATOM   162 P  P     . DG  B 2 2 ? 12.634  0.122   -3.195  1.00 28.26 ? 2   DG  B P     1 
ATOM   163 O  OP1   . DG  B 2 2 ? 13.165  -0.995  -3.931  1.00 27.98 ? 2   DG  B OP1   1 
ATOM   164 O  OP2   . DG  B 2 2 ? 12.600  1.480   -3.750  1.00 28.28 ? 2   DG  B OP2   1 
ATOM   165 O  "O5'" . DG  B 2 2 ? 11.203  -0.254  -2.628  1.00 26.88 ? 2   DG  B "O5'" 1 
ATOM   166 C  "C5'" . DG  B 2 2 ? 11.037  -1.543  -2.002  1.00 25.30 ? 2   DG  B "C5'" 1 
ATOM   167 C  "C4'" . DG  B 2 2 ? 9.662   -1.555  -1.381  1.00 23.20 ? 2   DG  B "C4'" 1 
ATOM   168 O  "O4'" . DG  B 2 2 ? 9.589   -0.512  -0.380  1.00 24.33 ? 2   DG  B "O4'" 1 
ATOM   169 C  "C3'" . DG  B 2 2 ? 8.563   -1.250  -2.391  1.00 23.31 ? 2   DG  B "C3'" 1 
ATOM   170 O  "O3'" . DG  B 2 2 ? 7.475   -2.088  -2.003  1.00 23.44 ? 2   DG  B "O3'" 1 
ATOM   171 C  "C2'" . DG  B 2 2 ? 8.270   0.215   -2.161  1.00 21.20 ? 2   DG  B "C2'" 1 
ATOM   172 C  "C1'" . DG  B 2 2 ? 8.522   0.374   -0.670  1.00 21.75 ? 2   DG  B "C1'" 1 
ATOM   173 N  N9    . DG  B 2 2 ? 8.928   1.704   -0.242  1.00 21.54 ? 2   DG  B N9    1 
ATOM   174 C  C8    . DG  B 2 2 ? 9.614   2.628   -0.988  1.00 21.56 ? 2   DG  B C8    1 
ATOM   175 N  N7    . DG  B 2 2 ? 9.894   3.714   -0.326  1.00 21.91 ? 2   DG  B N7    1 
ATOM   176 C  C5    . DG  B 2 2 ? 9.363   3.499   0.935   1.00 21.05 ? 2   DG  B C5    1 
ATOM   177 C  C6    . DG  B 2 2 ? 9.361   4.329   2.078   1.00 20.94 ? 2   DG  B C6    1 
ATOM   178 O  O6    . DG  B 2 2 ? 9.869   5.443   2.216   1.00 21.63 ? 2   DG  B O6    1 
ATOM   179 N  N1    . DG  B 2 2 ? 8.729   3.715   3.156   1.00 20.97 ? 2   DG  B N1    1 
ATOM   180 C  C2    . DG  B 2 2 ? 8.161   2.469   3.131   1.00 21.69 ? 2   DG  B C2    1 
ATOM   181 N  N2    . DG  B 2 2 ? 7.615   2.045   4.289   1.00 21.37 ? 2   DG  B N2    1 
ATOM   182 N  N3    . DG  B 2 2 ? 8.169   1.676   2.071   1.00 21.49 ? 2   DG  B N3    1 
ATOM   183 C  C4    . DG  B 2 2 ? 8.761   2.261   1.008   1.00 21.10 ? 2   DG  B C4    1 
ATOM   184 P  P     . DC  B 2 3 ? 6.245   -2.386  -2.958  1.00 24.23 ? 3   DC  B P     1 
ATOM   185 O  OP1   . DC  B 2 3 ? 5.648   -3.654  -2.471  1.00 26.31 ? 3   DC  B OP1   1 
ATOM   186 O  OP2   . DC  B 2 3 ? 6.749   -2.376  -4.371  1.00 27.73 ? 3   DC  B OP2   1 
ATOM   187 O  "O5'" . DC  B 2 3 ? 5.351   -1.106  -2.688  1.00 24.79 ? 3   DC  B "O5'" 1 
ATOM   188 C  "C5'" . DC  B 2 3 ? 4.158   -1.153  -1.918  1.00 21.58 ? 3   DC  B "C5'" 1 
ATOM   189 C  "C4'" . DC  B 2 3 ? 4.516   -1.142  -0.449  1.00 21.10 ? 3   DC  B "C4'" 1 
ATOM   190 O  "O4'" . DC  B 2 3 ? 5.349   0.026   -0.240  1.00 21.38 ? 3   DC  B "O4'" 1 
ATOM   191 C  "C3'" . DC  B 2 3 ? 3.327   -0.962  0.504   1.00 21.59 ? 3   DC  B "C3'" 1 
ATOM   192 O  "O3'" . DC  B 2 3 ? 3.722   -1.616  1.728   1.00 23.12 ? 3   DC  B "O3'" 1 
ATOM   193 C  "C2'" . DC  B 2 3 ? 3.245   0.549   0.629   1.00 21.18 ? 3   DC  B "C2'" 1 
ATOM   194 C  "C1'" . DC  B 2 3 ? 4.715   0.853   0.753   1.00 20.11 ? 3   DC  B "C1'" 1 
ATOM   195 N  N1    . DC  B 2 3 ? 5.147   2.241   0.509   1.00 19.52 ? 3   DC  B N1    1 
ATOM   196 C  C2    . DC  B 2 3 ? 5.247   3.122   1.578   1.00 19.23 ? 3   DC  B C2    1 
ATOM   197 O  O2    . DC  B 2 3 ? 4.805   2.779   2.674   1.00 20.05 ? 3   DC  B O2    1 
ATOM   198 N  N3    . DC  B 2 3 ? 5.748   4.364   1.373   1.00 20.07 ? 3   DC  B N3    1 
ATOM   199 C  C4    . DC  B 2 3 ? 6.195   4.706   0.164   1.00 18.50 ? 3   DC  B C4    1 
ATOM   200 N  N4    . DC  B 2 3 ? 6.692   5.941   0.007   1.00 20.10 ? 3   DC  B N4    1 
ATOM   201 C  C5    . DC  B 2 3 ? 6.094   3.824   -0.951  1.00 19.63 ? 3   DC  B C5    1 
ATOM   202 C  C6    . DC  B 2 3 ? 5.620   2.592   -0.723  1.00 20.38 ? 3   DC  B C6    1 
ATOM   203 P  P     . DA  B 2 4 ? 2.697   -2.097  2.856   1.00 23.98 ? 4   DA  B P     1 
ATOM   204 O  OP1   . DA  B 2 4 ? 3.493   -2.672  3.989   1.00 26.50 ? 4   DA  B OP1   1 
ATOM   205 O  OP2   . DA  B 2 4 ? 1.592   -2.895  2.239   1.00 23.61 ? 4   DA  B OP2   1 
ATOM   206 O  "O5'" . DA  B 2 4 ? 1.966   -0.816  3.441   1.00 22.83 ? 4   DA  B "O5'" 1 
ATOM   207 C  "C5'" . DA  B 2 4 ? 0.616   -0.452  3.092   1.00 20.39 ? 4   DA  B "C5'" 1 
ATOM   208 C  "C4'" . DA  B 2 4 ? 0.228   0.593   4.120   1.00 19.00 ? 4   DA  B "C4'" 1 
ATOM   209 O  "O4'" . DA  B 2 4 ? 1.101   1.719   3.911   1.00 18.61 ? 4   DA  B "O4'" 1 
ATOM   210 C  "C3'" . DA  B 2 4 ? -1.194  1.122   4.073   1.00 18.15 ? 4   DA  B "C3'" 1 
ATOM   211 O  "O3'" . DA  B 2 4 ? -1.663  1.229   5.428   1.00 20.27 ? 4   DA  B "O3'" 1 
ATOM   212 C  "C2'" . DA  B 2 4 ? -1.064  2.512   3.439   1.00 17.85 ? 4   DA  B "C2'" 1 
ATOM   213 C  "C1'" . DA  B 2 4 ? 0.368   2.921   3.738   1.00 17.57 ? 4   DA  B "C1'" 1 
ATOM   214 N  N9    . DA  B 2 4 ? 1.055   3.673   2.685   1.00 17.11 ? 4   DA  B N9    1 
ATOM   215 C  C8    . DA  B 2 4 ? 1.251   3.322   1.374   1.00 17.38 ? 4   DA  B C8    1 
ATOM   216 N  N7    . DA  B 2 4 ? 1.945   4.203   0.690   1.00 17.81 ? 4   DA  B N7    1 
ATOM   217 C  C5    . DA  B 2 4 ? 2.230   5.195   1.618   1.00 18.07 ? 4   DA  B C5    1 
ATOM   218 C  C6    . DA  B 2 4 ? 2.944   6.406   1.525   1.00 17.62 ? 4   DA  B C6    1 
ATOM   219 N  N6    . DA  B 2 4 ? 3.511   6.838   0.397   1.00 17.25 ? 4   DA  B N6    1 
ATOM   220 N  N1    . DA  B 2 4 ? 3.019   7.178   2.632   1.00 17.13 ? 4   DA  B N1    1 
ATOM   221 C  C2    . DA  B 2 4 ? 2.439   6.747   3.754   1.00 18.47 ? 4   DA  B C2    1 
ATOM   222 N  N3    . DA  B 2 4 ? 1.769   5.609   3.979   1.00 18.93 ? 4   DA  B N3    1 
ATOM   223 C  C4    . DA  B 2 4 ? 1.705   4.872   2.855   1.00 17.54 ? 4   DA  B C4    1 
ATOM   224 P  P     . DC  B 2 5 ? -3.160  1.601   5.710   1.00 21.73 ? 5   DC  B P     1 
ATOM   225 O  OP1   . DC  B 2 5 ? -3.417  0.893   6.968   1.00 25.12 ? 5   DC  B OP1   1 
ATOM   226 O  OP2   . DC  B 2 5 ? -4.003  1.376   4.525   1.00 22.47 ? 5   DC  B OP2   1 
ATOM   227 O  "O5'" . DC  B 2 5 ? -3.069  3.180   5.893   1.00 22.86 ? 5   DC  B "O5'" 1 
ATOM   228 C  "C5'" . DC  B 2 5 ? -2.251  3.724   6.955   1.00 21.95 ? 5   DC  B "C5'" 1 
ATOM   229 C  "C4'" . DC  B 2 5 ? -2.194  5.224   6.803   1.00 20.78 ? 5   DC  B "C4'" 1 
ATOM   230 O  "O4'" . DC  B 2 5 ? -1.539  5.540   5.561   1.00 20.54 ? 5   DC  B "O4'" 1 
ATOM   231 C  "C3'" . DC  B 2 5 ? -3.558  5.913   6.743   1.00 21.95 ? 5   DC  B "C3'" 1 
ATOM   232 O  "O3'" . DC  B 2 5 ? -3.640  6.721   7.918   1.00 24.68 ? 5   DC  B "O3'" 1 
ATOM   233 C  "C2'" . DC  B 2 5 ? -3.525  6.742   5.454   1.00 20.93 ? 5   DC  B "C2'" 1 
ATOM   234 C  "C1'" . DC  B 2 5 ? -2.055  6.768   5.085   1.00 20.10 ? 5   DC  B "C1'" 1 
ATOM   235 N  N1    . DC  B 2 5 ? -1.675  6.835   3.667   1.00 19.39 ? 5   DC  B N1    1 
ATOM   236 C  C2    . DC  B 2 5 ? -0.872  7.884   3.195   1.00 18.12 ? 5   DC  B C2    1 
ATOM   237 O  O2    . DC  B 2 5 ? -0.639  8.852   3.941   1.00 20.33 ? 5   DC  B O2    1 
ATOM   238 N  N3    . DC  B 2 5 ? -0.458  7.864   1.912   1.00 17.21 ? 5   DC  B N3    1 
ATOM   239 C  C4    . DC  B 2 5 ? -0.783  6.842   1.118   1.00 16.90 ? 5   DC  B C4    1 
ATOM   240 N  N4    . DC  B 2 5 ? -0.283  6.830   -0.114  1.00 16.54 ? 5   DC  B N4    1 
ATOM   241 C  C5    . DC  B 2 5 ? -1.537  5.727   1.595   1.00 17.90 ? 5   DC  B C5    1 
ATOM   242 C  C6    . DC  B 2 5 ? -1.989  5.786   2.852   1.00 18.27 ? 5   DC  B C6    1 
ATOM   243 P  P     . DG  B 2 6 ? -5.020  7.164   8.563   1.00 27.41 ? 6   DG  B P     1 
ATOM   244 O  OP1   . DG  B 2 6 ? -4.757  7.406   9.996   1.00 28.22 ? 6   DG  B OP1   1 
ATOM   245 O  OP2   . DG  B 2 6 ? -6.100  6.265   8.095   1.00 26.02 ? 6   DG  B OP2   1 
ATOM   246 O  "O5'" . DG  B 2 6 ? -5.363  8.541   7.846   1.00 24.88 ? 6   DG  B "O5'" 1 
ATOM   247 C  "C5'" . DG  B 2 6 ? -4.563  9.723   8.063   1.00 26.38 ? 6   DG  B "C5'" 1 
ATOM   248 C  "C4'" . DG  B 2 6 ? -4.962  10.732  7.014   1.00 24.86 ? 6   DG  B "C4'" 1 
ATOM   249 O  "O4'" . DG  B 2 6 ? -4.386  10.313  5.756   1.00 23.11 ? 6   DG  B "O4'" 1 
ATOM   250 C  "C3'" . DG  B 2 6 ? -6.477  10.816  6.770   1.00 24.99 ? 6   DG  B "C3'" 1 
ATOM   251 O  "O3'" . DG  B 2 6 ? -6.829  12.181  6.513   1.00 27.35 ? 6   DG  B "O3'" 1 
ATOM   252 C  "C2'" . DG  B 2 6 ? -6.669  10.032  5.484   1.00 23.50 ? 6   DG  B "C2'" 1 
ATOM   253 C  "C1'" . DG  B 2 6 ? -5.408  10.432  4.787   1.00 22.62 ? 6   DG  B "C1'" 1 
ATOM   254 N  N9    . DG  B 2 6 ? -5.017  9.662   3.621   1.00 20.49 ? 6   DG  B N9    1 
ATOM   255 C  C8    . DG  B 2 6 ? -5.422  8.406   3.240   1.00 18.81 ? 6   DG  B C8    1 
ATOM   256 N  N7    . DG  B 2 6 ? -4.886  8.015   2.114   1.00 18.38 ? 6   DG  B N7    1 
ATOM   257 C  C5    . DG  B 2 6 ? -4.063  9.077   1.743   1.00 18.14 ? 6   DG  B C5    1 
ATOM   258 C  C6    . DG  B 2 6 ? -3.222  9.242   0.616   1.00 17.99 ? 6   DG  B C6    1 
ATOM   259 O  O6    . DG  B 2 6 ? -3.025  8.468   -0.315  1.00 17.15 ? 6   DG  B O6    1 
ATOM   260 N  N1    . DG  B 2 6 ? -2.595  10.486  0.624   1.00 17.52 ? 6   DG  B N1    1 
ATOM   261 C  C2    . DG  B 2 6 ? -2.763  11.450  1.580   1.00 18.48 ? 6   DG  B C2    1 
ATOM   262 N  N2    . DG  B 2 6 ? -2.108  12.614  1.387   1.00 18.83 ? 6   DG  B N2    1 
ATOM   263 N  N3    . DG  B 2 6 ? -3.504  11.290  2.657   1.00 19.20 ? 6   DG  B N3    1 
ATOM   264 C  C4    . DG  B 2 6 ? -4.136  10.097  2.664   1.00 19.55 ? 6   DG  B C4    1 
ATOM   265 P  P     . DC  B 2 7 ? -7.822  13.009  7.467   1.00 30.71 ? 7   DC  B P     1 
ATOM   266 O  OP1   . DC  B 2 7 ? -7.229  12.876  8.789   1.00 31.19 ? 7   DC  B OP1   1 
ATOM   267 O  OP2   . DC  B 2 7 ? -9.164  12.471  7.153   1.00 30.95 ? 7   DC  B OP2   1 
ATOM   268 O  "O5'" . DC  B 2 7 ? -7.615  14.466  6.864   1.00 30.08 ? 7   DC  B "O5'" 1 
ATOM   269 C  "C5'" . DC  B 2 7 ? -6.394  15.199  7.042   1.00 28.88 ? 7   DC  B "C5'" 1 
ATOM   270 C  "C4'" . DC  B 2 7 ? -6.125  16.073  5.835   1.00 29.55 ? 7   DC  B "C4'" 1 
ATOM   271 O  "O4'" . DC  B 2 7 ? -5.697  15.249  4.720   1.00 26.31 ? 7   DC  B "O4'" 1 
ATOM   272 C  "C3'" . DC  B 2 7 ? -7.305  16.896  5.328   1.00 30.10 ? 7   DC  B "C3'" 1 
ATOM   273 O  "O3'" . DC  B 2 7 ? -6.894  18.189  4.853   1.00 32.01 ? 7   DC  B "O3'" 1 
ATOM   274 C  "C2'" . DC  B 2 7 ? -7.822  16.109  4.140   1.00 27.07 ? 7   DC  B "C2'" 1 
ATOM   275 C  "C1'" . DC  B 2 7 ? -6.556  15.475  3.600   1.00 25.40 ? 7   DC  B "C1'" 1 
ATOM   276 N  N1    . DC  B 2 7 ? -6.758  14.202  2.912   1.00 23.08 ? 7   DC  B N1    1 
ATOM   277 C  C2    . DC  B 2 7 ? -5.874  13.890  1.891   1.00 21.67 ? 7   DC  B C2    1 
ATOM   278 O  O2    . DC  B 2 7 ? -5.000  14.727  1.585   1.00 22.68 ? 7   DC  B O2    1 
ATOM   279 N  N3    . DC  B 2 7 ? -6.035  12.727  1.212   1.00 19.51 ? 7   DC  B N3    1 
ATOM   280 C  C4    . DC  B 2 7 ? -6.958  11.841  1.612   1.00 19.07 ? 7   DC  B C4    1 
ATOM   281 N  N4    . DC  B 2 7 ? -7.071  10.687  0.928   1.00 17.44 ? 7   DC  B N4    1 
ATOM   282 C  C5    . DC  B 2 7 ? -7.861  12.129  2.670   1.00 20.01 ? 7   DC  B C5    1 
ATOM   283 C  C6    . DC  B 2 7 ? -7.712  13.302  3.303   1.00 21.47 ? 7   DC  B C6    1 
ATOM   284 O  "O5'" . DG  C 1 1 ? 10.441  -8.810  -3.669  0.50 35.09 ? 1   DG  C "O5'" 1 
ATOM   285 C  "C5'" . DG  C 1 1 ? 10.718  -10.122 -3.163  1.00 35.49 ? 1   DG  C "C5'" 1 
ATOM   286 C  "C4'" . DG  C 1 1 ? 10.028  -11.181 -3.996  1.00 34.28 ? 1   DG  C "C4'" 1 
ATOM   287 O  "O4'" . DG  C 1 1 ? 8.988   -11.820 -3.226  1.00 31.89 ? 1   DG  C "O4'" 1 
ATOM   288 C  "C3'" . DG  C 1 1 ? 9.331   -10.700 -5.266  1.00 33.83 ? 1   DG  C "C3'" 1 
ATOM   289 O  "O3'" . DG  C 1 1 ? 9.350   -11.786 -6.194  1.00 36.02 ? 1   DG  C "O3'" 1 
ATOM   290 C  "C2'" . DG  C 1 1 ? 7.928   -10.362 -4.779  1.00 30.91 ? 1   DG  C "C2'" 1 
ATOM   291 C  "C1'" . DG  C 1 1 ? 7.697   -11.334 -3.619  1.00 28.71 ? 1   DG  C "C1'" 1 
ATOM   292 N  N9    . DG  C 1 1 ? 7.092   -10.743 -2.428  1.00 26.06 ? 1   DG  C N9    1 
ATOM   293 C  C8    . DG  C 1 1 ? 7.436   -9.548  -1.852  1.00 25.28 ? 1   DG  C C8    1 
ATOM   294 N  N7    . DG  C 1 1 ? 6.830   -9.334  -0.714  1.00 23.97 ? 1   DG  C N7    1 
ATOM   295 C  C5    . DG  C 1 1 ? 6.060   -10.476 -0.514  1.00 23.20 ? 1   DG  C C5    1 
ATOM   296 C  C6    . DG  C 1 1 ? 5.231   -10.852 0.582   1.00 21.65 ? 1   DG  C C6    1 
ATOM   297 O  O6    . DG  C 1 1 ? 5.000   -10.235 1.629   1.00 22.07 ? 1   DG  C O6    1 
ATOM   298 N  N1    . DG  C 1 1 ? 4.688   -12.121 0.398   1.00 21.82 ? 1   DG  C N1    1 
ATOM   299 C  C2    . DG  C 1 1 ? 4.888   -12.909 -0.702  1.00 22.90 ? 1   DG  C C2    1 
ATOM   300 N  N2    . DG  C 1 1 ? 4.274   -14.103 -0.696  1.00 23.36 ? 1   DG  C N2    1 
ATOM   301 N  N3    . DG  C 1 1 ? 5.704   -12.599 -1.692  1.00 23.87 ? 1   DG  C N3    1 
ATOM   302 C  C4    . DG  C 1 1 ? 6.244   -11.371 -1.539  1.00 23.89 ? 1   DG  C C4    1 
ATOM   303 P  P     . DC  C 1 2 ? 8.664   -11.840 -7.614  1.00 37.97 ? 2   DC  C P     1 
ATOM   304 O  OP1   . DC  C 1 2 ? 9.279   -12.898 -8.449  1.00 40.25 ? 2   DC  C OP1   1 
ATOM   305 O  OP2   . DC  C 1 2 ? 8.527   -10.452 -8.152  1.00 38.11 ? 2   DC  C OP2   1 
ATOM   306 O  "O5'" . DC  C 1 2 ? 7.213   -12.363 -7.240  1.00 35.44 ? 2   DC  C "O5'" 1 
ATOM   307 C  "C5'" . DC  C 1 2 ? 7.000   -13.724 -6.839  1.00 35.21 ? 2   DC  C "C5'" 1 
ATOM   308 C  "C4'" . DC  C 1 2 ? 5.607   -13.867 -6.272  1.00 33.27 ? 2   DC  C "C4'" 1 
ATOM   309 O  "O4'" . DC  C 1 2 ? 5.350   -12.873 -5.259  1.00 30.43 ? 2   DC  C "O4'" 1 
ATOM   310 C  "C3'" . DC  C 1 2 ? 4.488   -13.707 -7.303  1.00 34.10 ? 2   DC  C "C3'" 1 
ATOM   311 O  "O3'" . DC  C 1 2 ? 3.978   -15.026 -7.502  0.57 36.34 ? 2   DC  C "O3'" 1 
ATOM   312 C  "C2'" . DC  C 1 2 ? 3.483   -12.756 -6.653  1.00 30.33 ? 2   DC  C "C2'" 1 
ATOM   313 C  "C1'" . DC  C 1 2 ? 3.962   -12.644 -5.204  1.00 28.92 ? 2   DC  C "C1'" 1 
ATOM   314 N  N1    . DC  C 1 2 ? 3.762   -11.364 -4.491  1.00 26.49 ? 2   DC  C N1    1 
ATOM   315 C  C2    . DC  C 1 2 ? 3.031   -11.365 -3.297  1.00 25.15 ? 2   DC  C C2    1 
ATOM   316 O  O2    . DC  C 1 2 ? 2.448   -12.394 -2.951  1.00 25.04 ? 2   DC  C O2    1 
ATOM   317 N  N3    . DC  C 1 2 ? 2.962   -10.238 -2.567  1.00 23.05 ? 2   DC  C N3    1 
ATOM   318 C  C4    . DC  C 1 2 ? 3.555   -9.125  -3.000  1.00 22.89 ? 2   DC  C C4    1 
ATOM   319 N  N4    . DC  C 1 2 ? 3.457   -8.036  -2.239  1.00 21.66 ? 2   DC  C N4    1 
ATOM   320 C  C5    . DC  C 1 2 ? 4.323   -9.096  -4.206  1.00 24.95 ? 2   DC  C C5    1 
ATOM   321 C  C6    . DC  C 1 2 ? 4.422   -10.236 -4.896  1.00 25.39 ? 2   DC  C C6    1 
ATOM   322 P  P     . DG  C 1 3 ? 3.178   -15.349 -8.827  1.00 43.53 ? 3   DG  C P     1 
ATOM   323 O  OP1   . DG  C 1 3 ? 3.525   -16.738 -9.266  1.00 45.69 ? 3   DG  C OP1   1 
ATOM   324 O  OP2   . DG  C 1 3 ? 3.253   -14.198 -9.763  1.00 39.13 ? 3   DG  C OP2   1 
ATOM   325 O  "O5'" . DG  C 1 3 ? 1.666   -15.465 -8.365  1.00 38.14 ? 3   DG  C "O5'" 1 
ATOM   326 C  "C5'" . DG  C 1 3 ? 1.311   -16.290 -7.253  1.00 36.30 ? 3   DG  C "C5'" 1 
ATOM   327 C  "C4'" . DG  C 1 3 ? 0.046   -15.750 -6.638  1.00 33.75 ? 3   DG  C "C4'" 1 
ATOM   328 O  "O4'" . DG  C 1 3 ? 0.343   -14.512 -5.943  1.00 31.18 ? 3   DG  C "O4'" 1 
ATOM   329 C  "C3'" . DG  C 1 3 ? -1.059  -15.408 -7.644  1.00 33.07 ? 3   DG  C "C3'" 1 
ATOM   330 O  "O3'" . DG  C 1 3 ? -2.307  -15.743 -7.031  1.00 34.77 ? 3   DG  C "O3'" 1 
ATOM   331 C  "C2'" . DG  C 1 3 ? -1.009  -13.890 -7.724  1.00 30.28 ? 3   DG  C "C2'" 1 
ATOM   332 C  "C1'" . DG  C 1 3 ? -0.657  -13.584 -6.278  1.00 28.22 ? 3   DG  C "C1'" 1 
ATOM   333 N  N9    . DG  C 1 3 ? -0.173  -12.232 -5.994  1.00 26.72 ? 3   DG  C N9    1 
ATOM   334 C  C8    . DG  C 1 3 ? 0.479   -11.375 -6.849  1.00 26.21 ? 3   DG  C C8    1 
ATOM   335 N  N7    . DG  C 1 3 ? 0.734   -10.212 -6.312  1.00 25.84 ? 3   DG  C N7    1 
ATOM   336 C  C5    . DG  C 1 3 ? 0.178   -10.291 -5.044  1.00 23.83 ? 3   DG  C C5    1 
ATOM   337 C  C6    . DG  C 1 3 ? 0.114   -9.323  -4.009  1.00 22.83 ? 3   DG  C C6    1 
ATOM   338 O  O6    . DG  C 1 3 ? 0.551   -8.166  -4.010  1.00 22.59 ? 3   DG  C O6    1 
ATOM   339 N  N1    . DG  C 1 3 ? -0.522  -9.822  -2.879  1.00 21.83 ? 3   DG  C N1    1 
ATOM   340 C  C2    . DG  C 1 3 ? -1.043  -11.091 -2.764  1.00 23.28 ? 3   DG  C C2    1 
ATOM   341 N  N2    . DG  C 1 3 ? -1.608  -11.402 -1.596  1.00 22.62 ? 3   DG  C N2    1 
ATOM   342 N  N3    . DG  C 1 3 ? -0.974  -12.007 -3.720  1.00 23.46 ? 3   DG  C N3    1 
ATOM   343 C  C4    . DG  C 1 3 ? -0.387  -11.530 -4.832  1.00 24.55 ? 3   DG  C C4    1 
HETATM 344 F  F     . XTF C 1 4 ? -6.216  -14.649 -2.422  1.00 30.06 ? 4   XTF C F     1 
HETATM 345 C  "C2'" . XTF C 1 4 ? -6.104  -13.839 -3.555  1.00 30.03 ? 4   XTF C "C2'" 1 
HETATM 346 C  "C1'" . XTF C 1 4 ? -4.757  -13.230 -3.406  1.00 29.06 ? 4   XTF C "C1'" 1 
HETATM 347 N  N1    . XTF C 1 4 ? -4.368  -12.026 -4.171  1.00 27.32 ? 4   XTF C N1    1 
HETATM 348 C  C6    . XTF C 1 4 ? -3.957  -12.087 -5.458  1.00 27.51 ? 4   XTF C C6    1 
HETATM 349 C  C5    . XTF C 1 4 ? -3.525  -10.922 -6.084  1.00 26.13 ? 4   XTF C C5    1 
HETATM 350 C  C5M   . XTF C 1 4 ? -3.025  -10.960 -7.500  1.00 27.19 ? 4   XTF C C5M   1 
HETATM 351 C  C2    . XTF C 1 4 ? -4.365  -10.827 -3.503  1.00 25.06 ? 4   XTF C C2    1 
HETATM 352 O  O2    . XTF C 1 4 ? -4.828  -10.758 -2.327  1.00 26.92 ? 4   XTF C O2    1 
HETATM 353 N  N3    . XTF C 1 4 ? -3.941  -9.704  -4.096  1.00 25.48 ? 4   XTF C N3    1 
HETATM 354 C  C4    . XTF C 1 4 ? -3.478  -9.737  -5.355  1.00 24.98 ? 4   XTF C C4    1 
HETATM 355 O  O4    . XTF C 1 4 ? -3.061  -8.705  -5.913  1.00 24.87 ? 4   XTF C O4    1 
HETATM 356 C  "C7'" . XTF C 1 4 ? -3.619  -14.209 -3.657  1.00 29.67 ? 4   XTF C "C7'" 1 
HETATM 357 C  "C6'" . XTF C 1 4 ? -3.798  -15.391 -4.276  1.00 32.38 ? 4   XTF C "C6'" 1 
HETATM 358 C  "C3'" . XTF C 1 4 ? -6.143  -14.659 -4.831  1.00 31.48 ? 4   XTF C "C3'" 1 
HETATM 359 O  "O3'" . XTF C 1 4 ? -7.431  -15.236 -4.779  1.00 32.61 ? 4   XTF C "O3'" 1 
HETATM 360 C  "C4'" . XTF C 1 4 ? -5.179  -15.834 -4.717  1.00 33.47 ? 4   XTF C "C4'" 1 
HETATM 361 C  "C5'" . XTF C 1 4 ? -5.004  -16.721 -5.951  1.00 35.43 ? 4   XTF C "C5'" 1 
HETATM 362 O  "O5'" . XTF C 1 4 ? -4.785  -15.861 -7.052  1.00 37.42 ? 4   XTF C "O5'" 1 
HETATM 363 P  P     . XTF C 1 4 ? -3.565  -15.966 -8.041  1.00 38.66 ? 4   XTF C P     1 
HETATM 364 O  OP1   . XTF C 1 4 ? -3.449  -17.357 -8.437  1.00 40.60 ? 4   XTF C OP1   1 
HETATM 365 O  OP2   . XTF C 1 4 ? -3.614  -14.874 -9.047  1.00 40.20 ? 4   XTF C OP2   1 
ATOM   366 P  P     . DG  C 1 5 ? -8.642  -14.560 -5.534  1.00 31.43 ? 5   DG  C P     1 
ATOM   367 O  OP1   . DG  C 1 5 ? -9.729  -15.604 -5.509  1.00 34.27 ? 5   DG  C OP1   1 
ATOM   368 O  OP2   . DG  C 1 5 ? -8.128  -14.028 -6.842  1.00 31.95 ? 5   DG  C OP2   1 
ATOM   369 O  "O5'" . DG  C 1 5 ? -9.038  -13.311 -4.620  1.00 29.36 ? 5   DG  C "O5'" 1 
ATOM   370 C  "C5'" . DG  C 1 5 ? -9.265  -13.447 -3.193  1.00 28.78 ? 5   DG  C "C5'" 1 
ATOM   371 C  "C4'" . DG  C 1 5 ? -9.386  -12.075 -2.576  1.00 26.62 ? 5   DG  C "C4'" 1 
ATOM   372 O  "O4'" . DG  C 1 5 ? -8.132  -11.356 -2.603  1.00 25.70 ? 5   DG  C "O4'" 1 
ATOM   373 C  "C3'" . DG  C 1 5 ? -10.373 -11.141 -3.259  1.00 26.32 ? 5   DG  C "C3'" 1 
ATOM   374 O  "O3'" . DG  C 1 5 ? -11.663 -11.429 -2.731  1.00 27.00 ? 5   DG  C "O3'" 1 
ATOM   375 C  "C2'" . DG  C 1 5 ? -9.900  -9.785  -2.778  1.00 25.06 ? 5   DG  C "C2'" 1 
ATOM   376 C  "C1'" . DG  C 1 5 ? -8.391  -9.965  -2.740  1.00 24.43 ? 5   DG  C "C1'" 1 
ATOM   377 N  N9    . DG  C 1 5 ? -7.718  -9.512  -3.956  1.00 22.02 ? 5   DG  C N9    1 
ATOM   378 C  C8    . DG  C 1 5 ? -7.397  -10.247 -5.070  1.00 22.11 ? 5   DG  C C8    1 
ATOM   379 N  N7    . DG  C 1 5 ? -6.783  -9.547  -5.986  1.00 21.45 ? 5   DG  C N7    1 
ATOM   380 C  C5    . DG  C 1 5 ? -6.647  -8.286  -5.418  1.00 20.18 ? 5   DG  C C5    1 
ATOM   381 C  C6    . DG  C 1 5 ? -5.997  -7.112  -5.911  1.00 19.58 ? 5   DG  C C6    1 
ATOM   382 O  O6    . DG  C 1 5 ? -5.430  -6.942  -6.994  1.00 21.54 ? 5   DG  C O6    1 
ATOM   383 N  N1    . DG  C 1 5 ? -6.100  -6.060  -5.012  1.00 19.15 ? 5   DG  C N1    1 
ATOM   384 C  C2    . DG  C 1 5 ? -6.719  -6.120  -3.788  1.00 19.90 ? 5   DG  C C2    1 
ATOM   385 N  N2    . DG  C 1 5 ? -6.724  -4.993  -3.068  1.00 20.74 ? 5   DG  C N2    1 
ATOM   386 N  N3    . DG  C 1 5 ? -7.332  -7.202  -3.322  1.00 20.44 ? 5   DG  C N3    1 
ATOM   387 C  C4    . DG  C 1 5 ? -7.225  -8.247  -4.169  1.00 21.22 ? 5   DG  C C4    1 
ATOM   388 P  P     . DC  C 1 6 ? -12.949 -11.491 -3.680  1.00 27.53 ? 6   DC  C P     1 
ATOM   389 O  OP1   . DC  C 1 6 ? -14.036 -12.185 -2.850  1.00 29.81 ? 6   DC  C OP1   1 
ATOM   390 O  OP2   . DC  C 1 6 ? -12.690 -12.043 -5.029  1.00 26.85 ? 6   DC  C OP2   1 
ATOM   391 O  "O5'" . DC  C 1 6 ? -13.442 -9.994  -3.824  1.00 26.76 ? 6   DC  C "O5'" 1 
ATOM   392 C  "C5'" . DC  C 1 6 ? -13.608 -9.242  -2.610  1.00 26.18 ? 6   DC  C "C5'" 1 
ATOM   393 C  "C4'" . DC  C 1 6 ? -13.667 -7.769  -2.917  1.00 25.40 ? 6   DC  C "C4'" 1 
ATOM   394 O  "O4'" . DC  C 1 6 ? -12.350 -7.373  -3.363  1.00 23.23 ? 6   DC  C "O4'" 1 
ATOM   395 C  "C3'" . DC  C 1 6 ? -14.634 -7.363  -4.019  1.00 25.12 ? 6   DC  C "C3'" 1 
ATOM   396 O  "O3'" . DC  C 1 6 ? -15.154 -6.081  -3.687  1.00 26.50 ? 6   DC  C "O3'" 1 
ATOM   397 C  "C2'" . DC  C 1 6 ? -13.719 -7.082  -5.198  1.00 23.70 ? 6   DC  C "C2'" 1 
ATOM   398 C  "C1'" . DC  C 1 6 ? -12.464 -6.562  -4.497  1.00 22.56 ? 6   DC  C "C1'" 1 
ATOM   399 N  N1    . DC  C 1 6 ? -11.276 -6.786  -5.342  1.00 20.94 ? 6   DC  C N1    1 
ATOM   400 C  C2    . DC  C 1 6 ? -10.415 -5.703  -5.604  1.00 20.43 ? 6   DC  C C2    1 
ATOM   401 O  O2    . DC  C 1 6 ? -10.600 -4.638  -5.004  1.00 21.11 ? 6   DC  C O2    1 
ATOM   402 N  N3    . DC  C 1 6 ? -9.419  -5.857  -6.510  1.00 19.17 ? 6   DC  C N3    1 
ATOM   403 C  C4    . DC  C 1 6 ? -9.242  -7.032  -7.114  1.00 19.36 ? 6   DC  C C4    1 
ATOM   404 N  N4    . DC  C 1 6 ? -8.261  -7.137  -8.013  1.00 18.67 ? 6   DC  C N4    1 
ATOM   405 C  C5    . DC  C 1 6 ? -10.046 -8.174  -6.799  1.00 19.97 ? 6   DC  C C5    1 
ATOM   406 C  C6    . DC  C 1 6 ? -11.076 -7.990  -5.957  1.00 21.32 ? 6   DC  C C6    1 
ATOM   407 P  P     . DG  C 1 7 ? -16.695 -5.734  -3.807  1.00 29.91 ? 7   DG  C P     1 
ATOM   408 O  OP1   . DG  C 1 7 ? -16.944 -4.324  -3.364  1.00 29.22 ? 7   DG  C OP1   1 
ATOM   409 O  OP2   . DG  C 1 7 ? -17.548 -6.855  -3.316  1.00 31.48 ? 7   DG  C OP2   1 
ATOM   410 O  "O5'" . DG  C 1 7 ? -16.879 -5.695  -5.397  1.00 27.30 ? 7   DG  C "O5'" 1 
ATOM   411 C  "C5'" . DG  C 1 7 ? -16.481 -4.525  -6.164  1.00 25.74 ? 7   DG  C "C5'" 1 
ATOM   412 C  "C4'" . DG  C 1 7 ? -16.737 -4.722  -7.639  1.00 24.43 ? 7   DG  C "C4'" 1 
ATOM   413 O  "O4'" . DG  C 1 7 ? -15.886 -5.782  -8.163  1.00 23.50 ? 7   DG  C "O4'" 1 
ATOM   414 C  "C3'" . DG  C 1 7 ? -18.176 -5.109  -7.984  1.00 25.33 ? 7   DG  C "C3'" 1 
ATOM   415 O  "O3'" . DG  C 1 7 ? -18.975 -3.960  -8.319  1.00 25.65 ? 7   DG  C "O3'" 1 
ATOM   416 C  "C2'" . DG  C 1 7 ? -17.999 -6.026  -9.181  1.00 24.86 ? 7   DG  C "C2'" 1 
ATOM   417 C  "C1'" . DG  C 1 7 ? -16.695 -6.746  -8.847  1.00 23.91 ? 7   DG  C "C1'" 1 
ATOM   418 N  N9    . DG  C 1 7 ? -16.840 -7.912  -7.966  1.00 24.67 ? 7   DG  C N9    1 
ATOM   419 C  C8    . DG  C 1 7 ? -17.952 -8.288  -7.246  1.00 26.53 ? 7   DG  C C8    1 
ATOM   420 N  N7    . DG  C 1 7 ? -17.764 -9.370  -6.538  1.00 26.78 ? 7   DG  C N7    1 
ATOM   421 C  C5    . DG  C 1 7 ? -16.451 -9.730  -6.808  1.00 25.45 ? 7   DG  C C5    1 
ATOM   422 C  C6    . DG  C 1 7 ? -15.676 -10.815 -6.324  1.00 25.97 ? 7   DG  C C6    1 
ATOM   423 O  O6    . DG  C 1 7 ? -15.996 -11.702 -5.516  1.00 27.71 ? 7   DG  C O6    1 
ATOM   424 N  N1    . DG  C 1 7 ? -14.381 -10.783 -6.832  1.00 24.00 ? 7   DG  C N1    1 
ATOM   425 C  C2    . DG  C 1 7 ? -13.910 -9.867  -7.738  1.00 22.84 ? 7   DG  C C2    1 
ATOM   426 N  N2    . DG  C 1 7 ? -12.637 -10.033 -8.127  1.00 21.58 ? 7   DG  C N2    1 
ATOM   427 N  N3    . DG  C 1 7 ? -14.611 -8.839  -8.180  1.00 22.75 ? 7   DG  C N3    1 
ATOM   428 C  C4    . DG  C 1 7 ? -15.870 -8.841  -7.691  1.00 24.10 ? 7   DG  C C4    1 
ATOM   429 O  "O3'" . DC  D 2 1 ? -5.745  3.213   -12.704 1.00 30.24 ? 1   DC  D "O3'" 1 
ATOM   430 P  P     . DG  D 2 2 ? -6.170  1.878   -11.910 1.00 29.50 ? 2   DG  D P     1 
ATOM   431 O  OP1   . DG  D 2 2 ? -5.270  0.760   -12.280 1.00 29.00 ? 2   DG  D OP1   1 
ATOM   432 O  OP2   . DG  D 2 2 ? -7.662  1.664   -11.955 1.00 26.28 ? 2   DG  D OP2   1 
ATOM   433 O  "O5'" . DG  D 2 2 ? -5.640  2.423   -10.509 1.00 26.78 ? 2   DG  D "O5'" 1 
ATOM   434 C  "C5'" . DG  D 2 2 ? -6.382  3.375   -9.742  1.00 27.16 ? 2   DG  D "C5'" 1 
ATOM   435 C  "C4'" . DG  D 2 2 ? -6.120  3.127   -8.274  1.00 23.25 ? 2   DG  D "C4'" 1 
ATOM   436 O  "O4'" . DG  D 2 2 ? -6.599  1.816   -7.862  1.00 24.04 ? 2   DG  D "O4'" 1 
ATOM   437 C  "C3'" . DG  D 2 2 ? -4.661  3.172   -7.841  1.00 22.75 ? 2   DG  D "C3'" 1 
ATOM   438 O  "O3'" . DG  D 2 2 ? -4.714  3.827   -6.547  1.00 22.36 ? 2   DG  D "O3'" 1 
ATOM   439 C  "C2'" . DG  D 2 2 ? -4.262  1.702   -7.853  1.00 21.86 ? 2   DG  D "C2'" 1 
ATOM   440 C  "C1'" . DG  D 2 2 ? -5.553  1.000   -7.409  1.00 21.05 ? 2   DG  D "C1'" 1 
ATOM   441 N  N9    . DG  D 2 2 ? -5.755  -0.315  -8.012  1.00 19.98 ? 2   DG  D N9    1 
ATOM   442 C  C8    . DG  D 2 2 ? -5.319  -0.734  -9.246  1.00 20.09 ? 2   DG  D C8    1 
ATOM   443 N  N7    . DG  D 2 2 ? -5.690  -1.953  -9.532  1.00 19.92 ? 2   DG  D N7    1 
ATOM   444 C  C5    . DG  D 2 2 ? -6.465  -2.341  -8.450  1.00 18.35 ? 2   DG  D C5    1 
ATOM   445 C  C6    . DG  D 2 2 ? -7.154  -3.555  -8.204  1.00 18.21 ? 2   DG  D C6    1 
ATOM   446 O  O6    . DG  D 2 2 ? -7.231  -4.548  -8.927  1.00 19.56 ? 2   DG  D O6    1 
ATOM   447 N  N1    . DG  D 2 2 ? -7.838  -3.521  -6.994  1.00 18.02 ? 2   DG  D N1    1 
ATOM   448 C  C2    . DG  D 2 2 ? -7.847  -2.467  -6.125  1.00 18.71 ? 2   DG  D C2    1 
ATOM   449 N  N2    . DG  D 2 2 ? -8.566  -2.638  -5.001  1.00 18.56 ? 2   DG  D N2    1 
ATOM   450 N  N3    . DG  D 2 2 ? -7.203  -1.323  -6.341  1.00 18.14 ? 2   DG  D N3    1 
ATOM   451 C  C4    . DG  D 2 2 ? -6.534  -1.334  -7.510  1.00 18.92 ? 2   DG  D C4    1 
ATOM   452 P  P     . DC  D 2 3 ? -3.388  4.142   -5.697  1.00 23.17 ? 3   DC  D P     1 
ATOM   453 O  OP1   . DC  D 2 3 ? -3.684  5.280   -4.776  1.00 24.24 ? 3   DC  D OP1   1 
ATOM   454 O  OP2   . DC  D 2 3 ? -2.268  4.153   -6.657  1.00 24.44 ? 3   DC  D OP2   1 
ATOM   455 O  "O5'" . DC  D 2 3 ? -3.171  2.869   -4.754  1.00 23.65 ? 3   DC  D "O5'" 1 
ATOM   456 C  "C5'" . DC  D 2 3 ? -4.069  2.628   -3.640  1.00 22.95 ? 3   DC  D "C5'" 1 
ATOM   457 C  "C4'" . DC  D 2 3 ? -3.831  1.255   -3.066  1.00 23.20 ? 3   DC  D "C4'" 1 
ATOM   458 O  "O4'" . DC  D 2 3 ? -4.293  0.299   -4.053  1.00 22.02 ? 3   DC  D "O4'" 1 
ATOM   459 C  "C3'" . DC  D 2 3 ? -2.364  0.894   -2.787  1.00 21.73 ? 3   DC  D "C3'" 1 
ATOM   460 O  "O3'" . DC  D 2 3 ? -2.269  0.195   -1.538  1.00 21.91 ? 3   DC  D "O3'" 1 
ATOM   461 C  "C2'" . DC  D 2 3 ? -2.055  -0.178  -3.815  1.00 21.63 ? 3   DC  D "C2'" 1 
ATOM   462 C  "C1'" . DC  D 2 3 ? -3.432  -0.786  -3.941  1.00 21.59 ? 3   DC  D "C1'" 1 
ATOM   463 N  N1    . DC  D 2 3 ? -3.649  -1.706  -5.060  1.00 20.94 ? 3   DC  D N1    1 
ATOM   464 C  C2    . DC  D 2 3 ? -4.503  -2.782  -4.815  1.00 20.49 ? 3   DC  D C2    1 
ATOM   465 O  O2    . DC  D 2 3 ? -5.136  -2.807  -3.748  1.00 20.97 ? 3   DC  D O2    1 
ATOM   466 N  N3    . DC  D 2 3 ? -4.635  -3.744  -5.747  1.00 20.09 ? 3   DC  D N3    1 
ATOM   467 C  C4    . DC  D 2 3 ? -3.944  -3.673  -6.886  1.00 20.87 ? 3   DC  D C4    1 
ATOM   468 N  N4    . DC  D 2 3 ? -4.107  -4.649  -7.782  1.00 21.86 ? 3   DC  D N4    1 
ATOM   469 C  C5    . DC  D 2 3 ? -3.081  -2.575  -7.174  1.00 22.13 ? 3   DC  D C5    1 
ATOM   470 C  C6    . DC  D 2 3 ? -2.925  -1.650  -6.218  1.00 21.57 ? 3   DC  D C6    1 
ATOM   471 P  P     . DA  D 2 4 ? -1.723  0.945   -0.248  1.00 23.00 ? 4   DA  D P     1 
ATOM   472 O  OP1   . DA  D 2 4 ? -2.153  2.354   -0.130  1.00 22.90 ? 4   DA  D OP1   1 
ATOM   473 O  OP2   . DA  D 2 4 ? -0.279  0.550   -0.219  1.00 24.07 ? 4   DA  D OP2   1 
ATOM   474 O  "O5'" . DA  D 2 4 ? -2.495  0.070   0.853   1.00 21.70 ? 4   DA  D "O5'" 1 
ATOM   475 C  "C5'" . DA  D 2 4 ? -3.918  0.226   1.013   1.00 20.86 ? 4   DA  D "C5'" 1 
ATOM   476 C  "C4'" . DA  D 2 4 ? -4.464  -1.126  1.421   1.00 20.40 ? 4   DA  D "C4'" 1 
ATOM   477 O  "O4'" . DA  D 2 4 ? -4.526  -2.005  0.279   1.00 20.24 ? 4   DA  D "O4'" 1 
ATOM   478 C  "C3'" . DA  D 2 4 ? -3.545  -1.808  2.420   1.00 20.08 ? 4   DA  D "C3'" 1 
ATOM   479 O  "O3'" . DA  D 2 4 ? -4.360  -2.336  3.474   1.00 20.19 ? 4   DA  D "O3'" 1 
ATOM   480 C  "C2'" . DA  D 2 4 ? -2.859  -2.903  1.627   1.00 20.42 ? 4   DA  D "C2'" 1 
ATOM   481 C  "C1'" . DA  D 2 4 ? -3.921  -3.260  0.597   1.00 19.49 ? 4   DA  D "C1'" 1 
ATOM   482 N  N9    . DA  D 2 4 ? -3.373  -3.814  -0.638  1.00 20.32 ? 4   DA  D N9    1 
ATOM   483 C  C8    . DA  D 2 4 ? -2.512  -3.153  -1.478  1.00 20.06 ? 4   DA  D C8    1 
ATOM   484 N  N7    . DA  D 2 4 ? -2.178  -3.842  -2.541  1.00 20.57 ? 4   DA  D N7    1 
ATOM   485 C  C5    . DA  D 2 4 ? -2.880  -5.033  -2.404  1.00 20.15 ? 4   DA  D C5    1 
ATOM   486 C  C6    . DA  D 2 4 ? -2.947  -6.196  -3.207  1.00 19.86 ? 4   DA  D C6    1 
ATOM   487 N  N6    . DA  D 2 4 ? -2.296  -6.343  -4.370  1.00 21.42 ? 4   DA  D N6    1 
ATOM   488 N  N1    . DA  D 2 4 ? -3.702  -7.224  -2.757  1.00 20.42 ? 4   DA  D N1    1 
ATOM   489 C  C2    . DA  D 2 4 ? -4.385  -7.066  -1.614  1.00 20.34 ? 4   DA  D C2    1 
ATOM   490 N  N3    . DA  D 2 4 ? -4.417  -6.019  -0.782  1.00 20.86 ? 4   DA  D N3    1 
ATOM   491 C  C4    . DA  D 2 4 ? -3.614  -5.033  -1.231  1.00 20.21 ? 4   DA  D C4    1 
ATOM   492 P  P     . DC  D 2 5 ? -3.742  -2.956  4.779   1.00 20.19 ? 5   DC  D P     1 
ATOM   493 O  OP1   . DC  D 2 5 ? -4.737  -2.775  5.870   1.00 21.67 ? 5   DC  D OP1   1 
ATOM   494 O  OP2   . DC  D 2 5 ? -2.360  -2.499  5.039   1.00 20.78 ? 5   DC  D OP2   1 
ATOM   495 O  "O5'" . DC  D 2 5 ? -3.649  -4.526  4.546   1.00 20.71 ? 5   DC  D "O5'" 1 
ATOM   496 C  "C5'" . DC  D 2 5 ? -4.827  -5.277  4.163   1.00 21.47 ? 5   DC  D "C5'" 1 
ATOM   497 C  "C4'" . DC  D 2 5 ? -4.429  -6.664  3.694   1.00 20.64 ? 5   DC  D "C4'" 1 
ATOM   498 O  "O4'" . DC  D 2 5 ? -3.718  -6.610  2.461   1.00 20.87 ? 5   DC  D "O4'" 1 
ATOM   499 C  "C3'" . DC  D 2 5 ? -3.504  -7.404  4.666   1.00 20.67 ? 5   DC  D "C3'" 1 
ATOM   500 O  "O3'" . DC  D 2 5 ? -4.282  -8.409  5.311   1.00 22.45 ? 5   DC  D "O3'" 1 
ATOM   501 C  "C2'" . DC  D 2 5 ? -2.386  -7.975  3.799   1.00 20.14 ? 5   DC  D "C2'" 1 
ATOM   502 C  "C1'" . DC  D 2 5 ? -2.865  -7.740  2.385   1.00 20.50 ? 5   DC  D "C1'" 1 
ATOM   503 N  N1    . DC  D 2 5 ? -1.860  -7.425  1.389   1.00 19.67 ? 5   DC  D N1    1 
ATOM   504 C  C2    . DC  D 2 5 ? -1.702  -8.282  0.300   1.00 20.28 ? 5   DC  D C2    1 
ATOM   505 O  O2    . DC  D 2 5 ? -2.257  -9.400  0.327   1.00 21.64 ? 5   DC  D O2    1 
ATOM   506 N  N3    . DC  D 2 5 ? -0.838  -7.947  -0.677  1.00 19.19 ? 5   DC  D N3    1 
ATOM   507 C  C4    . DC  D 2 5 ? -0.264  -6.740  -0.675  1.00 18.86 ? 5   DC  D C4    1 
ATOM   508 N  N4    . DC  D 2 5 ? 0.490   -6.413  -1.721  1.00 19.17 ? 5   DC  D N4    1 
ATOM   509 C  C5    . DC  D 2 5 ? -0.431  -5.829  0.410   1.00 18.94 ? 5   DC  D C5    1 
ATOM   510 C  C6    . DC  D 2 5 ? -1.244  -6.202  1.404   1.00 19.66 ? 5   DC  D C6    1 
ATOM   511 P  P     . DG  D 2 6 ? -3.927  -9.008  6.727   1.00 22.23 ? 6   DG  D P     1 
ATOM   512 O  OP1   . DG  D 2 6 ? -5.245  -9.539  7.194   1.00 23.64 ? 6   DG  D OP1   1 
ATOM   513 O  OP2   . DG  D 2 6 ? -3.167  -8.076  7.584   1.00 22.45 ? 6   DG  D OP2   1 
ATOM   514 O  "O5'" . DG  D 2 6 ? -3.003  -10.244 6.396   1.00 22.35 ? 6   DG  D "O5'" 1 
ATOM   515 C  "C5'" . DG  D 2 6 ? -3.513  -11.358 5.657   1.00 22.93 ? 6   DG  D "C5'" 1 
ATOM   516 C  "C4'" . DG  D 2 6 ? -2.363  -12.256 5.266   1.00 22.75 ? 6   DG  D "C4'" 1 
ATOM   517 O  "O4'" . DG  D 2 6 ? -1.639  -11.599 4.208   1.00 22.16 ? 6   DG  D "O4'" 1 
ATOM   518 C  "C3'" . DG  D 2 6 ? -1.327  -12.559 6.350   1.00 23.37 ? 6   DG  D "C3'" 1 
ATOM   519 O  "O3'" . DG  D 2 6 ? -0.818  -13.880 6.118   1.00 24.68 ? 6   DG  D "O3'" 1 
ATOM   520 C  "C2'" . DG  D 2 6 ? -0.224  -11.558 6.062   1.00 21.37 ? 6   DG  D "C2'" 1 
ATOM   521 C  "C1'" . DG  D 2 6 ? -0.261  -11.650 4.551   1.00 21.33 ? 6   DG  D "C1'" 1 
ATOM   522 N  N9    . DG  D 2 6 ? 0.415   -10.617 3.779   1.00 19.71 ? 6   DG  D N9    1 
ATOM   523 C  C8    . DG  D 2 6 ? 0.704   -9.330  4.165   1.00 20.00 ? 6   DG  D C8    1 
ATOM   524 N  N7    . DG  D 2 6 ? 1.266   -8.628  3.218   1.00 19.45 ? 6   DG  D N7    1 
ATOM   525 C  C5    . DG  D 2 6 ? 1.329   -9.498  2.133   1.00 19.25 ? 6   DG  D C5    1 
ATOM   526 C  C6    . DG  D 2 6 ? 1.858   -9.312  0.828   1.00 19.43 ? 6   DG  D C6    1 
ATOM   527 O  O6    . DG  D 2 6 ? 2.394   -8.309  0.345   1.00 18.56 ? 6   DG  D O6    1 
ATOM   528 N  N1    . DG  D 2 6 ? 1.734   -10.459 0.056   1.00 19.60 ? 6   DG  D N1    1 
ATOM   529 C  C2    . DG  D 2 6 ? 1.185   -11.643 0.481   1.00 20.44 ? 6   DG  D C2    1 
ATOM   530 N  N2    . DG  D 2 6 ? 1.211   -12.654 -0.398  1.00 22.23 ? 6   DG  D N2    1 
ATOM   531 N  N3    . DG  D 2 6 ? 0.698   -11.834 1.699   1.00 20.58 ? 6   DG  D N3    1 
ATOM   532 C  C4    . DG  D 2 6 ? 0.812   -10.731 2.468   1.00 19.90 ? 6   DG  D C4    1 
ATOM   533 P  P     . DC  D 2 7 ? -0.725  -14.916 7.323   1.00 28.27 ? 7   DC  D P     1 
ATOM   534 O  OP1   . DC  D 2 7 ? -2.027  -15.040 8.012   1.00 29.57 ? 7   DC  D OP1   1 
ATOM   535 O  OP2   . DC  D 2 7 ? 0.486   -14.589 8.094   1.00 28.91 ? 7   DC  D OP2   1 
ATOM   536 O  "O5'" . DC  D 2 7 ? -0.358  -16.220 6.476   1.00 28.13 ? 7   DC  D "O5'" 1 
ATOM   537 C  "C5'" . DC  D 2 7 ? -1.223  -16.731 5.448   1.00 28.10 ? 7   DC  D "C5'" 1 
ATOM   538 C  "C4'" . DC  D 2 7 ? -0.428  -17.221 4.256   1.00 28.41 ? 7   DC  D "C4'" 1 
ATOM   539 O  "O4'" . DC  D 2 7 ? 0.259   -16.101 3.630   1.00 25.74 ? 7   DC  D "O4'" 1 
ATOM   540 C  "C3'" . DC  D 2 7 ? 0.651   -18.254 4.569   1.00 29.45 ? 7   DC  D "C3'" 1 
ATOM   541 O  "O3'" . DC  D 2 7 ? 0.724   -19.202 3.497   1.00 32.13 ? 7   DC  D "O3'" 1 
ATOM   542 C  "C2'" . DC  D 2 7 ? 1.920   -17.426 4.673   1.00 27.48 ? 7   DC  D "C2'" 1 
ATOM   543 C  "C1'" . DC  D 2 7 ? 1.658   -16.355 3.617   1.00 25.60 ? 7   DC  D "C1'" 1 
ATOM   544 N  N1    . DC  D 2 7 ? 2.350   -15.058 3.817   1.00 23.41 ? 7   DC  D N1    1 
ATOM   545 C  C2    . DC  D 2 7 ? 2.828   -14.409 2.682   1.00 22.83 ? 7   DC  D C2    1 
ATOM   546 O  O2    . DC  D 2 7 ? 2.767   -14.996 1.583   1.00 23.41 ? 7   DC  D O2    1 
ATOM   547 N  N3    . DC  D 2 7 ? 3.449   -13.213 2.818   1.00 20.97 ? 7   DC  D N3    1 
ATOM   548 C  C4    . DC  D 2 7 ? 3.476   -12.611 4.004   1.00 20.74 ? 7   DC  D C4    1 
ATOM   549 N  N4    . DC  D 2 7 ? 4.075   -11.424 4.084   1.00 19.94 ? 7   DC  D N4    1 
ATOM   550 C  C5    . DC  D 2 7 ? 2.954   -13.231 5.178   1.00 21.07 ? 7   DC  D C5    1 
ATOM   551 C  C6    . DC  D 2 7 ? 2.387   -14.438 5.037   1.00 22.46 ? 7   DC  D C6    1 
HETATM 552 CO CO    . NCO E 3 . ? -6.787  7.312   -3.428  1.00 19.23 ? 101 NCO A CO    1 
HETATM 553 N  N1    . NCO E 3 . ? -6.278  5.507   -2.695  1.00 21.29 ? 101 NCO A N1    1 
HETATM 554 N  N2    . NCO E 3 . ? -7.280  9.106   -4.172  1.00 20.08 ? 101 NCO A N2    1 
HETATM 555 N  N3    . NCO E 3 . ? -8.685  6.835   -3.429  1.00 24.93 ? 101 NCO A N3    1 
HETATM 556 N  N4    . NCO E 3 . ? -6.566  6.542   -5.232  1.00 22.57 ? 101 NCO A N4    1 
HETATM 557 N  N5    . NCO E 3 . ? -4.862  7.781   -3.410  1.00 20.73 ? 101 NCO A N5    1 
HETATM 558 N  N6    . NCO E 3 . ? -7.004  8.052   -1.611  1.00 19.40 ? 101 NCO A N6    1 
HETATM 559 CO CO    . NCO F 3 . ? 4.834   -6.141  2.687   1.00 20.37 ? 101 NCO B CO    1 
HETATM 560 N  N1    . NCO F 3 . ? 4.544   -5.361  4.450   1.00 20.91 ? 101 NCO B N1    1 
HETATM 561 N  N2    . NCO F 3 . ? 5.091   -6.928  0.908   1.00 20.85 ? 101 NCO B N2    1 
HETATM 562 N  N3    . NCO F 3 . ? 6.760   -6.395  3.104   1.00 25.49 ? 101 NCO B N3    1 
HETATM 563 N  N4    . NCO F 3 . ? 4.470   -7.952  3.418   1.00 20.41 ? 101 NCO B N4    1 
HETATM 564 N  N5    . NCO F 3 . ? 2.873   -5.886  2.285   1.00 19.55 ? 101 NCO B N5    1 
HETATM 565 N  N6    . NCO F 3 . ? 5.235   -4.368  1.951   1.00 24.04 ? 101 NCO B N6    1 
HETATM 566 CO CO    . 3CO G 4 . ? -7.563  0.498   6.084   0.50 31.51 ? 102 3CO B CO    1 
HETATM 567 CO CO    . 3CO H 4 . ? -7.429  -0.297  7.580   0.50 38.82 ? 103 3CO B CO    1 
HETATM 568 CO CO    . 3CO I 4 . ? 17.777  -4.582  -3.122  0.50 21.94 ? 104 3CO B CO    1 
HETATM 569 CO CO    . 3CO J 4 . ? 17.595  -6.481  -2.329  0.50 38.15 ? 105 3CO B CO    1 
HETATM 570 CO CO    . 3CO K 4 . ? -6.466  -17.690 -11.167 0.50 29.45 ? 101 3CO C CO    1 
HETATM 571 CO CO    . 3CO L 4 . ? -6.567  -17.813 -12.888 0.50 57.14 ? 102 3CO C CO    1 
HETATM 572 O  O     . HOH M 5 . ? 2.180   7.989   -3.360  1.00 27.41 ? 201 HOH A O     1 
HETATM 573 O  O     . HOH M 5 . ? -5.203  8.760   -7.106  1.00 32.42 ? 202 HOH A O     1 
HETATM 574 O  O     . HOH M 5 . ? 8.847   10.787  3.463   1.00 29.90 ? 203 HOH A O     1 
HETATM 575 O  O     . HOH M 5 . ? 3.748   10.270  -3.934  1.00 33.49 ? 204 HOH A O     1 
HETATM 576 O  O     . HOH M 5 . ? 9.188   9.046   1.608   1.00 32.89 ? 205 HOH A O     1 
HETATM 577 O  O     . HOH M 5 . ? 1.251   9.182   6.365   1.00 37.65 ? 206 HOH A O     1 
HETATM 578 O  O     . HOH M 5 . ? 0.835   6.734   -5.058  1.00 33.70 ? 207 HOH A O     1 
HETATM 579 O  O     . HOH M 5 . ? 15.291  0.166   10.922  1.00 30.49 ? 208 HOH A O     1 
HETATM 580 O  O     . HOH M 5 . ? 10.958  9.794   4.809   1.00 33.11 ? 209 HOH A O     1 
HETATM 581 O  O     . HOH M 5 . ? 1.652   12.118  7.262   1.00 42.13 ? 210 HOH A O     1 
HETATM 582 O  O     . HOH M 5 . ? 8.518   13.704  3.154   1.00 34.36 ? 211 HOH A O     1 
HETATM 583 O  O     . HOH M 5 . ? 5.527   2.316   7.700   0.50 24.58 ? 214 HOH A O     1 
HETATM 584 O  O     . HOH M 5 . ? 3.967   4.698   7.914   0.50 21.08 ? 215 HOH A O     1 
HETATM 585 O  O     . HOH N 5 . ? 3.678   -4.724  -0.705  1.00 23.88 ? 201 HOH B O     1 
HETATM 586 O  O     . HOH N 5 . ? 2.262   3.698   -2.003  1.00 26.79 ? 202 HOH B O     1 
HETATM 587 O  O     . HOH N 5 . ? 3.926   6.044   -2.644  1.00 26.30 ? 203 HOH B O     1 
HETATM 588 O  O     . HOH N 5 . ? -4.681  3.694   3.090   1.00 20.61 ? 204 HOH B O     1 
HETATM 589 O  O     . HOH N 5 . ? -3.570  6.006   -1.297  1.00 25.04 ? 205 HOH B O     1 
HETATM 590 O  O     . HOH N 5 . ? -9.611  8.173   5.885   1.00 33.81 ? 206 HOH B O     1 
HETATM 591 O  O     . HOH N 5 . ? -10.050 10.715  5.000   1.00 40.79 ? 207 HOH B O     1 
HETATM 592 O  O     . HOH N 5 . ? -8.549  8.740   2.190   1.00 21.70 ? 208 HOH B O     1 
HETATM 593 O  O     . HOH N 5 . ? -12.039 12.196  3.212   1.00 33.86 ? 209 HOH B O     1 
HETATM 594 O  O     . HOH N 5 . ? 11.775  -3.622  0.406   1.00 38.79 ? 210 HOH B O     1 
HETATM 595 O  O     . HOH N 5 . ? 11.521  0.320   1.496   1.00 25.26 ? 211 HOH B O     1 
HETATM 596 O  O     . HOH N 5 . ? -5.919  6.070   0.528   1.00 22.62 ? 212 HOH B O     1 
HETATM 597 O  O     . HOH N 5 . ? 1.367   5.579   6.731   1.00 26.71 ? 213 HOH B O     1 
HETATM 598 O  O     . HOH N 5 . ? -7.033  4.784   3.844   1.00 27.64 ? 214 HOH B O     1 
HETATM 599 O  O     . HOH N 5 . ? 4.849   -5.943  -3.841  1.00 33.86 ? 215 HOH B O     1 
HETATM 600 O  O     . HOH N 5 . ? 0.401   3.908   -3.745  1.00 34.00 ? 216 HOH B O     1 
HETATM 601 O  O     . HOH N 5 . ? 7.661   -4.891  5.795   1.00 32.24 ? 217 HOH B O     1 
HETATM 602 O  O     . HOH N 5 . ? 8.116   -3.456  1.053   1.00 39.96 ? 218 HOH B O     1 
HETATM 603 O  O     . HOH N 5 . ? 4.091   0.891   4.455   1.00 30.21 ? 219 HOH B O     1 
HETATM 604 O  O     . HOH N 5 . ? 6.469   -1.641  2.272   1.00 61.35 ? 220 HOH B O     1 
HETATM 605 O  O     . HOH N 5 . ? 8.289   -1.065  2.704   1.00 29.99 ? 221 HOH B O     1 
HETATM 606 O  O     . HOH N 5 . ? 1.170   2.581   7.393   1.00 33.30 ? 222 HOH B O     1 
HETATM 607 O  O     . HOH N 5 . ? -1.597  10.624  5.687   1.00 30.69 ? 223 HOH B O     1 
HETATM 608 O  O     . HOH N 5 . ? -7.257  6.611   5.727   1.00 31.07 ? 224 HOH B O     1 
HETATM 609 O  O     . HOH N 5 . ? -3.583  13.397  4.643   1.00 24.60 ? 225 HOH B O     1 
HETATM 610 O  O     . HOH N 5 . ? -2.820  18.639  6.863   1.00 40.24 ? 226 HOH B O     1 
HETATM 611 O  O     . HOH N 5 . ? 0.234   -2.167  0.068   1.00 20.69 ? 227 HOH B O     1 
HETATM 612 O  O     . HOH N 5 . ? 13.581  4.021   -0.972  1.00 35.84 ? 228 HOH B O     1 
HETATM 613 O  O     . HOH N 5 . ? 9.352   -3.957  -5.020  1.00 48.88 ? 229 HOH B O     1 
HETATM 614 O  O     . HOH N 5 . ? 13.858  -3.325  -3.529  1.00 41.38 ? 230 HOH B O     1 
HETATM 615 O  O     . HOH N 5 . ? 9.605   2.619   -4.218  1.00 37.23 ? 231 HOH B O     1 
HETATM 616 O  O     . HOH N 5 . ? 7.205   -5.218  -0.862  1.00 33.78 ? 232 HOH B O     1 
HETATM 617 O  O     . HOH N 5 . ? 10.934  8.331   -1.405  1.00 29.70 ? 233 HOH B O     1 
HETATM 618 O  O     . HOH N 5 . ? 2.482   -2.396  6.340   1.00 31.74 ? 234 HOH B O     1 
HETATM 619 O  O     . HOH N 5 . ? 6.137   -0.513  4.916   0.50 26.72 ? 235 HOH B O     1 
HETATM 620 O  O     . HOH O 5 . ? -18.093 -10.087 -3.562  1.00 31.01 ? 201 HOH C O     1 
HETATM 621 O  O     . HOH O 5 . ? -6.450  -12.166 -0.149  1.00 35.16 ? 202 HOH C O     1 
HETATM 622 O  O     . HOH O 5 . ? -6.857  -9.410  -8.809  1.00 31.42 ? 203 HOH C O     1 
HETATM 623 O  O     . HOH O 5 . ? -10.509 -4.490  -2.201  1.00 30.77 ? 204 HOH C O     1 
HETATM 624 O  O     . HOH O 5 . ? -18.376 -2.233  -10.293 1.00 26.45 ? 205 HOH C O     1 
HETATM 625 O  O     . HOH O 5 . ? -21.191 -7.370  -7.530  1.00 30.45 ? 206 HOH C O     1 
HETATM 626 O  O     . HOH O 5 . ? -2.140  -7.556  -8.213  1.00 35.92 ? 207 HOH C O     1 
HETATM 627 O  O     . HOH O 5 . ? 2.098   -8.268  -7.761  1.00 41.29 ? 208 HOH C O     1 
HETATM 628 O  O     . HOH O 5 . ? -8.662  -6.565  -0.971  1.00 29.88 ? 209 HOH C O     1 
HETATM 629 O  O     . HOH O 5 . ? -13.288 -13.376 -0.537  1.00 36.55 ? 211 HOH C O     1 
HETATM 630 O  O     . HOH P 5 . ? -6.468  -1.288  -1.970  1.00 29.54 ? 101 HOH D O     1 
HETATM 631 O  O     . HOH P 5 . ? -6.577  -6.201  1.034   1.00 27.88 ? 102 HOH D O     1 
HETATM 632 O  O     . HOH P 5 . ? 1.416   -3.721  -1.745  1.00 19.50 ? 103 HOH D O     1 
HETATM 633 O  O     . HOH P 5 . ? 1.812   -2.535  -4.172  1.00 38.61 ? 104 HOH D O     1 
HETATM 634 O  O     . HOH P 5 . ? -4.450  3.460   0.347   1.00 21.06 ? 105 HOH D O     1 
HETATM 635 O  O     . HOH P 5 . ? -1.145  4.467   -1.642  1.00 20.99 ? 106 HOH D O     1 
HETATM 636 O  O     . HOH P 5 . ? 1.396   0.863   -2.350  1.00 24.59 ? 108 HOH D O     1 
HETATM 637 O  O     . HOH P 5 . ? -1.816  7.406   -5.160  1.00 30.07 ? 109 HOH D O     1 
HETATM 638 O  O     . HOH P 5 . ? -3.302  -11.646 1.916   1.00 31.40 ? 110 HOH D O     1 
HETATM 639 O  O     . HOH P 5 . ? -0.835  -14.108 1.931   1.00 25.00 ? 111 HOH D O     1 
HETATM 640 O  O     . HOH P 5 . ? 3.501   -10.316 6.633   1.00 26.31 ? 112 HOH D O     1 
HETATM 641 O  O     . HOH P 5 . ? -2.538  -4.301  -10.292 1.00 42.34 ? 113 HOH D O     1 
HETATM 642 O  O     . HOH P 5 . ? -0.695  0.402   -7.169  1.00 35.61 ? 114 HOH D O     1 
HETATM 643 O  O     . HOH P 5 . ? -2.444  0.524   -11.793 1.00 49.50 ? 115 HOH D O     1 
HETATM 644 O  O     . HOH P 5 . ? -3.468  -5.559  8.460   1.00 31.90 ? 116 HOH D O     1 
HETATM 645 O  O     . HOH P 5 . ? -9.712  -0.216  -3.081  1.00 34.78 ? 117 HOH D O     1 
HETATM 646 O  O     . HOH P 5 . ? -0.739  -1.877  6.872   1.00 33.83 ? 118 HOH D O     1 
HETATM 647 O  O     . HOH P 5 . ? -6.757  2.150   -0.718  1.00 34.57 ? 119 HOH D O     1 
HETATM 648 O  O     . HOH P 5 . ? -3.577  4.197   -11.880 0.50 30.82 ? 120 HOH D O     1 
# 
loop_
_atom_site_anisotrop.id 
_atom_site_anisotrop.type_symbol 
_atom_site_anisotrop.pdbx_label_atom_id 
_atom_site_anisotrop.pdbx_label_alt_id 
_atom_site_anisotrop.pdbx_label_comp_id 
_atom_site_anisotrop.pdbx_label_asym_id 
_atom_site_anisotrop.pdbx_label_seq_id 
_atom_site_anisotrop.pdbx_PDB_ins_code 
_atom_site_anisotrop.U[1][1] 
_atom_site_anisotrop.U[2][2] 
_atom_site_anisotrop.U[3][3] 
_atom_site_anisotrop.U[1][2] 
_atom_site_anisotrop.U[1][3] 
_atom_site_anisotrop.U[2][3] 
_atom_site_anisotrop.pdbx_auth_seq_id 
_atom_site_anisotrop.pdbx_auth_comp_id 
_atom_site_anisotrop.pdbx_auth_asym_id 
_atom_site_anisotrop.pdbx_auth_atom_id 
1   O "O5'" . DG  A 1 ? 0.5157 0.5134 0.5230 -0.0282 -0.0368 0.0615  1 DG  A "O5'" 
2   C "C5'" . DG  A 1 ? 0.4948 0.4812 0.5115 -0.0297 -0.0465 0.0762  1 DG  A "C5'" 
3   C "C4'" . DG  A 1 ? 0.4601 0.4219 0.4832 -0.0301 -0.0511 0.0747  1 DG  A "C4'" 
4   O "O4'" . DG  A 1 ? 0.4038 0.3479 0.4266 -0.0205 -0.0491 0.0583  1 DG  A "O4'" 
5   C "C3'" . DG  A 1 ? 0.4418 0.4107 0.4606 -0.0384 -0.0487 0.0748  1 DG  A "C3'" 
6   O "O3'" . DG  A 1 ? 0.4451 0.4038 0.4754 -0.0455 -0.0573 0.0885  1 DG  A "O3'" 
7   C "C2'" . DG  A 1 ? 0.4164 0.3750 0.4296 -0.0319 -0.0431 0.0568  1 DG  A "C2'" 
8   C "C1'" . DG  A 1 ? 0.3716 0.3115 0.3900 -0.0217 -0.0458 0.0492  1 DG  A "C1'" 
9   N N9    . DG  A 1 ? 0.2992 0.2397 0.3105 -0.0136 -0.0388 0.0347  1 DG  A N9    
10  C C8    . DG  A 1 ? 0.3119 0.2667 0.3162 -0.0120 -0.0310 0.0307  1 DG  A C8    
11  N N7    . DG  A 1 ? 0.2771 0.2287 0.2784 -0.0051 -0.0265 0.0204  1 DG  A N7    
12  C C5    . DG  A 1 ? 0.2691 0.2069 0.2747 -0.0011 -0.0315 0.0158  1 DG  A C5    
13  C C6    . DG  A 1 ? 0.2542 0.1890 0.2591 0.0065  -0.0300 0.0048  1 DG  A C6    
14  O O6    . DG  A 1 ? 0.2520 0.1947 0.2522 0.0108  -0.0237 0.0000  1 DG  A O6    
15  N N1    . DG  A 1 ? 0.2689 0.1928 0.2812 0.0086  -0.0369 -0.0004 1 DG  A N1    
16  C C2    . DG  A 1 ? 0.2726 0.1855 0.2939 0.0032  -0.0445 0.0056  1 DG  A C2    
17  N N2    . DG  A 1 ? 0.2759 0.1783 0.3075 0.0060  -0.0507 -0.0035 1 DG  A N2    
18  N N3    . DG  A 1 ? 0.2890 0.2034 0.3109 -0.0047 -0.0460 0.0192  1 DG  A N3    
19  C C4    . DG  A 1 ? 0.2861 0.2149 0.2991 -0.0060 -0.0393 0.0231  1 DG  A C4    
20  P P     . DC  A 2 ? 0.4750 0.4415 0.5041 -0.0561 -0.0571 0.0924  2 DC  A P     
21  O OP1   . DC  A 2 ? 0.4580 0.4203 0.5014 -0.0650 -0.0666 0.1131  2 DC  A OP1   
22  O OP2   . DC  A 2 ? 0.4839 0.4788 0.5003 -0.0595 -0.0486 0.0874  2 DC  A OP2   
23  O "O5'" . DC  A 2 ? 0.4325 0.3755 0.4639 -0.0502 -0.0572 0.0760  2 DC  A "O5'" 
24  C "C5'" . DC  A 2 ? 0.3876 0.3051 0.4322 -0.0444 -0.0641 0.0722  2 DC  A "C5'" 
25  C "C4'" . DC  A 2 ? 0.3671 0.2757 0.4085 -0.0379 -0.0611 0.0525  2 DC  A "C4'" 
26  O "O4'" . DC  A 2 ? 0.3238 0.2429 0.3515 -0.0300 -0.0526 0.0426  2 DC  A "O4'" 
27  C "C3'" . DC  A 2 ? 0.3796 0.2955 0.4171 -0.0451 -0.0592 0.0501  2 DC  A "C3'" 
28  O "O3'" . DC  A 2 ? 0.4168 0.3157 0.4706 -0.0491 -0.0674 0.0497  2 DC  A "O3'" 
29  C "C2'" . DC  A 2 ? 0.3498 0.2735 0.3744 -0.0371 -0.0509 0.0347  2 DC  A "C2'" 
30  C "C1'" . DC  A 2 ? 0.3258 0.2456 0.3482 -0.0269 -0.0488 0.0295  2 DC  A "C1'" 
31  N N1    . DC  A 2 ? 0.2936 0.2263 0.3039 -0.0216 -0.0398 0.0240  2 DC  A N1    
32  C C2    . DC  A 2 ? 0.2695 0.2005 0.2771 -0.0124 -0.0367 0.0121  2 DC  A C2    
33  O O2    . DC  A 2 ? 0.2683 0.1910 0.2817 -0.0092 -0.0413 0.0038  2 DC  A O2    
34  N N3    . DC  A 2 ? 0.2726 0.2134 0.2725 -0.0081 -0.0290 0.0095  2 DC  A N3    
35  C C4    . DC  A 2 ? 0.2691 0.2199 0.2658 -0.0118 -0.0245 0.0153  2 DC  A C4    
36  N N4    . DC  A 2 ? 0.2573 0.2155 0.2510 -0.0077 -0.0174 0.0116  2 DC  A N4    
37  C C5    . DC  A 2 ? 0.3041 0.2604 0.3026 -0.0203 -0.0274 0.0246  2 DC  A C5    
38  C C6    . DC  A 2 ? 0.2984 0.2458 0.3029 -0.0251 -0.0350 0.0303  2 DC  A C6    
39  P P     . DG  A 3 ? 0.4307 0.3340 0.4871 -0.0590 -0.0686 0.0490  3 DG  A P     
40  O OP1   . DG  A 3 ? 0.4833 0.3690 0.5619 -0.0665 -0.0784 0.0556  3 DG  A OP1   
41  O OP2   . DG  A 3 ? 0.4364 0.3639 0.4781 -0.0650 -0.0618 0.0559  3 DG  A OP2   
42  O "O5'" . DG  A 3 ? 0.4016 0.3054 0.4517 -0.0499 -0.0646 0.0272  3 DG  A "O5'" 
43  C "C5'" . DG  A 3 ? 0.3685 0.2574 0.4298 -0.0418 -0.0690 0.0124  3 DG  A "C5'" 
44  C "C4'" . DG  A 3 ? 0.3427 0.2439 0.3931 -0.0337 -0.0633 -0.0050 3 DG  A "C4'" 
45  O "O4'" . DG  A 3 ? 0.3072 0.2199 0.3411 -0.0268 -0.0551 -0.0028 3 DG  A "O4'" 
46  C "C3'" . DG  A 3 ? 0.3441 0.2593 0.3888 -0.0398 -0.0609 -0.0074 3 DG  A "C3'" 
47  O "O3'" . DG  A 3 ? 0.3881 0.3118 0.4324 -0.0335 -0.0603 -0.0252 3 DG  A "O3'" 
48  C "C2'" . DG  A 3 ? 0.3151 0.2467 0.3421 -0.0386 -0.0522 0.0007  3 DG  A "C2'" 
49  C "C1'" . DG  A 3 ? 0.3064 0.2362 0.3284 -0.0275 -0.0488 -0.0043 3 DG  A "C1'" 
50  N N9    . DG  A 3 ? 0.2732 0.2122 0.2838 -0.0252 -0.0414 0.0031  3 DG  A N9    
51  C C8    . DG  A 3 ? 0.2723 0.2186 0.2793 -0.0316 -0.0390 0.0144  3 DG  A C8    
52  N N7    . DG  A 3 ? 0.2875 0.2422 0.2872 -0.0269 -0.0321 0.0148  3 DG  A N7    
53  C C5    . DG  A 3 ? 0.2534 0.2058 0.2510 -0.0177 -0.0300 0.0061  3 DG  A C5    
54  C C6    . DG  A 3 ? 0.2474 0.2059 0.2403 -0.0107 -0.0232 0.0042  3 DG  A C6    
55  O O6    . DG  A 3 ? 0.2472 0.2117 0.2382 -0.0109 -0.0181 0.0079  3 DG  A O6    
56  N N1    . DG  A 3 ? 0.2470 0.2059 0.2394 -0.0033 -0.0233 -0.0035 3 DG  A N1    
57  C C2    . DG  A 3 ? 0.2598 0.2155 0.2563 -0.0022 -0.0290 -0.0118 3 DG  A C2    
58  N N2    . DG  A 3 ? 0.2417 0.2054 0.2373 0.0055  -0.0280 -0.0204 3 DG  A N2    
59  N N3    . DG  A 3 ? 0.2693 0.2165 0.2728 -0.0084 -0.0355 -0.0123 3 DG  A N3    
60  C C4    . DG  A 3 ? 0.2707 0.2162 0.2740 -0.0163 -0.0356 -0.0016 3 DG  A C4    
61  F F     . XTF A 4 ? 0.3796 0.3946 0.3796 -0.0098 -0.0376 -0.0434 4 XTF A F     
62  C "C2'" . XTF A 4 ? 0.3651 0.3577 0.3742 -0.0132 -0.0427 -0.0454 4 XTF A "C2'" 
63  C "C1'" . XTF A 4 ? 0.3250 0.3110 0.3284 -0.0072 -0.0382 -0.0378 4 XTF A "C1'" 
64  N N1    . XTF A 4 ? 0.3058 0.2884 0.3030 -0.0103 -0.0333 -0.0231 4 XTF A N1    
65  C C6    . XTF A 4 ? 0.2888 0.2638 0.2891 -0.0193 -0.0356 -0.0161 4 XTF A C6    
66  C C5    . XTF A 4 ? 0.2946 0.2713 0.2906 -0.0219 -0.0313 -0.0055 4 XTF A C5    
67  C C5M   . XTF A 4 ? 0.3225 0.2983 0.3210 -0.0325 -0.0335 0.0027  4 XTF A C5M   
68  C C2    . XTF A 4 ? 0.2730 0.2618 0.2637 -0.0042 -0.0267 -0.0173 4 XTF A C2    
69  O O2    . XTF A 4 ? 0.2906 0.2897 0.2785 0.0032  -0.0242 -0.0211 4 XTF A O2    
70  N N3    . XTF A 4 ? 0.2696 0.2559 0.2581 -0.0068 -0.0227 -0.0076 4 XTF A N3    
71  C C4    . XTF A 4 ? 0.2691 0.2513 0.2597 -0.0150 -0.0246 -0.0028 4 XTF A C4    
72  O O4    . XTF A 4 ? 0.2656 0.2503 0.2551 -0.0172 -0.0209 0.0035  4 XTF A O4    
73  C "C7'" . XTF A 4 ? 0.3474 0.3130 0.3610 -0.0073 -0.0438 -0.0417 4 XTF A "C7'" 
74  C "C6'" . XTF A 4 ? 0.3758 0.3328 0.4036 -0.0091 -0.0513 -0.0534 4 XTF A "C6'" 
75  C "C3'" . XTF A 4 ? 0.4021 0.3964 0.4221 -0.0104 -0.0485 -0.0642 4 XTF A "C3'" 
76  O "O3'" . XTF A 4 ? 0.4640 0.4775 0.4770 -0.0002 -0.0447 -0.0706 4 XTF A "O3'" 
77  C "C4'" . XTF A 4 ? 0.4053 0.3739 0.4397 -0.0119 -0.0549 -0.0673 4 XTF A "C4'" 
78  C "C5'" . XTF A 4 ? 0.4204 0.3705 0.4702 -0.0229 -0.0620 -0.0650 4 XTF A "C5'" 
79  O "O5'" . XTF A 4 ? 0.4171 0.3708 0.4570 -0.0303 -0.0583 -0.0488 4 XTF A "O5'" 
80  P P     . XTF A 4 ? 0.4502 0.3854 0.4966 -0.0403 -0.0615 -0.0317 4 XTF A P     
81  O OP1   . XTF A 4 ? 0.4220 0.3712 0.4561 -0.0462 -0.0562 -0.0190 4 XTF A OP1   
82  O OP2   . XTF A 4 ? 0.4701 0.3872 0.5390 -0.0472 -0.0709 -0.0360 4 XTF A OP2   
83  P P     . DG  A 5 ? 0.5494 0.5979 0.5571 0.0036  -0.0428 -0.0797 5 DG  A P     
84  O OP1   . DG  A 5 ? 0.5224 0.5833 0.5367 0.0101  -0.0458 -0.0987 5 DG  A OP1   
85  O OP2   . DG  A 5 ? 0.5217 0.5750 0.5319 -0.0041 -0.0449 -0.0804 5 DG  A OP2   
86  O "O5'" . DG  A 5 ? 0.5005 0.5640 0.4940 0.0087  -0.0344 -0.0629 5 DG  A "O5'" 
87  C "C5'" . DG  A 5 ? 0.4418 0.5116 0.4307 0.0162  -0.0306 -0.0601 5 DG  A "C5'" 
88  C "C4'" . DG  A 5 ? 0.3714 0.4588 0.3517 0.0198  -0.0236 -0.0440 5 DG  A "C4'" 
89  O "O4'" . DG  A 5 ? 0.3530 0.4186 0.3324 0.0166  -0.0203 -0.0295 5 DG  A "O4'" 
90  C "C3'" . DG  A 5 ? 0.3541 0.4680 0.3317 0.0198  -0.0234 -0.0434 5 DG  A "C3'" 
91  O "O3'" . DG  A 5 ? 0.3578 0.5000 0.3305 0.0268  -0.0191 -0.0364 5 DG  A "O3'" 
92  C "C2'" . DG  A 5 ? 0.3280 0.4280 0.3052 0.0155  -0.0211 -0.0299 5 DG  A "C2'" 
93  C "C1'" . DG  A 5 ? 0.3211 0.3963 0.2987 0.0155  -0.0178 -0.0201 5 DG  A "C1'" 
94  N N9    . DG  A 5 ? 0.2930 0.3464 0.2732 0.0087  -0.0184 -0.0159 5 DG  A N9    
95  C C8    . DG  A 5 ? 0.2873 0.3298 0.2708 0.0009  -0.0234 -0.0219 5 DG  A C8    
96  N N7    . DG  A 5 ? 0.2690 0.2979 0.2538 -0.0043 -0.0224 -0.0145 5 DG  A N7    
97  C C5    . DG  A 5 ? 0.2585 0.2885 0.2416 0.0009  -0.0162 -0.0055 5 DG  A C5    
98  C C6    . DG  A 5 ? 0.2583 0.2810 0.2435 -0.0010 -0.0125 0.0019  5 DG  A C6    
99  O O6    . DG  A 5 ? 0.2643 0.2812 0.2511 -0.0079 -0.0138 0.0029  5 DG  A O6    
100 N N1    . DG  A 5 ? 0.2534 0.2786 0.2407 0.0055  -0.0070 0.0079  5 DG  A N1    
101 C C2    . DG  A 5 ? 0.2582 0.2932 0.2443 0.0123  -0.0051 0.0101  5 DG  A C2    
102 N N2    . DG  A 5 ? 0.2724 0.3075 0.2637 0.0167  0.0001  0.0185  5 DG  A N2    
103 N N3    . DG  A 5 ? 0.2690 0.3156 0.2509 0.0142  -0.0083 0.0041  5 DG  A N3    
104 C C4    . DG  A 5 ? 0.2612 0.3043 0.2424 0.0085  -0.0138 -0.0049 5 DG  A C4    
105 P P     . DC  A 6 ? 0.3630 0.5436 0.3323 0.0298  -0.0182 -0.0324 6 DC  A P     
106 O OP1   . DC  A 6 ? 0.3734 0.5865 0.3394 0.0360  -0.0165 -0.0336 6 DC  A OP1   
107 O OP2   . DC  A 6 ? 0.3367 0.5241 0.3086 0.0252  -0.0233 -0.0469 6 DC  A OP2   
108 O "O5'" . DC  A 6 ? 0.3468 0.5218 0.3160 0.0313  -0.0129 -0.0088 6 DC  A "O5'" 
109 C "C5'" . DC  A 6 ? 0.3333 0.4978 0.3039 0.0343  -0.0078 0.0064  6 DC  A "C5'" 
110 C "C4'" . DC  A 6 ? 0.3334 0.4847 0.3095 0.0343  -0.0045 0.0226  6 DC  A "C4'" 
111 O "O4'" . DC  A 6 ? 0.3039 0.4250 0.2818 0.0282  -0.0061 0.0157  6 DC  A "O4'" 
112 C "C3'" . DC  A 6 ? 0.3105 0.4867 0.2878 0.0368  -0.0048 0.0304  6 DC  A "C3'" 
113 O "O3'" . DC  A 6 ? 0.3117 0.4882 0.2973 0.0414  -0.0004 0.0510  6 DC  A "O3'" 
114 C "C2'" . DC  A 6 ? 0.3023 0.4591 0.2816 0.0314  -0.0069 0.0240  6 DC  A "C2'" 
115 C "C1'" . DC  A 6 ? 0.3006 0.4235 0.2828 0.0280  -0.0052 0.0232  6 DC  A "C1'" 
116 N N1    . DC  A 6 ? 0.2723 0.3752 0.2547 0.0207  -0.0078 0.0142  6 DC  A N1    
117 C C2    . DC  A 6 ? 0.2754 0.3584 0.2634 0.0186  -0.0052 0.0189  6 DC  A C2    
118 O O2    . DC  A 6 ? 0.2764 0.3561 0.2709 0.0231  -0.0007 0.0287  6 DC  A O2    
119 N N3    . DC  A 6 ? 0.2479 0.3188 0.2356 0.0111  -0.0076 0.0125  6 DC  A N3    
120 C C4    . DC  A 6 ? 0.2622 0.3356 0.2460 0.0054  -0.0127 0.0032  6 DC  A C4    
121 N N4    . DC  A 6 ? 0.2735 0.3370 0.2587 -0.0029 -0.0150 0.0003  6 DC  A N4    
122 C C5    . DC  A 6 ? 0.2734 0.3632 0.2539 0.0075  -0.0157 -0.0038 6 DC  A C5    
123 C C6    . DC  A 6 ? 0.2775 0.3836 0.2564 0.0154  -0.0130 0.0013  6 DC  A C6    
124 P P     . DG  A 7 ? 0.3383 0.5504 0.3277 0.0480  0.0008  0.0691  7 DG  A P     
125 O OP1   . DG  A 7 ? 0.3316 0.5334 0.3352 0.0518  0.0050  0.0904  7 DG  A OP1   
126 O OP2   . DG  A 7 ? 0.3268 0.5765 0.3067 0.0495  -0.0010 0.0637  7 DG  A OP2   
127 O "O5'" . DG  A 7 ? 0.2967 0.5168 0.2880 0.0481  -0.0017 0.0676  7 DG  A "O5'" 
128 C "C5'" . DG  A 7 ? 0.3088 0.5023 0.3090 0.0466  -0.0009 0.0684  7 DG  A "C5'" 
129 C "C4'" . DG  A 7 ? 0.2882 0.4976 0.2871 0.0461  -0.0040 0.0634  7 DG  A "C4'" 
130 O "O4'" . DG  A 7 ? 0.2897 0.5000 0.2775 0.0389  -0.0079 0.0431  7 DG  A "O4'" 
131 C "C3'" . DG  A 7 ? 0.2975 0.5471 0.2976 0.0530  -0.0048 0.0765  7 DG  A "C3'" 
132 O "O3'" . DG  A 7 ? 0.2964 0.5455 0.3119 0.0597  -0.0030 0.0947  7 DG  A "O3'" 
133 C "C2'" . DG  A 7 ? 0.2903 0.5607 0.2805 0.0487  -0.0092 0.0596  7 DG  A "C2'" 
134 C "C1'" . DG  A 7 ? 0.2905 0.5379 0.2728 0.0404  -0.0108 0.0393  7 DG  A "C1'" 
135 N N9    . DG  A 7 ? 0.3002 0.5628 0.2754 0.0407  -0.0116 0.0320  7 DG  A N9    
136 C C8    . DG  A 7 ? 0.3207 0.6167 0.2943 0.0470  -0.0102 0.0431  7 DG  A C8    
137 N N7    . DG  A 7 ? 0.3390 0.6441 0.3068 0.0457  -0.0111 0.0306  7 DG  A N7    
138 C C5    . DG  A 7 ? 0.3154 0.5871 0.2824 0.0387  -0.0137 0.0112  7 DG  A C5    
139 C C6    . DG  A 7 ? 0.3325 0.5957 0.2971 0.0354  -0.0164 -0.0088 7 DG  A C6    
140 O O6    . DG  A 7 ? 0.3466 0.6318 0.3087 0.0384  -0.0166 -0.0159 7 DG  A O6    
141 N N1    . DG  A 7 ? 0.3040 0.5301 0.2718 0.0283  -0.0190 -0.0202 7 DG  A N1    
142 C C2    . DG  A 7 ? 0.3183 0.5237 0.2889 0.0242  -0.0189 -0.0144 7 DG  A C2    
143 N N2    . DG  A 7 ? 0.3213 0.4969 0.2946 0.0164  -0.0219 -0.0248 7 DG  A N2    
144 N N3    . DG  A 7 ? 0.2988 0.5140 0.2709 0.0274  -0.0162 0.0010  7 DG  A N3    
145 C C4    . DG  A 7 ? 0.3094 0.5556 0.2805 0.0350  -0.0139 0.0134  7 DG  A C4    
146 O "O5'" . DC  B 1 ? 0.2491 0.3858 0.3503 0.0327  0.0084  -0.0062 1 DC  B "O5'" 
147 C "C5'" . DC  B 1 ? 0.2486 0.3648 0.3411 0.0321  0.0091  0.0036  1 DC  B "C5'" 
148 C "C4'" . DC  B 1 ? 0.2466 0.3591 0.3151 0.0205  0.0071  0.0023  1 DC  B "C4'" 
149 O "O4'" . DC  B 1 ? 0.2456 0.3701 0.3001 0.0173  0.0033  0.0059  1 DC  B "O4'" 
150 C "C3'" . DC  B 1 ? 0.2478 0.3680 0.3138 0.0112  0.0074  -0.0095 1 DC  B "C3'" 
151 O "O3'" . DC  B 1 ? 0.2837 0.3888 0.3387 0.0048  0.0074  -0.0083 1 DC  B "O3'" 
152 C "C2'" . DC  B 1 ? 0.2378 0.3762 0.2921 0.0040  0.0038  -0.0105 1 DC  B "C2'" 
153 C "C1'" . DC  B 1 ? 0.2293 0.3609 0.2724 0.0056  0.0012  -0.0008 1 DC  B "C1'" 
154 N N1    . DC  B 1 ? 0.2137 0.3644 0.2519 0.0033  -0.0019 -0.0010 1 DC  B N1    
155 C C2    . DC  B 1 ? 0.2351 0.3850 0.2586 -0.0050 -0.0058 0.0006  1 DC  B C2    
156 O O2    . DC  B 1 ? 0.2423 0.3748 0.2578 -0.0095 -0.0068 0.0022  1 DC  B O2    
157 N N3    . DC  B 1 ? 0.2174 0.3865 0.2379 -0.0082 -0.0085 -0.0010 1 DC  B N3    
158 C C4    . DC  B 1 ? 0.2093 0.3983 0.2394 -0.0023 -0.0075 -0.0029 1 DC  B C4    
159 N N4    . DC  B 1 ? 0.1933 0.4030 0.2200 -0.0056 -0.0103 -0.0045 1 DC  B N4    
160 C C5    . DC  B 1 ? 0.2081 0.3975 0.2542 0.0074  -0.0039 -0.0043 1 DC  B C5    
161 C C6    . DC  B 1 ? 0.2132 0.3830 0.2636 0.0092  -0.0012 -0.0041 1 DC  B C6    
162 P P     . DG  B 2 ? 0.3032 0.4088 0.3617 -0.0004 0.0096  -0.0169 2 DG  B P     
163 O OP1   . DG  B 2 ? 0.2883 0.4086 0.3662 0.0040  0.0124  -0.0284 2 DG  B OP1   
164 O OP2   . DG  B 2 ? 0.3078 0.4175 0.3491 -0.0121 0.0062  -0.0149 2 DG  B OP2   
165 O "O5'" . DG  B 2 ? 0.2928 0.3751 0.3534 0.0044  0.0116  -0.0115 2 DG  B "O5'" 
166 C "C5'" . DG  B 2 ? 0.2691 0.3439 0.3485 0.0148  0.0146  -0.0092 2 DG  B "C5'" 
167 C "C4'" . DG  B 2 ? 0.2500 0.3056 0.3261 0.0164  0.0159  -0.0014 2 DG  B "C4'" 
168 O "O4'" . DG  B 2 ? 0.2717 0.3239 0.3288 0.0147  0.0126  0.0077  2 DG  B "O4'" 
169 C "C3'" . DG  B 2 ? 0.2544 0.3050 0.3264 0.0101  0.0171  -0.0083 2 DG  B "C3'" 
170 O "O3'" . DG  B 2 ? 0.2567 0.2931 0.3407 0.0149  0.0204  -0.0051 2 DG  B "O3'" 
171 C "C2'" . DG  B 2 ? 0.2365 0.2833 0.2857 0.0037  0.0132  -0.0030 2 DG  B "C2'" 
172 C "C1'" . DG  B 2 ? 0.2466 0.2892 0.2907 0.0089  0.0116  0.0070  2 DG  B "C1'" 
173 N N9    . DG  B 2 ? 0.2486 0.2937 0.2761 0.0040  0.0069  0.0091  2 DG  B N9    
174 C C8    . DG  B 2 ? 0.2487 0.3015 0.2688 -0.0043 0.0037  0.0053  2 DG  B C8    
175 N N7    . DG  B 2 ? 0.2571 0.3088 0.2667 -0.0075 -0.0005 0.0076  2 DG  B N7    
176 C C5    . DG  B 2 ? 0.2482 0.2948 0.2568 -0.0004 0.0001  0.0117  2 DG  B C5    
177 C C6    . DG  B 2 ? 0.2493 0.2968 0.2495 0.0003  -0.0033 0.0126  2 DG  B C6    
178 O O6    . DG  B 2 ? 0.2591 0.3091 0.2535 -0.0055 -0.0077 0.0090  2 DG  B O6    
179 N N1    . DG  B 2 ? 0.2487 0.2975 0.2506 0.0084  -0.0010 0.0177  2 DG  B N1    
180 C C2    . DG  B 2 ? 0.2556 0.3011 0.2673 0.0142  0.0038  0.0234  2 DG  B C2    
181 N N2    . DG  B 2 ? 0.2496 0.3001 0.2622 0.0205  0.0053  0.0309  2 DG  B N2    
182 N N3    . DG  B 2 ? 0.2514 0.2920 0.2733 0.0136  0.0068  0.0215  2 DG  B N3    
183 C C4    . DG  B 2 ? 0.2467 0.2895 0.2656 0.0064  0.0048  0.0146  2 DG  B C4    
184 P P     . DC  B 3 ? 0.2664 0.2980 0.3564 0.0116  0.0232  -0.0137 3 DC  B P     
185 O OP1   . DC  B 3 ? 0.2891 0.3093 0.4013 0.0178  0.0268  -0.0109 3 DC  B OP1   
186 O OP2   . DC  B 3 ? 0.3033 0.3532 0.3972 0.0066  0.0234  -0.0282 3 DC  B OP2   
187 O "O5'" . DC  B 3 ? 0.2836 0.3078 0.3506 0.0069  0.0206  -0.0070 3 DC  B "O5'" 
188 C "C5'" . DC  B 3 ? 0.2481 0.2592 0.3129 0.0093  0.0217  0.0002  3 DC  B "C5'" 
189 C "C4'" . DC  B 3 ? 0.2439 0.2524 0.3053 0.0146  0.0207  0.0122  3 DC  B "C4'" 
190 O "O4'" . DC  B 3 ? 0.2509 0.2658 0.2957 0.0117  0.0161  0.0127  3 DC  B "O4'" 
191 C "C3'" . DC  B 3 ? 0.2546 0.2558 0.3099 0.0166  0.0212  0.0203  3 DC  B "C3'" 
192 O "O3'" . DC  B 3 ? 0.2704 0.2755 0.3328 0.0226  0.0221  0.0321  3 DC  B "O3'" 
193 C "C2'" . DC  B 3 ? 0.2561 0.2581 0.2906 0.0129  0.0165  0.0185  3 DC  B "C2'" 
194 C "C1'" . DC  B 3 ? 0.2406 0.2515 0.2720 0.0125  0.0138  0.0183  3 DC  B "C1'" 
195 N N1    . DC  B 3 ? 0.2373 0.2498 0.2546 0.0068  0.0088  0.0145  3 DC  B N1    
196 C C2    . DC  B 3 ? 0.2363 0.2508 0.2436 0.0078  0.0052  0.0166  3 DC  B C2    
197 O O2    . DC  B 3 ? 0.2456 0.2630 0.2531 0.0133  0.0066  0.0216  3 DC  B O2    
198 N N3    . DC  B 3 ? 0.2498 0.2641 0.2487 0.0021  0.0002  0.0127  3 DC  B N3    
199 C C4    . DC  B 3 ? 0.2297 0.2442 0.2290 -0.0048 -0.0013 0.0102  3 DC  B C4    
200 N N4    . DC  B 3 ? 0.2520 0.2658 0.2458 -0.0113 -0.0065 0.0089  3 DC  B N4    
201 C C5    . DC  B 3 ? 0.2405 0.2579 0.2473 -0.0058 0.0026  0.0085  3 DC  B C5    
202 C C6    . DC  B 3 ? 0.2473 0.2632 0.2639 0.0004  0.0075  0.0092  3 DC  B C6    
203 P P     . DA  B 4 ? 0.2802 0.2846 0.3463 0.0262  0.0244  0.0446  4 DA  B P     
204 O OP1   . DA  B 4 ? 0.3063 0.3213 0.3792 0.0320  0.0242  0.0584  4 DA  B OP1   
205 O OP2   . DA  B 4 ? 0.2741 0.2684 0.3547 0.0245  0.0284  0.0422  4 DA  B OP2   
206 O "O5'" . DA  B 4 ? 0.2716 0.2797 0.3160 0.0245  0.0216  0.0433  4 DA  B "O5'" 
207 C "C5'" . DA  B 4 ? 0.2445 0.2461 0.2843 0.0219  0.0224  0.0386  4 DA  B "C5'" 
208 C "C4'" . DA  B 4 ? 0.2292 0.2398 0.2531 0.0234  0.0193  0.0393  4 DA  B "C4'" 
209 O "O4'" . DA  B 4 ? 0.2278 0.2388 0.2405 0.0214  0.0143  0.0316  4 DA  B "O4'" 
210 C "C3'" . DA  B 4 ? 0.2212 0.2291 0.2390 0.0225  0.0194  0.0348  4 DA  B "C3'" 
211 O "O3'" . DA  B 4 ? 0.2443 0.2682 0.2575 0.0262  0.0195  0.0408  4 DA  B "O3'" 
212 C "C2'" . DA  B 4 ? 0.2236 0.2248 0.2299 0.0198  0.0140  0.0236  4 DA  B "C2'" 
213 C "C1'" . DA  B 4 ? 0.2195 0.2259 0.2220 0.0195  0.0108  0.0233  4 DA  B "C1'" 
214 N N9    . DA  B 4 ? 0.2175 0.2158 0.2169 0.0143  0.0072  0.0169  4 DA  B N9    
215 C C8    . DA  B 4 ? 0.2211 0.2137 0.2258 0.0102  0.0085  0.0149  4 DA  B C8    
216 N N7    . DA  B 4 ? 0.2286 0.2197 0.2285 0.0051  0.0043  0.0115  4 DA  B N7    
217 C C5    . DA  B 4 ? 0.2336 0.2261 0.2267 0.0060  -0.0001 0.0100  4 DA  B C5    
218 C C6    . DA  B 4 ? 0.2298 0.2207 0.2190 0.0015  -0.0060 0.0067  4 DA  B C6    
219 N N6    . DA  B 4 ? 0.2257 0.2141 0.2156 -0.0055 -0.0083 0.0072  4 DA  B N6    
220 N N1    . DA  B 4 ? 0.2236 0.2177 0.2097 0.0038  -0.0095 0.0024  4 DA  B N1    
221 C C2    . DA  B 4 ? 0.2380 0.2410 0.2229 0.0104  -0.0071 0.0025  4 DA  B C2    
222 N N3    . DA  B 4 ? 0.2417 0.2487 0.2290 0.0147  -0.0016 0.0086  4 DA  B N3    
223 C C4    . DA  B 4 ? 0.2251 0.2240 0.2174 0.0120  0.0016  0.0120  4 DA  B C4    
224 P P     . DC  B 5 ? 0.2629 0.2908 0.2717 0.0269  0.0201  0.0375  5 DC  B P     
225 O OP1   . DC  B 5 ? 0.2980 0.3461 0.3102 0.0297  0.0230  0.0503  5 DC  B OP1   
226 O OP2   . DC  B 5 ? 0.2758 0.2885 0.2898 0.0236  0.0220  0.0327  5 DC  B OP2   
227 O "O5'" . DC  B 5 ? 0.2811 0.3108 0.2768 0.0279  0.0138  0.0245  5 DC  B "O5'" 
228 C "C5'" . DC  B 5 ? 0.2659 0.3123 0.2556 0.0305  0.0107  0.0230  5 DC  B "C5'" 
229 C "C4'" . DC  B 5 ? 0.2552 0.2958 0.2386 0.0300  0.0043  0.0079  5 DC  B "C4'" 
230 O "O4'" . DC  B 5 ? 0.2585 0.2785 0.2433 0.0253  0.0020  0.0057  5 DC  B "O4'" 
231 C "C3'" . DC  B 5 ? 0.2710 0.3096 0.2534 0.0320  0.0026  -0.0010 5 DC  B "C3'" 
232 O "O3'" . DC  B 5 ? 0.3000 0.3588 0.2790 0.0361  -0.0008 -0.0111 5 DC  B "O3'" 
233 C "C2'" . DC  B 5 ? 0.2657 0.2802 0.2495 0.0285  -0.0017 -0.0072 5 DC  B "C2'" 
234 C "C1'" . DC  B 5 ? 0.2572 0.2659 0.2408 0.0243  -0.0032 -0.0045 5 DC  B "C1'" 
235 N N1    . DC  B 5 ? 0.2531 0.2445 0.2390 0.0187  -0.0041 -0.0022 5 DC  B N1    
236 C C2    . DC  B 5 ? 0.2399 0.2227 0.2259 0.0145  -0.0100 -0.0061 5 DC  B C2    
237 O O2    . DC  B 5 ? 0.2670 0.2524 0.2530 0.0158  -0.0149 -0.0140 5 DC  B O2    
238 N N3    . DC  B 5 ? 0.2310 0.2047 0.2185 0.0087  -0.0104 -0.0018 5 DC  B N3    
239 C C4    . DC  B 5 ? 0.2263 0.2001 0.2156 0.0075  -0.0053 0.0029  5 DC  B C4    
240 N N4    . DC  B 5 ? 0.2220 0.1937 0.2129 0.0016  -0.0057 0.0054  5 DC  B N4    
241 C C5    . DC  B 5 ? 0.2364 0.2159 0.2278 0.0119  0.0006  0.0052  5 DC  B C5    
242 C C6    . DC  B 5 ? 0.2391 0.2266 0.2283 0.0170  0.0009  0.0041  5 DC  B C6    
243 P P     . DG  B 6 ? 0.3297 0.4035 0.3082 0.0410  -0.0013 -0.0202 6 DG  B P     
244 O OP1   . DG  B 6 ? 0.3299 0.4369 0.3055 0.0448  -0.0023 -0.0261 6 DG  B OP1   
245 O OP2   . DG  B 6 ? 0.3127 0.3827 0.2932 0.0402  0.0040  -0.0110 6 DG  B OP2   
246 O "O5'" . DG  B 6 ? 0.3033 0.3563 0.2856 0.0415  -0.0083 -0.0352 6 DG  B "O5'" 
247 C "C5'" . DG  B 6 ? 0.3224 0.3717 0.3081 0.0415  -0.0152 -0.0480 6 DG  B "C5'" 
248 C "C4'" . DG  B 6 ? 0.3098 0.3320 0.3028 0.0405  -0.0209 -0.0540 6 DG  B "C4'" 
249 O "O4'" . DG  B 6 ? 0.2951 0.2963 0.2868 0.0339  -0.0197 -0.0408 6 DG  B "O4'" 
250 C "C3'" . DG  B 6 ? 0.3110 0.3322 0.3065 0.0451  -0.0206 -0.0571 6 DG  B "C3'" 
251 O "O3'" . DG  B 6 ? 0.3418 0.3491 0.3482 0.0480  -0.0288 -0.0699 6 DG  B "O3'" 
252 C "C2'" . DG  B 6 ? 0.2986 0.3030 0.2915 0.0402  -0.0166 -0.0421 6 DG  B "C2'" 
253 C "C1'" . DG  B 6 ? 0.2924 0.2799 0.2870 0.0343  -0.0201 -0.0382 6 DG  B "C1'" 
254 N N9    . DG  B 6 ? 0.2699 0.2467 0.2619 0.0281  -0.0165 -0.0253 6 DG  B N9    
255 C C8    . DG  B 6 ? 0.2481 0.2291 0.2375 0.0269  -0.0095 -0.0168 6 DG  B C8    
256 N N7    . DG  B 6 ? 0.2455 0.2176 0.2354 0.0213  -0.0082 -0.0099 6 DG  B N7    
257 C C5    . DG  B 6 ? 0.2451 0.2075 0.2366 0.0181  -0.0147 -0.0114 6 DG  B C5    
258 C C6    . DG  B 6 ? 0.2454 0.2005 0.2378 0.0110  -0.0165 -0.0054 6 DG  B C6    
259 O O6    . DG  B 6 ? 0.2340 0.1916 0.2259 0.0070  -0.0126 0.0003  6 DG  B O6    
260 N N1    . DG  B 6 ? 0.2409 0.1877 0.2373 0.0085  -0.0238 -0.0074 6 DG  B N1    
261 C C2    . DG  B 6 ? 0.2524 0.1964 0.2533 0.0127  -0.0289 -0.0170 6 DG  B C2    
262 N N2    . DG  B 6 ? 0.2578 0.1909 0.2667 0.0086  -0.0362 -0.0183 6 DG  B N2    
263 N N3    . DG  B 6 ? 0.2587 0.2123 0.2584 0.0199  -0.0272 -0.0255 6 DG  B N3    
264 C C4    . DG  B 6 ? 0.2620 0.2249 0.2559 0.0220  -0.0199 -0.0208 6 DG  B C4    
265 P P     . DC  B 7 ? 0.3761 0.3999 0.3907 0.0569  -0.0328 -0.0900 7 DC  B P     
266 O OP1   . DC  B 7 ? 0.3738 0.4264 0.3848 0.0584  -0.0313 -0.0989 7 DC  B OP1   
267 O OP2   . DC  B 7 ? 0.3785 0.4071 0.3903 0.0601  -0.0288 -0.0855 7 DC  B OP2   
268 O "O5'" . DC  B 7 ? 0.3714 0.3686 0.4029 0.0572  -0.0427 -0.0991 7 DC  B "O5'" 
269 C "C5'" . DC  B 7 ? 0.3566 0.3453 0.3956 0.0531  -0.0480 -0.1051 7 DC  B "C5'" 
270 C "C4'" . DC  B 7 ? 0.3720 0.3271 0.4235 0.0486  -0.0550 -0.0978 7 DC  B "C4'" 
271 O "O4'" . DC  B 7 ? 0.3382 0.2831 0.3781 0.0408  -0.0503 -0.0758 7 DC  B "O4'" 
272 C "C3'" . DC  B 7 ? 0.3787 0.3196 0.4452 0.0548  -0.0611 -0.1020 7 DC  B "C3'" 
273 O "O3'" . DC  B 7 ? 0.4042 0.3198 0.4923 0.0527  -0.0710 -0.1044 7 DC  B "O3'" 
274 C "C2'" . DC  B 7 ? 0.3464 0.2800 0.4020 0.0516  -0.0564 -0.0814 7 DC  B "C2'" 
275 C "C1'" . DC  B 7 ? 0.3305 0.2596 0.3750 0.0413  -0.0526 -0.0663 7 DC  B "C1'" 
276 N N1    . DC  B 7 ? 0.3042 0.2393 0.3335 0.0379  -0.0444 -0.0513 7 DC  B N1    
277 C C2    . DC  B 7 ? 0.2906 0.2170 0.3156 0.0291  -0.0432 -0.0364 7 DC  B C2    
278 O O2    . DC  B 7 ? 0.3050 0.2187 0.3382 0.0239  -0.0492 -0.0343 7 DC  B O2    
279 N N3    . DC  B 7 ? 0.2647 0.1975 0.2789 0.0260  -0.0360 -0.0258 7 DC  B N3    
280 C C4    . DC  B 7 ? 0.2569 0.2026 0.2651 0.0305  -0.0298 -0.0281 7 DC  B C4    
281 N N4    . DC  B 7 ? 0.2368 0.1877 0.2384 0.0269  -0.0230 -0.0192 7 DC  B N4    
282 C C5    . DC  B 7 ? 0.2646 0.2202 0.2757 0.0388  -0.0306 -0.0405 7 DC  B C5    
283 C C6    . DC  B 7 ? 0.2812 0.2326 0.3021 0.0426  -0.0378 -0.0527 7 DC  B C6    
284 O "O5'" . DG  C 1 ? 0.3824 0.5855 0.3651 0.0765  -0.0294 -0.0468 1 DG  C "O5'" 
285 C "C5'" . DG  C 1 ? 0.3943 0.5856 0.3684 0.0964  -0.0375 -0.0582 1 DG  C "C5'" 
286 C "C4'" . DG  C 1 ? 0.3895 0.5593 0.3539 0.1148  -0.0462 -0.0684 1 DG  C "C4'" 
287 O "O4'" . DG  C 1 ? 0.3777 0.4950 0.3389 0.1120  -0.0523 -0.0696 1 DG  C "O4'" 
288 C "C3'" . DG  C 1 ? 0.3812 0.5563 0.3481 0.1114  -0.0432 -0.0659 1 DG  C "C3'" 
289 O "O3'" . DG  C 1 ? 0.4124 0.5887 0.3674 0.1364  -0.0535 -0.0788 1 DG  C "O3'" 
290 C "C2'" . DG  C 1 ? 0.3579 0.4871 0.3294 0.0943  -0.0413 -0.0598 1 DG  C "C2'" 
291 C "C1'" . DG  C 1 ? 0.3436 0.4376 0.3100 0.0987  -0.0492 -0.0638 1 DG  C "C1'" 
292 N N9    . DG  C 1 ? 0.3152 0.3869 0.2880 0.0805  -0.0437 -0.0547 1 DG  C N9    
293 C C8    . DG  C 1 ? 0.2986 0.3841 0.2781 0.0655  -0.0346 -0.0466 1 DG  C C8    
294 N N7    . DG  C 1 ? 0.2895 0.3507 0.2704 0.0561  -0.0331 -0.0417 1 DG  C N7    
295 C C5    . DG  C 1 ? 0.2905 0.3238 0.2674 0.0631  -0.0406 -0.0444 1 DG  C C5    
296 C C6    . DG  C 1 ? 0.2797 0.2864 0.2566 0.0577  -0.0427 -0.0391 1 DG  C C6    
297 O O6    . DG  C 1 ? 0.2853 0.2885 0.2648 0.0490  -0.0373 -0.0329 1 DG  C O6    
298 N N1    . DG  C 1 ? 0.2913 0.2748 0.2630 0.0646  -0.0538 -0.0415 1 DG  C N1    
299 C C2    . DG  C 1 ? 0.3078 0.2891 0.2731 0.0774  -0.0631 -0.0503 1 DG  C C2    
300 N N2    . DG  C 1 ? 0.3261 0.2766 0.2848 0.0812  -0.0771 -0.0513 1 DG  C N2    
301 N N3    . DG  C 1 ? 0.3115 0.3201 0.2755 0.0866  -0.0608 -0.0574 1 DG  C N3    
302 C C4    . DG  C 1 ? 0.3003 0.3360 0.2714 0.0776  -0.0486 -0.0527 1 DG  C C4    
303 P P     . DC  C 2 ? 0.4377 0.6156 0.3895 0.1441  -0.0559 -0.0825 2 DC  C P     
304 O OP1   . DC  C 2 ? 0.4657 0.6616 0.4021 0.1759  -0.0675 -0.0978 2 DC  C OP1   
305 O OP2   . DC  C 2 ? 0.4268 0.6306 0.3903 0.1246  -0.0429 -0.0692 2 DC  C OP2   
306 O "O5'" . DC  C 2 ? 0.4264 0.5436 0.3766 0.1368  -0.0633 -0.0836 2 DC  C "O5'" 
307 C "C5'" . DC  C 2 ? 0.4403 0.5194 0.3781 0.1508  -0.0795 -0.0939 2 DC  C "C5'" 
308 C "C4'" . DC  C 2 ? 0.4299 0.4616 0.3724 0.1332  -0.0826 -0.0870 2 DC  C "C4'" 
309 O "O4'" . DC  C 2 ? 0.3894 0.4219 0.3450 0.1106  -0.0692 -0.0736 2 DC  C "O4'" 
310 C "C3'" . DC  C 2 ? 0.4433 0.4644 0.3880 0.1290  -0.0842 -0.0866 2 DC  C "C3'" 
311 O "O3'" . DC  C 2 ? 0.4887 0.4713 0.4208 0.1402  -0.1042 -0.0956 2 DC  C "O3'" 
312 C "C2'" . DC  C 2 ? 0.3944 0.4047 0.3531 0.1035  -0.0725 -0.0721 2 DC  C "C2'" 
313 C "C1'" . DC  C 2 ? 0.3767 0.3834 0.3386 0.0955  -0.0682 -0.0662 2 DC  C "C1'" 
314 N N1    . DC  C 2 ? 0.3392 0.3555 0.3118 0.0771  -0.0535 -0.0546 2 DC  C N1    
315 C C2    . DC  C 2 ? 0.3284 0.3223 0.3049 0.0651  -0.0525 -0.0467 2 DC  C C2    
316 O O2    . DC  C 2 ? 0.3367 0.3048 0.3100 0.0661  -0.0631 -0.0465 2 DC  C O2    
317 N N3    . DC  C 2 ? 0.2973 0.2987 0.2797 0.0530  -0.0416 -0.0387 2 DC  C N3    
318 C C4    . DC  C 2 ? 0.2870 0.3112 0.2714 0.0494  -0.0333 -0.0373 2 DC  C C4    
319 N N4    . DC  C 2 ? 0.2707 0.2946 0.2576 0.0380  -0.0262 -0.0304 2 DC  C N4    
320 C C5    . DC  C 2 ? 0.3053 0.3549 0.2878 0.0576  -0.0336 -0.0424 2 DC  C C5    
321 C C6    . DC  C 2 ? 0.3135 0.3609 0.2902 0.0730  -0.0430 -0.0515 2 DC  C C6    
322 P P     . DG  C 3 ? 0.5850 0.5573 0.5118 0.1477  -0.1140 -0.1027 3 DG  C P     
323 O OP1   . DG  C 3 ? 0.6275 0.5756 0.5330 0.1730  -0.1375 -0.1191 3 DG  C OP1   
324 O OP2   . DG  C 3 ? 0.5129 0.5258 0.4480 0.1457  -0.0983 -0.0994 3 DG  C OP2   
325 O "O5'" . DG  C 3 ? 0.5264 0.4611 0.4616 0.1250  -0.1179 -0.0920 3 DG  C "O5'" 
326 C "C5'" . DG  C 3 ? 0.5159 0.4141 0.4490 0.1160  -0.1291 -0.0866 3 DG  C "C5'" 
327 C "C4'" . DG  C 3 ? 0.4810 0.3717 0.4295 0.0900  -0.1210 -0.0702 3 DG  C "C4'" 
328 O "O4'" . DG  C 3 ? 0.4350 0.3544 0.3952 0.0802  -0.0994 -0.0613 3 DG  C "O4'" 
329 C "C3'" . DG  C 3 ? 0.4698 0.3623 0.4243 0.0837  -0.1206 -0.0686 3 DG  C "C3'" 
330 O "O3'" . DG  C 3 ? 0.4962 0.3667 0.4581 0.0638  -0.1268 -0.0558 3 DG  C "O3'" 
331 C "C2'" . DG  C 3 ? 0.4188 0.3469 0.3848 0.0769  -0.0973 -0.0623 3 DG  C "C2'" 
332 C "C1'" . DG  C 3 ? 0.3903 0.3203 0.3615 0.0673  -0.0886 -0.0532 3 DG  C "C1'" 
333 N N9    . DG  C 3 ? 0.3599 0.3179 0.3376 0.0628  -0.0698 -0.0485 3 DG  C N9    
334 C C8    . DG  C 3 ? 0.3443 0.3297 0.3218 0.0686  -0.0607 -0.0522 3 DG  C C8    
335 N N7    . DG  C 3 ? 0.3329 0.3330 0.3158 0.0593  -0.0475 -0.0448 3 DG  C N7    
336 C C5    . DG  C 3 ? 0.3118 0.2953 0.2982 0.0494  -0.0469 -0.0375 3 DG  C C5    
337 C C6    . DG  C 3 ? 0.2969 0.2838 0.2868 0.0396  -0.0370 -0.0296 3 DG  C C6    
338 O O6    . DG  C 3 ? 0.2893 0.2895 0.2796 0.0359  -0.0284 -0.0272 3 DG  C O6    
339 N N1    . DG  C 3 ? 0.2884 0.2607 0.2803 0.0341  -0.0399 -0.0235 3 DG  C N1    
340 C C2    . DG  C 3 ? 0.3127 0.2674 0.3042 0.0342  -0.0517 -0.0226 3 DG  C C2    
341 N N2    . DG  C 3 ? 0.3060 0.2532 0.3004 0.0264  -0.0529 -0.0133 3 DG  C N2    
342 N N3    . DG  C 3 ? 0.3200 0.2646 0.3069 0.0417  -0.0633 -0.0302 3 DG  C N3    
343 C C4    . DG  C 3 ? 0.3294 0.2899 0.3137 0.0504  -0.0597 -0.0383 3 DG  C C4    
344 F F     . XTF C 4 ? 0.4098 0.3125 0.4197 -0.0140 -0.0998 0.0195  4 XTF C F     
345 C "C2'" . XTF C 4 ? 0.4063 0.3194 0.4153 -0.0040 -0.0916 0.0079  4 XTF C "C2'" 
346 C "C1'" . XTF C 4 ? 0.3943 0.3130 0.3969 0.0093  -0.0813 -0.0027 4 XTF C "C1'" 
347 N N1    . XTF C 4 ? 0.3663 0.3033 0.3684 0.0178  -0.0678 -0.0108 4 XTF C N1    
348 C C6    . XTF C 4 ? 0.3706 0.3070 0.3677 0.0279  -0.0713 -0.0222 4 XTF C C6    
349 C C5    . XTF C 4 ? 0.3470 0.3026 0.3434 0.0335  -0.0587 -0.0264 4 XTF C C5    
350 C C5M   . XTF C 4 ? 0.3599 0.3223 0.3510 0.0454  -0.0616 -0.0373 4 XTF C C5M   
351 C C2    . XTF C 4 ? 0.3310 0.2854 0.3358 0.0159  -0.0526 -0.0060 4 XTF C C2    
352 O O2    . XTF C 4 ? 0.3520 0.3106 0.3604 0.0091  -0.0495 0.0042  4 XTF C O2    
353 N N3    . XTF C 4 ? 0.3331 0.2995 0.3357 0.0213  -0.0425 -0.0112 4 XTF C N3    
354 C C4    . XTF C 4 ? 0.3272 0.2956 0.3263 0.0287  -0.0449 -0.0202 4 XTF C C4    
355 O O4    . XTF C 4 ? 0.3222 0.3034 0.3193 0.0316  -0.0363 -0.0225 4 XTF C O4    
356 C "C7'" . XTF C 4 ? 0.4128 0.3103 0.4043 0.0209  -0.0943 -0.0144 4 XTF C "C7'" 
357 C "C6'" . XTF C 4 ? 0.4584 0.3292 0.4427 0.0229  -0.1144 -0.0190 4 XTF C "C6'" 
358 C "C3'" . XTF C 4 ? 0.4338 0.3257 0.4366 0.0009  -0.1085 -0.0024 4 XTF C "C3'" 
359 O "O3'" . XTF C 4 ? 0.4473 0.3345 0.4574 -0.0158 -0.1195 0.0106  4 XTF C "O3'" 
360 C "C4'" . XTF C 4 ? 0.4735 0.3348 0.4635 0.0092  -0.1255 -0.0106 4 XTF C "C4'" 
361 C "C5'" . XTF C 4 ? 0.5108 0.3466 0.4888 0.0205  -0.1454 -0.0249 4 XTF C "C5'" 
362 O "O5'" . XTF C 4 ? 0.5286 0.3865 0.5067 0.0328  -0.1339 -0.0359 4 XTF C "O5'" 
363 P P     . XTF C 4 ? 0.5481 0.4085 0.5125 0.0577  -0.1367 -0.0554 4 XTF C P     
364 O OP1   . XTF C 4 ? 0.5902 0.4134 0.5389 0.0670  -0.1635 -0.0652 4 XTF C OP1   
365 O OP2   . XTF C 4 ? 0.5559 0.4466 0.5247 0.0635  -0.1216 -0.0595 4 XTF C OP2   
366 P P     . DG  C 5 ? 0.4218 0.3312 0.4413 -0.0216 -0.1133 0.0148  5 DG  C P     
367 O OP1   . DG  C 5 ? 0.4600 0.3575 0.4849 -0.0402 -0.1327 0.0275  5 DG  C OP1   
368 O OP2   . DG  C 5 ? 0.4299 0.3410 0.4430 -0.0052 -0.1089 -0.0023 5 DG  C OP2   
369 O "O5'" . DG  C 5 ? 0.3812 0.3255 0.4090 -0.0242 -0.0914 0.0251  5 DG  C "O5'" 
370 C "C5'" . DG  C 5 ? 0.3688 0.3234 0.4014 -0.0340 -0.0884 0.0402  5 DG  C "C5'" 
371 C "C4'" . DG  C 5 ? 0.3309 0.3152 0.3653 -0.0273 -0.0679 0.0424  5 DG  C "C4'" 
372 O "O4'" . DG  C 5 ? 0.3245 0.3018 0.3502 -0.0134 -0.0585 0.0290  5 DG  C "O4'" 
373 C "C3'" . DG  C 5 ? 0.3181 0.3257 0.3563 -0.0248 -0.0594 0.0429  5 DG  C "C3'" 
374 O "O3'" . DG  C 5 ? 0.3152 0.3474 0.3633 -0.0375 -0.0620 0.0604  5 DG  C "O3'" 
375 C "C2'" . DG  C 5 ? 0.3005 0.3197 0.3322 -0.0122 -0.0429 0.0377  5 DG  C "C2'" 
376 C "C1'" . DG  C 5 ? 0.3026 0.2988 0.3269 -0.0061 -0.0440 0.0266  5 DG  C "C1'" 
377 N N9    . DG  C 5 ? 0.2769 0.2643 0.2955 0.0028  -0.0424 0.0132  5 DG  C N9    
378 C C8    . DG  C 5 ? 0.2833 0.2565 0.3004 0.0050  -0.0523 0.0047  5 DG  C C8    
379 N N7    . DG  C 5 ? 0.2759 0.2514 0.2876 0.0142  -0.0468 -0.0050 5 DG  C N7    
380 C C5    . DG  C 5 ? 0.2570 0.2433 0.2664 0.0161  -0.0339 -0.0023 5 DG  C C5    
381 C C6    . DG  C 5 ? 0.2501 0.2407 0.2531 0.0218  -0.0254 -0.0072 5 DG  C C6    
382 O O6    . DG  C 5 ? 0.2754 0.2677 0.2753 0.0265  -0.0256 -0.0136 5 DG  C O6    
383 N N1    . DG  C 5 ? 0.2450 0.2388 0.2440 0.0218  -0.0176 -0.0029 5 DG  C N1    
384 C C2    . DG  C 5 ? 0.2523 0.2506 0.2531 0.0195  -0.0163 0.0042  5 DG  C C2    
385 N N2    . DG  C 5 ? 0.2652 0.2648 0.2581 0.0237  -0.0102 0.0053  5 DG  C N2    
386 N N3    . DG  C 5 ? 0.2556 0.2571 0.2640 0.0138  -0.0221 0.0106  5 DG  C N3    
387 C C4    . DG  C 5 ? 0.2670 0.2596 0.2794 0.0109  -0.0314 0.0072  5 DG  C C4    
388 P P     . DC  C 6 ? 0.3138 0.3624 0.3700 -0.0446 -0.0671 0.0653  6 DC  C P     
389 O OP1   . DC  C 6 ? 0.3301 0.4043 0.3981 -0.0632 -0.0740 0.0878  6 DC  C OP1   
390 O OP2   . DC  C 6 ? 0.3154 0.3365 0.3685 -0.0439 -0.0792 0.0532  6 DC  C OP2   
391 O "O5'" . DC  C 6 ? 0.2955 0.3723 0.3488 -0.0304 -0.0499 0.0617  6 DC  C "O5'" 
392 C "C5'" . DC  C 6 ? 0.2807 0.3825 0.3316 -0.0238 -0.0382 0.0685  6 DC  C "C5'" 
393 C "C4'" . DC  C 6 ? 0.2717 0.3813 0.3122 -0.0056 -0.0255 0.0586  6 DC  C "C4'" 
394 O "O4'" . DC  C 6 ? 0.2584 0.3353 0.2890 0.0021  -0.0234 0.0435  6 DC  C "O4'" 
395 C "C3'" . DC  C 6 ? 0.2629 0.3865 0.3051 -0.0026 -0.0252 0.0570  6 DC  C "C3'" 
396 O "O3'" . DC  C 6 ? 0.2764 0.4214 0.3092 0.0137  -0.0146 0.0559  6 DC  C "O3'" 
397 C "C2'" . DC  C 6 ? 0.2582 0.3494 0.2928 0.0035  -0.0259 0.0412  6 DC  C "C2'" 
398 C "C1'" . DC  C 6 ? 0.2533 0.3258 0.2780 0.0107  -0.0200 0.0344  6 DC  C "C1'" 
399 N N1    . DC  C 6 ? 0.2434 0.2878 0.2643 0.0114  -0.0234 0.0229  6 DC  C N1    
400 C C2    . DC  C 6 ? 0.2446 0.2775 0.2541 0.0209  -0.0164 0.0142  6 DC  C C2    
401 O O2    . DC  C 6 ? 0.2544 0.2923 0.2554 0.0283  -0.0098 0.0153  6 DC  C O2    
402 N N3    . DC  C 6 ? 0.2346 0.2522 0.2416 0.0219  -0.0189 0.0057  6 DC  C N3    
403 C C4    . DC  C 6 ? 0.2373 0.2481 0.2501 0.0177  -0.0282 0.0028  6 DC  C C4    
404 N N4    . DC  C 6 ? 0.2328 0.2349 0.2414 0.0225  -0.0302 -0.0064 6 DC  C N4    
405 C C5    . DC  C 6 ? 0.2413 0.2543 0.2632 0.0083  -0.0378 0.0097  6 DC  C C5    
406 C C6    . DC  C 6 ? 0.2506 0.2822 0.2775 0.0036  -0.0346 0.0211  6 DC  C C6    
407 P P     . DG  C 7 ? 0.3037 0.4922 0.3407 0.0178  -0.0122 0.0648  7 DG  C P     
408 O OP1   . DG  C 7 ? 0.2964 0.4972 0.3167 0.0408  -0.0027 0.0594  7 DG  C OP1   
409 O OP2   . DG  C 7 ? 0.3070 0.5278 0.3614 -0.0004 -0.0190 0.0834  7 DG  C OP2   
410 O "O5'" . DG  C 7 ? 0.2752 0.4493 0.3129 0.0171  -0.0161 0.0562  7 DG  C "O5'" 
411 C "C5'" . DG  C 7 ? 0.2671 0.4213 0.2895 0.0334  -0.0104 0.0426  7 DG  C "C5'" 
412 C "C4'" . DG  C 7 ? 0.2518 0.3989 0.2775 0.0306  -0.0150 0.0371  7 DG  C "C4'" 
413 O "O4'" . DG  C 7 ? 0.2468 0.3670 0.2792 0.0182  -0.0238 0.0331  7 DG  C "O4'" 
414 C "C3'" . DG  C 7 ? 0.2471 0.4308 0.2844 0.0253  -0.0189 0.0465  7 DG  C "C3'" 
415 O "O3'" . DG  C 7 ? 0.2481 0.4513 0.2751 0.0429  -0.0121 0.0439  7 DG  C "O3'" 
416 C "C2'" . DG  C 7 ? 0.2450 0.4096 0.2902 0.0138  -0.0296 0.0420  7 DG  C "C2'" 
417 C "C1'" . DG  C 7 ? 0.2443 0.3750 0.2892 0.0063  -0.0343 0.0378  7 DG  C "C1'" 
418 N N9    . DG  C 7 ? 0.2483 0.3840 0.3049 -0.0110 -0.0432 0.0498  7 DG  C N9    
419 C C8    . DG  C 7 ? 0.2559 0.4279 0.3240 -0.0220 -0.0456 0.0667  7 DG  C C8    
420 N N7    . DG  C 7 ? 0.2586 0.4243 0.3348 -0.0388 -0.0553 0.0768  7 DG  C N7    
421 C C5    . DG  C 7 ? 0.2591 0.3804 0.3274 -0.0363 -0.0595 0.0639  7 DG  C C5    
422 C C6    . DG  C 7 ? 0.2747 0.3680 0.3439 -0.0471 -0.0706 0.0659  7 DG  C C6    
423 O O6    . DG  C 7 ? 0.2924 0.3910 0.3696 -0.0638 -0.0800 0.0811  7 DG  C O6    
424 N N1    . DG  C 7 ? 0.2652 0.3231 0.3235 -0.0362 -0.0708 0.0489  7 DG  C N1    
425 C C2    . DG  C 7 ? 0.2554 0.3074 0.3048 -0.0202 -0.0619 0.0344  7 DG  C C2    
426 N N2    . DG  C 7 ? 0.2515 0.2761 0.2922 -0.0125 -0.0637 0.0214  7 DG  C N2    
427 N N3    . DG  C 7 ? 0.2476 0.3213 0.2957 -0.0119 -0.0520 0.0338  7 DG  C N3    
428 C C4    . DG  C 7 ? 0.2507 0.3570 0.3079 -0.0194 -0.0516 0.0477  7 DG  C C4    
429 O "O3'" . DC  D 1 ? 0.4201 0.3876 0.3415 0.0255  -0.0069 0.0174  1 DC  D "O3'" 
430 P P     . DG  D 2 ? 0.4022 0.3807 0.3380 0.0314  -0.0041 0.0082  2 DG  D P     
431 O OP1   . DG  D 2 ? 0.3838 0.3848 0.3332 0.0287  -0.0026 0.0054  2 DG  D OP1   
432 O OP2   . DG  D 2 ? 0.3611 0.3403 0.2971 0.0422  -0.0032 0.0042  2 DG  D OP2   
433 O "O5'" . DG  D 2 ? 0.3766 0.3354 0.3054 0.0263  -0.0071 0.0095  2 DG  D "O5'" 
434 C "C5'" . DG  D 2 ? 0.3948 0.3292 0.3079 0.0327  -0.0108 0.0092  2 DG  D "C5'" 
435 C "C4'" . DG  D 2 ? 0.3470 0.2753 0.2611 0.0328  -0.0118 0.0059  2 DG  D "C4'" 
436 O "O4'" . DG  D 2 ? 0.3448 0.2938 0.2750 0.0368  -0.0071 0.0018  2 DG  D "O4'" 
437 C "C3'" . DG  D 2 ? 0.3409 0.2663 0.2572 0.0201  -0.0143 0.0086  2 DG  D "C3'" 
438 O "O3'" . DG  D 2 ? 0.3478 0.2505 0.2511 0.0235  -0.0197 0.0063  2 DG  D "O3'" 
439 C "C2'" . DG  D 2 ? 0.3143 0.2661 0.2503 0.0186  -0.0090 0.0052  2 DG  D "C2'" 
440 C "C1'" . DG  D 2 ? 0.3005 0.2577 0.2416 0.0291  -0.0063 0.0010  2 DG  D "C1'" 
441 N N9    . DG  D 2 ? 0.2754 0.2522 0.2317 0.0298  -0.0041 -0.0016 2 DG  D N9    
442 C C8    . DG  D 2 ? 0.2708 0.2601 0.2324 0.0283  -0.0039 -0.0024 2 DG  D C8    
443 N N7    . DG  D 2 ? 0.2617 0.2616 0.2338 0.0313  -0.0052 -0.0065 2 DG  D N7    
444 C C5    . DG  D 2 ? 0.2420 0.2380 0.2172 0.0322  -0.0057 -0.0059 2 DG  D C5    
445 C C6    . DG  D 2 ? 0.2350 0.2368 0.2203 0.0320  -0.0091 -0.0066 2 DG  D C6    
446 O O6    . DG  D 2 ? 0.2486 0.2544 0.2404 0.0321  -0.0141 -0.0100 2 DG  D O6    
447 N N1    . DG  D 2 ? 0.2320 0.2346 0.2180 0.0316  -0.0080 -0.0023 2 DG  D N1    
448 C C2    . DG  D 2 ? 0.2460 0.2428 0.2220 0.0349  -0.0045 -0.0003 2 DG  D C2    
449 N N2    . DG  D 2 ? 0.2410 0.2455 0.2185 0.0371  -0.0039 0.0037  2 DG  D N2    
450 N N3    . DG  D 2 ? 0.2469 0.2312 0.2112 0.0361  -0.0035 -0.0016 2 DG  D N3    
451 C C4    . DG  D 2 ? 0.2560 0.2411 0.2216 0.0328  -0.0041 -0.0032 2 DG  D C4    
452 P P     . DC  D 3 ? 0.3626 0.2545 0.2631 0.0119  -0.0253 0.0080  3 DC  D P     
453 O OP1   . DC  D 3 ? 0.3950 0.2530 0.2732 0.0182  -0.0351 0.0055  3 DC  D OP1   
454 O OP2   . DC  D 3 ? 0.3719 0.2772 0.2798 -0.0033 -0.0253 0.0155  3 DC  D OP2   
455 O "O5'" . DC  D 3 ? 0.3569 0.2687 0.2731 0.0145  -0.0195 0.0031  3 DC  D "O5'" 
456 C "C5'" . DC  D 3 ? 0.3496 0.2595 0.2628 0.0271  -0.0183 -0.0018 3 DC  D "C5'" 
457 C "C4'" . DC  D 3 ? 0.3399 0.2712 0.2703 0.0262  -0.0131 -0.0033 3 DC  D "C4'" 
458 O "O4'" . DC  D 3 ? 0.3143 0.2640 0.2583 0.0261  -0.0085 -0.0026 3 DC  D "O4'" 
459 C "C3'" . DC  D 3 ? 0.3175 0.2534 0.2546 0.0156  -0.0142 -0.0030 3 DC  D "C3'" 
460 O "O3'" . DC  D 3 ? 0.3167 0.2576 0.2581 0.0192  -0.0132 -0.0054 3 DC  D "O3'" 
461 C "C2'" . DC  D 3 ? 0.3042 0.2614 0.2562 0.0124  -0.0102 -0.0027 3 DC  D "C2'" 
462 C "C1'" . DC  D 3 ? 0.3005 0.2628 0.2570 0.0208  -0.0075 -0.0037 3 DC  D "C1'" 
463 N N1    . DC  D 3 ? 0.2843 0.2601 0.2510 0.0212  -0.0062 -0.0046 3 DC  D N1    
464 C C2    . DC  D 3 ? 0.2736 0.2561 0.2489 0.0244  -0.0064 -0.0049 3 DC  D C2    
465 O O2    . DC  D 3 ? 0.2803 0.2619 0.2546 0.0268  -0.0058 -0.0027 3 DC  D O2    
466 N N3    . DC  D 3 ? 0.2634 0.2535 0.2465 0.0248  -0.0086 -0.0072 3 DC  D N3    
467 C C4    . DC  D 3 ? 0.2715 0.2674 0.2542 0.0250  -0.0090 -0.0099 3 DC  D C4    
468 N N4    . DC  D 3 ? 0.2801 0.2823 0.2682 0.0286  -0.0129 -0.0140 3 DC  D N4    
469 C C5    . DC  D 3 ? 0.2895 0.2860 0.2654 0.0213  -0.0068 -0.0077 3 DC  D C5    
470 C C6    . DC  D 3 ? 0.2890 0.2732 0.2573 0.0179  -0.0063 -0.0047 3 DC  D C6    
471 P P     . DA  D 4 ? 0.3398 0.2649 0.2692 0.0198  -0.0186 -0.0075 4 DA  D P     
472 O OP1   . DA  D 4 ? 0.3538 0.2533 0.2630 0.0245  -0.0256 -0.0086 4 DA  D OP1   
473 O OP2   . DA  D 4 ? 0.3477 0.2817 0.2853 0.0089  -0.0194 -0.0068 4 DA  D OP2   
474 O "O5'" . DA  D 4 ? 0.3177 0.2550 0.2519 0.0301  -0.0146 -0.0085 4 DA  D "O5'" 
475 C "C5'" . DA  D 4 ? 0.3072 0.2487 0.2365 0.0418  -0.0126 -0.0077 4 DA  D "C5'" 
476 C "C4'" . DA  D 4 ? 0.2889 0.2533 0.2330 0.0424  -0.0078 -0.0035 4 DA  D "C4'" 
477 O "O4'" . DA  D 4 ? 0.2796 0.2520 0.2374 0.0350  -0.0060 -0.0014 4 DA  D "O4'" 
478 C "C3'" . DA  D 4 ? 0.2822 0.2496 0.2312 0.0391  -0.0082 -0.0037 4 DA  D "C3'" 
479 O "O3'" . DA  D 4 ? 0.2774 0.2610 0.2285 0.0458  -0.0061 0.0011  4 DA  D "O3'" 
480 C "C2'" . DA  D 4 ? 0.2802 0.2525 0.2432 0.0296  -0.0079 -0.0031 4 DA  D "C2'" 
481 C "C1'" . DA  D 4 ? 0.2641 0.2432 0.2332 0.0294  -0.0065 -0.0002 4 DA  D "C1'" 
482 N N9    . DA  D 4 ? 0.2722 0.2512 0.2486 0.0239  -0.0079 -0.0026 4 DA  D N9    
483 C C8    . DA  D 4 ? 0.2715 0.2463 0.2443 0.0208  -0.0082 -0.0058 4 DA  D C8    
484 N N7    . DA  D 4 ? 0.2736 0.2551 0.2529 0.0193  -0.0093 -0.0078 4 DA  D N7    
485 C C5    . DA  D 4 ? 0.2650 0.2490 0.2516 0.0209  -0.0116 -0.0066 4 DA  D C5    
486 C C6    . DA  D 4 ? 0.2587 0.2442 0.2514 0.0217  -0.0167 -0.0091 4 DA  D C6    
487 N N6    . DA  D 4 ? 0.2769 0.2674 0.2694 0.0244  -0.0184 -0.0145 4 DA  D N6    
488 N N1    . DA  D 4 ? 0.2650 0.2476 0.2630 0.0199  -0.0216 -0.0053 4 DA  D N1    
489 C C2    . DA  D 4 ? 0.2630 0.2484 0.2615 0.0177  -0.0191 0.0019  4 DA  D C2    
490 N N3    . DA  D 4 ? 0.2705 0.2591 0.2632 0.0203  -0.0131 0.0036  4 DA  D N3    
491 C C4    . DA  D 4 ? 0.2660 0.2498 0.2520 0.0218  -0.0105 -0.0018 4 DA  D C4    
492 P P     . DC  D 5 ? 0.2750 0.2643 0.2279 0.0462  -0.0064 0.0025  5 DC  D P     
493 O OP1   . DC  D 5 ? 0.2900 0.2967 0.2368 0.0579  -0.0045 0.0069  5 DC  D OP1   
494 O OP2   . DC  D 5 ? 0.2896 0.2634 0.2368 0.0430  -0.0098 -0.0042 5 DC  D OP2   
495 O "O5'" . DC  D 5 ? 0.2732 0.2714 0.2423 0.0369  -0.0064 0.0087  5 DC  D "O5'" 
496 C "C5'" . DC  D 5 ? 0.2751 0.2872 0.2536 0.0337  -0.0059 0.0173  5 DC  D "C5'" 
497 C "C4'" . DC  D 5 ? 0.2628 0.2695 0.2521 0.0240  -0.0108 0.0199  5 DC  D "C4'" 
498 O "O4'" . DC  D 5 ? 0.2699 0.2634 0.2596 0.0218  -0.0126 0.0115  5 DC  D "O4'" 
499 C "C3'" . DC  D 5 ? 0.2645 0.2671 0.2539 0.0229  -0.0135 0.0206  5 DC  D "C3'" 
500 O "O3'" . DC  D 5 ? 0.2812 0.2946 0.2770 0.0178  -0.0165 0.0334  5 DC  D "O3'" 
501 C "C2'" . DC  D 5 ? 0.2621 0.2498 0.2533 0.0204  -0.0182 0.0125  5 DC  D "C2'" 
502 C "C1'" . DC  D 5 ? 0.2665 0.2521 0.2602 0.0188  -0.0185 0.0095  5 DC  D "C1'" 
503 N N1    . DC  D 5 ? 0.2585 0.2387 0.2500 0.0203  -0.0186 0.0001  5 DC  D N1    
504 C C2    . DC  D 5 ? 0.2667 0.2424 0.2613 0.0204  -0.0246 -0.0037 5 DC  D C2    
505 O O2    . DC  D 5 ? 0.2849 0.2540 0.2831 0.0180  -0.0319 0.0003  5 DC  D O2    
506 N N3    . DC  D 5 ? 0.2524 0.2314 0.2451 0.0233  -0.0239 -0.0112 5 DC  D N3    
507 C C4    . DC  D 5 ? 0.2475 0.2326 0.2365 0.0222  -0.0181 -0.0125 5 DC  D C4    
508 N N4    . DC  D 5 ? 0.2488 0.2425 0.2371 0.0229  -0.0177 -0.0166 5 DC  D N4    
509 C C5    . DC  D 5 ? 0.2508 0.2334 0.2355 0.0205  -0.0143 -0.0092 5 DC  D C5    
510 C C6    . DC  D 5 ? 0.2602 0.2413 0.2456 0.0215  -0.0144 -0.0041 5 DC  D C6    
511 P P     . DG  D 6 ? 0.2770 0.2960 0.2717 0.0182  -0.0177 0.0404  6 DG  D P     
512 O OP1   . DG  D 6 ? 0.2853 0.3261 0.2866 0.0121  -0.0185 0.0574  6 DG  D OP1   
513 O OP2   . DG  D 6 ? 0.2825 0.3027 0.2678 0.0280  -0.0129 0.0327  6 DG  D OP2   
514 O "O5'" . DG  D 6 ? 0.2850 0.2824 0.2817 0.0130  -0.0269 0.0378  6 DG  D "O5'" 
515 C "C5'" . DG  D 6 ? 0.2942 0.2806 0.2965 0.0040  -0.0366 0.0436  6 DG  D "C5'" 
516 C "C4'" . DG  D 6 ? 0.3014 0.2635 0.2993 0.0064  -0.0461 0.0349  6 DG  D "C4'" 
517 O "O4'" . DG  D 6 ? 0.2960 0.2548 0.2913 0.0134  -0.0427 0.0199  6 DG  D "O4'" 
518 C "C3'" . DG  D 6 ? 0.3123 0.2710 0.3045 0.0117  -0.0468 0.0333  6 DG  D "C3'" 
519 O "O3'" . DG  D 6 ? 0.3383 0.2731 0.3262 0.0118  -0.0608 0.0322  6 DG  D "O3'" 
520 C "C2'" . DG  D 6 ? 0.2869 0.2500 0.2752 0.0209  -0.0393 0.0185  6 DG  D "C2'" 
521 C "C1'" . DG  D 6 ? 0.2885 0.2437 0.2781 0.0211  -0.0429 0.0111  6 DG  D "C1'" 
522 N N9    . DG  D 6 ? 0.2657 0.2288 0.2542 0.0256  -0.0362 0.0003  6 DG  D N9    
523 C C8    . DG  D 6 ? 0.2663 0.2405 0.2531 0.0262  -0.0274 -0.0019 6 DG  D C8    
524 N N7    . DG  D 6 ? 0.2582 0.2367 0.2441 0.0270  -0.0249 -0.0089 6 DG  D N7    
525 C C5    . DG  D 6 ? 0.2566 0.2306 0.2441 0.0294  -0.0310 -0.0127 6 DG  D C5    
526 C C6    . DG  D 6 ? 0.2566 0.2377 0.2438 0.0327  -0.0314 -0.0197 6 DG  D C6    
527 O O6    . DG  D 6 ? 0.2416 0.2350 0.2286 0.0311  -0.0260 -0.0218 6 DG  D O6    
528 N N1    . DG  D 6 ? 0.2621 0.2343 0.2481 0.0383  -0.0405 -0.0236 6 DG  D N1    
529 C C2    . DG  D 6 ? 0.2795 0.2330 0.2642 0.0380  -0.0502 -0.0202 6 DG  D C2    
530 N N2    . DG  D 6 ? 0.3079 0.2487 0.2880 0.0450  -0.0620 -0.0263 6 DG  D N2    
531 N N3    . DG  D 6 ? 0.2825 0.2303 0.2689 0.0318  -0.0500 -0.0109 6 DG  D N3    
532 C C4    . DG  D 6 ? 0.2690 0.2301 0.2569 0.0290  -0.0392 -0.0081 6 DG  D C4    
533 P P     . DC  D 7 ? 0.3883 0.3137 0.3722 0.0082  -0.0693 0.0439  7 DC  D P     
534 O OP1   . DC  D 7 ? 0.3973 0.3379 0.3885 -0.0048 -0.0685 0.0642  7 DC  D OP1   
535 O OP2   . DC  D 7 ? 0.3964 0.3274 0.3746 0.0191  -0.0637 0.0356  7 DC  D OP2   
536 O "O5'" . DC  D 7 ? 0.4007 0.2914 0.3769 0.0099  -0.0881 0.0385  7 DC  D "O5'" 
537 C "C5'" . DC  D 7 ? 0.4045 0.2803 0.3830 0.0017  -0.0990 0.0412  7 DC  D "C5'" 
538 C "C4'" . DC  D 7 ? 0.4193 0.2722 0.3879 0.0147  -0.1098 0.0231  7 DC  D "C4'" 
539 O "O4'" . DC  D 7 ? 0.3772 0.2527 0.3479 0.0258  -0.0951 0.0086  7 DC  D "O4'" 
540 C "C3'" . DC  D 7 ? 0.4463 0.2730 0.3996 0.0268  -0.1241 0.0160  7 DC  D "C3'" 
541 O "O3'" . DC  D 7 ? 0.4947 0.2894 0.4365 0.0340  -0.1439 0.0064  7 DC  D "O3'" 
542 C "C2'" . DC  D 7 ? 0.4137 0.2646 0.3658 0.0422  -0.1099 0.0019  7 DC  D "C2'" 
543 C "C1'" . DC  D 7 ? 0.3798 0.2523 0.3404 0.0420  -0.0978 -0.0049 7 DC  D "C1'" 
544 N N1    . DC  D 7 ? 0.3400 0.2435 0.3059 0.0458  -0.0799 -0.0104 7 DC  D N1    
545 C C2    . DC  D 7 ? 0.3274 0.2459 0.2942 0.0527  -0.0746 -0.0216 7 DC  D C2    
546 O O2    . DC  D 7 ? 0.3399 0.2474 0.3020 0.0593  -0.0843 -0.0288 7 DC  D O2    
547 N N3    . DC  D 7 ? 0.2937 0.2379 0.2651 0.0527  -0.0610 -0.0245 7 DC  D N3    
548 C C4    . DC  D 7 ? 0.2873 0.2395 0.2614 0.0471  -0.0531 -0.0182 7 DC  D C4    
549 N N4    . DC  D 7 ? 0.2696 0.2416 0.2463 0.0460  -0.0431 -0.0213 7 DC  D N4    
550 C C5    . DC  D 7 ? 0.2956 0.2361 0.2689 0.0427  -0.0568 -0.0080 7 DC  D C5    
551 C C6    . DC  D 7 ? 0.3219 0.2397 0.2920 0.0410  -0.0697 -0.0031 7 DC  D C6    
# 
loop_
_pdbx_poly_seq_scheme.asym_id 
_pdbx_poly_seq_scheme.entity_id 
_pdbx_poly_seq_scheme.seq_id 
_pdbx_poly_seq_scheme.mon_id 
_pdbx_poly_seq_scheme.ndb_seq_num 
_pdbx_poly_seq_scheme.pdb_seq_num 
_pdbx_poly_seq_scheme.auth_seq_num 
_pdbx_poly_seq_scheme.pdb_mon_id 
_pdbx_poly_seq_scheme.auth_mon_id 
_pdbx_poly_seq_scheme.pdb_strand_id 
_pdbx_poly_seq_scheme.pdb_ins_code 
_pdbx_poly_seq_scheme.hetero 
A 1 1 DG  1 1 1 DG  DG  A . n 
A 1 2 DC  2 2 2 DC  DC  A . n 
A 1 3 DG  3 3 3 DG  DG  A . n 
A 1 4 XTF 4 4 4 XTF XTF A . n 
A 1 5 DG  5 5 5 DG  DG  A . n 
A 1 6 DC  6 6 6 DC  DC  A . n 
A 1 7 DG  7 7 7 DG  DG  A . n 
B 2 1 DC  1 1 1 DC  DC  B . n 
B 2 2 DG  2 2 2 DG  DG  B . n 
B 2 3 DC  3 3 3 DC  DC  B . n 
B 2 4 DA  4 4 4 DA  DA  B . n 
B 2 5 DC  5 5 5 DC  DC  B . n 
B 2 6 DG  6 6 6 DG  DG  B . n 
B 2 7 DC  7 7 7 DC  DC  B . n 
C 1 1 DG  1 1 1 DG  DG  C . n 
C 1 2 DC  2 2 2 DC  DC  C . n 
C 1 3 DG  3 3 3 DG  DG  C . n 
C 1 4 XTF 4 4 4 XTF XTF C . n 
C 1 5 DG  5 5 5 DG  DG  C . n 
C 1 6 DC  6 6 6 DC  DC  C . n 
C 1 7 DG  7 7 7 DG  DG  C . n 
D 2 1 DC  1 1 1 DC  DC  D . n 
D 2 2 DG  2 2 2 DG  DG  D . n 
D 2 3 DC  3 3 3 DC  DC  D . n 
D 2 4 DA  4 4 4 DA  DA  D . n 
D 2 5 DC  5 5 5 DC  DC  D . n 
D 2 6 DG  6 6 6 DG  DG  D . n 
D 2 7 DC  7 7 7 DC  DC  D . n 
# 
loop_
_pdbx_nonpoly_scheme.asym_id 
_pdbx_nonpoly_scheme.entity_id 
_pdbx_nonpoly_scheme.mon_id 
_pdbx_nonpoly_scheme.ndb_seq_num 
_pdbx_nonpoly_scheme.pdb_seq_num 
_pdbx_nonpoly_scheme.auth_seq_num 
_pdbx_nonpoly_scheme.pdb_mon_id 
_pdbx_nonpoly_scheme.auth_mon_id 
_pdbx_nonpoly_scheme.pdb_strand_id 
_pdbx_nonpoly_scheme.pdb_ins_code 
E 3 NCO 1  101 2  NCO NCO A . 
F 3 NCO 1  101 1  NCO NCO B . 
G 4 3CO 1  102 3  3CO CO  B . 
H 4 3CO 1  103 4  3CO CO  B . 
I 4 3CO 1  104 5  3CO CO  B . 
J 4 3CO 1  105 6  3CO CO  B . 
K 4 3CO 1  101 7  3CO CO  C . 
L 4 3CO 1  102 8  3CO CO  C . 
M 5 HOH 1  201 3  HOH HOH A . 
M 5 HOH 2  202 4  HOH HOH A . 
M 5 HOH 3  203 32 HOH HOH A . 
M 5 HOH 4  204 41 HOH HOH A . 
M 5 HOH 5  205 42 HOH HOH A . 
M 5 HOH 6  206 43 HOH HOH A . 
M 5 HOH 7  207 44 HOH HOH A . 
M 5 HOH 8  208 48 HOH HOH A . 
M 5 HOH 9  209 53 HOH HOH A . 
M 5 HOH 10 210 58 HOH HOH A . 
M 5 HOH 11 211 63 HOH HOH A . 
M 5 HOH 12 214 85 HOH HOH A . 
M 5 HOH 13 215 86 HOH HOH A . 
N 5 HOH 1  201 5  HOH HOH B . 
N 5 HOH 2  202 12 HOH HOH B . 
N 5 HOH 3  203 13 HOH HOH B . 
N 5 HOH 4  204 14 HOH HOH B . 
N 5 HOH 5  205 18 HOH HOH B . 
N 5 HOH 6  206 20 HOH HOH B . 
N 5 HOH 7  207 21 HOH HOH B . 
N 5 HOH 8  208 22 HOH HOH B . 
N 5 HOH 9  209 23 HOH HOH B . 
N 5 HOH 10 210 29 HOH HOH B . 
N 5 HOH 11 211 30 HOH HOH B . 
N 5 HOH 12 212 31 HOH HOH B . 
N 5 HOH 13 213 33 HOH HOH B . 
N 5 HOH 14 214 35 HOH HOH B . 
N 5 HOH 15 215 40 HOH HOH B . 
N 5 HOH 16 216 45 HOH HOH B . 
N 5 HOH 17 217 49 HOH HOH B . 
N 5 HOH 18 218 50 HOH HOH B . 
N 5 HOH 19 219 51 HOH HOH B . 
N 5 HOH 20 220 52 HOH HOH B . 
N 5 HOH 21 221 54 HOH HOH B . 
N 5 HOH 22 222 57 HOH HOH B . 
N 5 HOH 23 223 59 HOH HOH B . 
N 5 HOH 24 224 60 HOH HOH B . 
N 5 HOH 25 225 61 HOH HOH B . 
N 5 HOH 26 226 62 HOH HOH B . 
N 5 HOH 27 227 64 HOH HOH B . 
N 5 HOH 28 228 68 HOH HOH B . 
N 5 HOH 29 229 71 HOH HOH B . 
N 5 HOH 30 230 72 HOH HOH B . 
N 5 HOH 31 231 74 HOH HOH B . 
N 5 HOH 32 232 75 HOH HOH B . 
N 5 HOH 33 233 76 HOH HOH B . 
N 5 HOH 34 234 79 HOH HOH B . 
N 5 HOH 35 235 84 HOH HOH B . 
O 5 HOH 1  201 1  HOH HOH C . 
O 5 HOH 2  202 2  HOH HOH C . 
O 5 HOH 3  203 15 HOH HOH C . 
O 5 HOH 4  204 24 HOH HOH C . 
O 5 HOH 5  205 25 HOH HOH C . 
O 5 HOH 6  206 26 HOH HOH C . 
O 5 HOH 7  207 38 HOH HOH C . 
O 5 HOH 8  208 47 HOH HOH C . 
O 5 HOH 9  209 65 HOH HOH C . 
O 5 HOH 10 211 67 HOH HOH C . 
P 5 HOH 1  101 6  HOH HOH D . 
P 5 HOH 2  102 7  HOH HOH D . 
P 5 HOH 3  103 8  HOH HOH D . 
P 5 HOH 4  104 9  HOH HOH D . 
P 5 HOH 5  105 10 HOH HOH D . 
P 5 HOH 6  106 11 HOH HOH D . 
P 5 HOH 7  108 17 HOH HOH D . 
P 5 HOH 8  109 19 HOH HOH D . 
P 5 HOH 9  110 27 HOH HOH D . 
P 5 HOH 10 111 28 HOH HOH D . 
P 5 HOH 11 112 34 HOH HOH D . 
P 5 HOH 12 113 46 HOH HOH D . 
P 5 HOH 13 114 69 HOH HOH D . 
P 5 HOH 14 115 70 HOH HOH D . 
P 5 HOH 15 116 73 HOH HOH D . 
P 5 HOH 16 117 78 HOH HOH D . 
P 5 HOH 17 118 80 HOH HOH D . 
P 5 HOH 18 119 81 HOH HOH D . 
P 5 HOH 19 120 82 HOH HOH D . 
# 
loop_
_pdbx_struct_mod_residue.id 
_pdbx_struct_mod_residue.label_asym_id 
_pdbx_struct_mod_residue.label_comp_id 
_pdbx_struct_mod_residue.label_seq_id 
_pdbx_struct_mod_residue.auth_asym_id 
_pdbx_struct_mod_residue.auth_comp_id 
_pdbx_struct_mod_residue.auth_seq_id 
_pdbx_struct_mod_residue.PDB_ins_code 
_pdbx_struct_mod_residue.parent_comp_id 
_pdbx_struct_mod_residue.details 
1 A XTF 4 A XTF 4 ? DT ? 
2 C XTF 4 C XTF 4 ? DT ? 
# 
loop_
_pdbx_struct_assembly.id 
_pdbx_struct_assembly.details 
_pdbx_struct_assembly.method_details 
_pdbx_struct_assembly.oligomeric_details 
_pdbx_struct_assembly.oligomeric_count 
1 author_and_software_defined_assembly PISA dimeric 2 
2 author_and_software_defined_assembly PISA dimeric 2 
# 
loop_
_pdbx_struct_assembly_gen.assembly_id 
_pdbx_struct_assembly_gen.oper_expression 
_pdbx_struct_assembly_gen.asym_id_list 
1 1 A,B,E,F,G,H,I,J,M,N 
2 1 C,D,K,L,O,P         
# 
loop_
_pdbx_struct_assembly_prop.biol_id 
_pdbx_struct_assembly_prop.type 
_pdbx_struct_assembly_prop.value 
_pdbx_struct_assembly_prop.details 
1 'ABSA (A^2)' 1030 ? 
1 MORE         -32  ? 
1 'SSA (A^2)'  3290 ? 
2 'ABSA (A^2)' 910  ? 
2 MORE         -15  ? 
2 'SSA (A^2)'  2900 ? 
# 
_pdbx_struct_oper_list.id                   1 
_pdbx_struct_oper_list.type                 'identity operation' 
_pdbx_struct_oper_list.name                 1_555 
_pdbx_struct_oper_list.symmetry_operation   x,y,z 
_pdbx_struct_oper_list.matrix[1][1]         1.0000000000 
_pdbx_struct_oper_list.matrix[1][2]         0.0000000000 
_pdbx_struct_oper_list.matrix[1][3]         0.0000000000 
_pdbx_struct_oper_list.vector[1]            0.0000000000 
_pdbx_struct_oper_list.matrix[2][1]         0.0000000000 
_pdbx_struct_oper_list.matrix[2][2]         1.0000000000 
_pdbx_struct_oper_list.matrix[2][3]         0.0000000000 
_pdbx_struct_oper_list.vector[2]            0.0000000000 
_pdbx_struct_oper_list.matrix[3][1]         0.0000000000 
_pdbx_struct_oper_list.matrix[3][2]         0.0000000000 
_pdbx_struct_oper_list.matrix[3][3]         1.0000000000 
_pdbx_struct_oper_list.vector[3]            0.0000000000 
# 
loop_
_pdbx_audit_revision_history.ordinal 
_pdbx_audit_revision_history.data_content_type 
_pdbx_audit_revision_history.major_revision 
_pdbx_audit_revision_history.minor_revision 
_pdbx_audit_revision_history.revision_date 
1 'Structure model' 1 0 2012-05-30 
2 'Structure model' 1 1 2012-06-13 
3 'Structure model' 1 2 2023-09-13 
# 
_pdbx_audit_revision_details.ordinal             1 
_pdbx_audit_revision_details.revision_ordinal    1 
_pdbx_audit_revision_details.data_content_type   'Structure model' 
_pdbx_audit_revision_details.provider            repository 
_pdbx_audit_revision_details.type                'Initial release' 
_pdbx_audit_revision_details.description         ? 
_pdbx_audit_revision_details.details             ? 
# 
loop_
_pdbx_audit_revision_group.ordinal 
_pdbx_audit_revision_group.revision_ordinal 
_pdbx_audit_revision_group.data_content_type 
_pdbx_audit_revision_group.group 
1 2 'Structure model' 'Database references'    
2 3 'Structure model' 'Data collection'        
3 3 'Structure model' 'Database references'    
4 3 'Structure model' 'Derived calculations'   
5 3 'Structure model' 'Refinement description' 
# 
loop_
_pdbx_audit_revision_category.ordinal 
_pdbx_audit_revision_category.revision_ordinal 
_pdbx_audit_revision_category.data_content_type 
_pdbx_audit_revision_category.category 
1 3 'Structure model' chem_comp_atom                
2 3 'Structure model' chem_comp_bond                
3 3 'Structure model' database_2                    
4 3 'Structure model' pdbx_initial_refinement_model 
5 3 'Structure model' struct_conn                   
6 3 'Structure model' struct_site                   
# 
loop_
_pdbx_audit_revision_item.ordinal 
_pdbx_audit_revision_item.revision_ordinal 
_pdbx_audit_revision_item.data_content_type 
_pdbx_audit_revision_item.item 
1 3 'Structure model' '_database_2.pdbx_DOI'                
2 3 'Structure model' '_database_2.pdbx_database_accession' 
3 3 'Structure model' '_struct_conn.pdbx_leaving_atom_flag' 
4 3 'Structure model' '_struct_site.pdbx_auth_asym_id'      
5 3 'Structure model' '_struct_site.pdbx_auth_comp_id'      
6 3 'Structure model' '_struct_site.pdbx_auth_seq_id'       
# 
loop_
_pdbx_refine_tls.pdbx_refine_id 
_pdbx_refine_tls.id 
_pdbx_refine_tls.details 
_pdbx_refine_tls.method 
_pdbx_refine_tls.origin_x 
_pdbx_refine_tls.origin_y 
_pdbx_refine_tls.origin_z 
_pdbx_refine_tls.T[1][1] 
_pdbx_refine_tls.T[2][2] 
_pdbx_refine_tls.T[3][3] 
_pdbx_refine_tls.T[1][2] 
_pdbx_refine_tls.T[1][3] 
_pdbx_refine_tls.T[2][3] 
_pdbx_refine_tls.L[1][1] 
_pdbx_refine_tls.L[2][2] 
_pdbx_refine_tls.L[3][3] 
_pdbx_refine_tls.L[1][2] 
_pdbx_refine_tls.L[1][3] 
_pdbx_refine_tls.L[2][3] 
_pdbx_refine_tls.S[1][1] 
_pdbx_refine_tls.S[1][2] 
_pdbx_refine_tls.S[1][3] 
_pdbx_refine_tls.S[2][1] 
_pdbx_refine_tls.S[2][2] 
_pdbx_refine_tls.S[2][3] 
_pdbx_refine_tls.S[3][1] 
_pdbx_refine_tls.S[3][2] 
_pdbx_refine_tls.S[3][3] 
'X-RAY DIFFRACTION' 1 ? refined 3.3749  7.7983  2.9080  0.0967 0.0916 0.0821 0.0025 -0.0126 -0.0007 3.9745 0.1496 1.2736 0.1435  0.3330 0.2531  -0.1653 -0.2641 0.1465  0.0406  0.0646 0.0005 -0.1481 0.1430  0.1008  
'X-RAY DIFFRACTION' 2 ? refined -3.5326 -8.4184 -3.0178 0.1443 0.1205 0.1448 0.0202 -0.0299 -0.0075 2.0319 0.4571 3.8550 -0.8794 1.9275 -0.5814 0.1855  0.0255  -0.2433 -0.0092 0.0508 0.0866 0.1910  -0.0222 -0.2364  
# 
loop_
_pdbx_refine_tls_group.pdbx_refine_id 
_pdbx_refine_tls_group.id 
_pdbx_refine_tls_group.refine_tls_id 
_pdbx_refine_tls_group.beg_auth_asym_id 
_pdbx_refine_tls_group.beg_auth_seq_id 
_pdbx_refine_tls_group.beg_label_asym_id 
_pdbx_refine_tls_group.beg_label_seq_id 
_pdbx_refine_tls_group.end_auth_asym_id 
_pdbx_refine_tls_group.end_auth_seq_id 
_pdbx_refine_tls_group.end_label_asym_id 
_pdbx_refine_tls_group.end_label_seq_id 
_pdbx_refine_tls_group.selection 
_pdbx_refine_tls_group.selection_details 
'X-RAY DIFFRACTION' 1 1 A 1 ? ? A 7 ? ? ? ? 
'X-RAY DIFFRACTION' 2 1 B 1 ? ? B 7 ? ? ? ? 
'X-RAY DIFFRACTION' 3 2 C 1 ? ? C 7 ? ? ? ? 
'X-RAY DIFFRACTION' 4 2 D 1 ? ? D 7 ? ? ? ? 
# 
loop_
_software.name 
_software.classification 
_software.version 
_software.citation_id 
_software.pdbx_ordinal 
MD2      'data collection' 'diffractometer software from EMBL (with LS-CAT developed extensions)' ? 1 
PHASER   phasing           .                                                                      ? 2 
REFMAC   refinement        5.6.0117                                                               ? 3 
HKL-2000 'data reduction'  .                                                                      ? 4 
HKL-2000 'data scaling'    .                                                                      ? 5 
# 
_pdbx_validate_close_contact.id               1 
_pdbx_validate_close_contact.PDB_model_num    1 
_pdbx_validate_close_contact.auth_atom_id_1   O 
_pdbx_validate_close_contact.auth_asym_id_1   B 
_pdbx_validate_close_contact.auth_comp_id_1   HOH 
_pdbx_validate_close_contact.auth_seq_id_1    220 
_pdbx_validate_close_contact.PDB_ins_code_1   ? 
_pdbx_validate_close_contact.label_alt_id_1   ? 
_pdbx_validate_close_contact.auth_atom_id_2   O 
_pdbx_validate_close_contact.auth_asym_id_2   B 
_pdbx_validate_close_contact.auth_comp_id_2   HOH 
_pdbx_validate_close_contact.auth_seq_id_2    221 
_pdbx_validate_close_contact.PDB_ins_code_2   ? 
_pdbx_validate_close_contact.label_alt_id_2   ? 
_pdbx_validate_close_contact.dist             1.96 
# 
loop_
_pdbx_validate_rmsd_angle.id 
_pdbx_validate_rmsd_angle.PDB_model_num 
_pdbx_validate_rmsd_angle.auth_atom_id_1 
_pdbx_validate_rmsd_angle.auth_asym_id_1 
_pdbx_validate_rmsd_angle.auth_comp_id_1 
_pdbx_validate_rmsd_angle.auth_seq_id_1 
_pdbx_validate_rmsd_angle.PDB_ins_code_1 
_pdbx_validate_rmsd_angle.label_alt_id_1 
_pdbx_validate_rmsd_angle.auth_atom_id_2 
_pdbx_validate_rmsd_angle.auth_asym_id_2 
_pdbx_validate_rmsd_angle.auth_comp_id_2 
_pdbx_validate_rmsd_angle.auth_seq_id_2 
_pdbx_validate_rmsd_angle.PDB_ins_code_2 
_pdbx_validate_rmsd_angle.label_alt_id_2 
_pdbx_validate_rmsd_angle.auth_atom_id_3 
_pdbx_validate_rmsd_angle.auth_asym_id_3 
_pdbx_validate_rmsd_angle.auth_comp_id_3 
_pdbx_validate_rmsd_angle.auth_seq_id_3 
_pdbx_validate_rmsd_angle.PDB_ins_code_3 
_pdbx_validate_rmsd_angle.label_alt_id_3 
_pdbx_validate_rmsd_angle.angle_value 
_pdbx_validate_rmsd_angle.angle_target_value 
_pdbx_validate_rmsd_angle.angle_deviation 
_pdbx_validate_rmsd_angle.angle_standard_deviation 
_pdbx_validate_rmsd_angle.linker_flag 
1 1 "O5'" A DG 7 ? ? P     A DG 7 ? ? OP1   A DG 7 ? ? 100.15 105.70 -5.55 0.90 N 
2 1 "O5'" B DA 4 ? ? "C5'" B DA 4 ? ? "C4'" B DA 4 ? ? 104.41 109.40 -4.99 0.80 N 
3 1 "C3'" C DG 1 ? ? "O3'" C DG 1 ? ? P     C DC 2 ? ? 127.16 119.70 7.46  1.20 Y 
4 1 "C3'" D DG 6 ? ? "C2'" D DG 6 ? ? "C1'" D DG 6 ? ? 97.58  102.40 -4.82 0.80 N 
# 
loop_
_pdbx_unobs_or_zero_occ_atoms.id 
_pdbx_unobs_or_zero_occ_atoms.PDB_model_num 
_pdbx_unobs_or_zero_occ_atoms.polymer_flag 
_pdbx_unobs_or_zero_occ_atoms.occupancy_flag 
_pdbx_unobs_or_zero_occ_atoms.auth_asym_id 
_pdbx_unobs_or_zero_occ_atoms.auth_comp_id 
_pdbx_unobs_or_zero_occ_atoms.auth_seq_id 
_pdbx_unobs_or_zero_occ_atoms.PDB_ins_code 
_pdbx_unobs_or_zero_occ_atoms.auth_atom_id 
_pdbx_unobs_or_zero_occ_atoms.label_alt_id 
_pdbx_unobs_or_zero_occ_atoms.label_asym_id 
_pdbx_unobs_or_zero_occ_atoms.label_comp_id 
_pdbx_unobs_or_zero_occ_atoms.label_seq_id 
_pdbx_unobs_or_zero_occ_atoms.label_atom_id 
1  1 Y 1 D DC 1 ? "O5'" ? D DC 1 "O5'" 
2  1 Y 1 D DC 1 ? "C5'" ? D DC 1 "C5'" 
3  1 Y 1 D DC 1 ? "C4'" ? D DC 1 "C4'" 
4  1 Y 1 D DC 1 ? "O4'" ? D DC 1 "O4'" 
5  1 Y 1 D DC 1 ? "C3'" ? D DC 1 "C3'" 
6  1 Y 1 D DC 1 ? "C2'" ? D DC 1 "C2'" 
7  1 Y 1 D DC 1 ? "C1'" ? D DC 1 "C1'" 
8  1 Y 1 D DC 1 ? N1    ? D DC 1 N1    
9  1 Y 1 D DC 1 ? C2    ? D DC 1 C2    
10 1 Y 1 D DC 1 ? O2    ? D DC 1 O2    
11 1 Y 1 D DC 1 ? N3    ? D DC 1 N3    
12 1 Y 1 D DC 1 ? C4    ? D DC 1 C4    
13 1 Y 1 D DC 1 ? N4    ? D DC 1 N4    
14 1 Y 1 D DC 1 ? C5    ? D DC 1 C5    
15 1 Y 1 D DC 1 ? C6    ? D DC 1 C6    
# 
loop_
_chem_comp_atom.comp_id 
_chem_comp_atom.atom_id 
_chem_comp_atom.type_symbol 
_chem_comp_atom.pdbx_aromatic_flag 
_chem_comp_atom.pdbx_stereo_config 
_chem_comp_atom.pdbx_ordinal 
3CO CO     CO N N 1   
DA  OP3    O  N N 2   
DA  P      P  N N 3   
DA  OP1    O  N N 4   
DA  OP2    O  N N 5   
DA  "O5'"  O  N N 6   
DA  "C5'"  C  N N 7   
DA  "C4'"  C  N R 8   
DA  "O4'"  O  N N 9   
DA  "C3'"  C  N S 10  
DA  "O3'"  O  N N 11  
DA  "C2'"  C  N N 12  
DA  "C1'"  C  N R 13  
DA  N9     N  Y N 14  
DA  C8     C  Y N 15  
DA  N7     N  Y N 16  
DA  C5     C  Y N 17  
DA  C6     C  Y N 18  
DA  N6     N  N N 19  
DA  N1     N  Y N 20  
DA  C2     C  Y N 21  
DA  N3     N  Y N 22  
DA  C4     C  Y N 23  
DA  HOP3   H  N N 24  
DA  HOP2   H  N N 25  
DA  "H5'"  H  N N 26  
DA  "H5''" H  N N 27  
DA  "H4'"  H  N N 28  
DA  "H3'"  H  N N 29  
DA  "HO3'" H  N N 30  
DA  "H2'"  H  N N 31  
DA  "H2''" H  N N 32  
DA  "H1'"  H  N N 33  
DA  H8     H  N N 34  
DA  H61    H  N N 35  
DA  H62    H  N N 36  
DA  H2     H  N N 37  
DC  OP3    O  N N 38  
DC  P      P  N N 39  
DC  OP1    O  N N 40  
DC  OP2    O  N N 41  
DC  "O5'"  O  N N 42  
DC  "C5'"  C  N N 43  
DC  "C4'"  C  N R 44  
DC  "O4'"  O  N N 45  
DC  "C3'"  C  N S 46  
DC  "O3'"  O  N N 47  
DC  "C2'"  C  N N 48  
DC  "C1'"  C  N R 49  
DC  N1     N  N N 50  
DC  C2     C  N N 51  
DC  O2     O  N N 52  
DC  N3     N  N N 53  
DC  C4     C  N N 54  
DC  N4     N  N N 55  
DC  C5     C  N N 56  
DC  C6     C  N N 57  
DC  HOP3   H  N N 58  
DC  HOP2   H  N N 59  
DC  "H5'"  H  N N 60  
DC  "H5''" H  N N 61  
DC  "H4'"  H  N N 62  
DC  "H3'"  H  N N 63  
DC  "HO3'" H  N N 64  
DC  "H2'"  H  N N 65  
DC  "H2''" H  N N 66  
DC  "H1'"  H  N N 67  
DC  H41    H  N N 68  
DC  H42    H  N N 69  
DC  H5     H  N N 70  
DC  H6     H  N N 71  
DG  OP3    O  N N 72  
DG  P      P  N N 73  
DG  OP1    O  N N 74  
DG  OP2    O  N N 75  
DG  "O5'"  O  N N 76  
DG  "C5'"  C  N N 77  
DG  "C4'"  C  N R 78  
DG  "O4'"  O  N N 79  
DG  "C3'"  C  N S 80  
DG  "O3'"  O  N N 81  
DG  "C2'"  C  N N 82  
DG  "C1'"  C  N R 83  
DG  N9     N  Y N 84  
DG  C8     C  Y N 85  
DG  N7     N  Y N 86  
DG  C5     C  Y N 87  
DG  C6     C  N N 88  
DG  O6     O  N N 89  
DG  N1     N  N N 90  
DG  C2     C  N N 91  
DG  N2     N  N N 92  
DG  N3     N  N N 93  
DG  C4     C  Y N 94  
DG  HOP3   H  N N 95  
DG  HOP2   H  N N 96  
DG  "H5'"  H  N N 97  
DG  "H5''" H  N N 98  
DG  "H4'"  H  N N 99  
DG  "H3'"  H  N N 100 
DG  "HO3'" H  N N 101 
DG  "H2'"  H  N N 102 
DG  "H2''" H  N N 103 
DG  "H1'"  H  N N 104 
DG  H8     H  N N 105 
DG  H1     H  N N 106 
DG  H21    H  N N 107 
DG  H22    H  N N 108 
HOH O      O  N N 109 
HOH H1     H  N N 110 
HOH H2     H  N N 111 
NCO CO     CO N N 112 
NCO N1     N  N N 113 
NCO N2     N  N N 114 
NCO N3     N  N N 115 
NCO N4     N  N N 116 
NCO N5     N  N N 117 
NCO N6     N  N N 118 
NCO HN11   H  N N 119 
NCO HN12   H  N N 120 
NCO HN13   H  N N 121 
NCO HN21   H  N N 122 
NCO HN22   H  N N 123 
NCO HN23   H  N N 124 
NCO HN31   H  N N 125 
NCO HN32   H  N N 126 
NCO HN33   H  N N 127 
NCO HN41   H  N N 128 
NCO HN42   H  N N 129 
NCO HN43   H  N N 130 
NCO HN51   H  N N 131 
NCO HN52   H  N N 132 
NCO HN53   H  N N 133 
NCO HN61   H  N N 134 
NCO HN62   H  N N 135 
NCO HN63   H  N N 136 
XTF F      F  N N 137 
XTF "C2'"  C  N S 138 
XTF "C1'"  C  N R 139 
XTF N1     N  N N 140 
XTF C6     C  N N 141 
XTF C5     C  N N 142 
XTF C5M    C  N N 143 
XTF C2     C  N N 144 
XTF O2     O  N N 145 
XTF N3     N  N N 146 
XTF C4     C  N N 147 
XTF O4     O  N N 148 
XTF "C7'"  C  N N 149 
XTF "C6'"  C  N N 150 
XTF "C3'"  C  N R 151 
XTF "O3'"  O  N N 152 
XTF "C4'"  C  N R 153 
XTF "C5'"  C  N N 154 
XTF "O5'"  O  N N 155 
XTF P      P  N N 156 
XTF OP1    O  N N 157 
XTF OP2    O  N N 158 
XTF H1     H  N N 159 
XTF H2     H  N N 160 
XTF H3     H  N N 161 
XTF H4     H  N N 162 
XTF H5     H  N N 163 
XTF H6     H  N N 164 
XTF H7     H  N N 165 
XTF H8     H  N N 166 
XTF H9     H  N N 167 
XTF H10    H  N N 168 
XTF H11    H  N N 169 
XTF H12    H  N N 170 
XTF H13    H  N N 171 
XTF H14    H  N N 172 
XTF H16    H  N N 173 
XTF OP3    O  N N 174 
XTF H18    H  N N 175 
# 
loop_
_chem_comp_bond.comp_id 
_chem_comp_bond.atom_id_1 
_chem_comp_bond.atom_id_2 
_chem_comp_bond.value_order 
_chem_comp_bond.pdbx_aromatic_flag 
_chem_comp_bond.pdbx_stereo_config 
_chem_comp_bond.pdbx_ordinal 
DA  OP3   P      sing N N 1   
DA  OP3   HOP3   sing N N 2   
DA  P     OP1    doub N N 3   
DA  P     OP2    sing N N 4   
DA  P     "O5'"  sing N N 5   
DA  OP2   HOP2   sing N N 6   
DA  "O5'" "C5'"  sing N N 7   
DA  "C5'" "C4'"  sing N N 8   
DA  "C5'" "H5'"  sing N N 9   
DA  "C5'" "H5''" sing N N 10  
DA  "C4'" "O4'"  sing N N 11  
DA  "C4'" "C3'"  sing N N 12  
DA  "C4'" "H4'"  sing N N 13  
DA  "O4'" "C1'"  sing N N 14  
DA  "C3'" "O3'"  sing N N 15  
DA  "C3'" "C2'"  sing N N 16  
DA  "C3'" "H3'"  sing N N 17  
DA  "O3'" "HO3'" sing N N 18  
DA  "C2'" "C1'"  sing N N 19  
DA  "C2'" "H2'"  sing N N 20  
DA  "C2'" "H2''" sing N N 21  
DA  "C1'" N9     sing N N 22  
DA  "C1'" "H1'"  sing N N 23  
DA  N9    C8     sing Y N 24  
DA  N9    C4     sing Y N 25  
DA  C8    N7     doub Y N 26  
DA  C8    H8     sing N N 27  
DA  N7    C5     sing Y N 28  
DA  C5    C6     sing Y N 29  
DA  C5    C4     doub Y N 30  
DA  C6    N6     sing N N 31  
DA  C6    N1     doub Y N 32  
DA  N6    H61    sing N N 33  
DA  N6    H62    sing N N 34  
DA  N1    C2     sing Y N 35  
DA  C2    N3     doub Y N 36  
DA  C2    H2     sing N N 37  
DA  N3    C4     sing Y N 38  
DC  OP3   P      sing N N 39  
DC  OP3   HOP3   sing N N 40  
DC  P     OP1    doub N N 41  
DC  P     OP2    sing N N 42  
DC  P     "O5'"  sing N N 43  
DC  OP2   HOP2   sing N N 44  
DC  "O5'" "C5'"  sing N N 45  
DC  "C5'" "C4'"  sing N N 46  
DC  "C5'" "H5'"  sing N N 47  
DC  "C5'" "H5''" sing N N 48  
DC  "C4'" "O4'"  sing N N 49  
DC  "C4'" "C3'"  sing N N 50  
DC  "C4'" "H4'"  sing N N 51  
DC  "O4'" "C1'"  sing N N 52  
DC  "C3'" "O3'"  sing N N 53  
DC  "C3'" "C2'"  sing N N 54  
DC  "C3'" "H3'"  sing N N 55  
DC  "O3'" "HO3'" sing N N 56  
DC  "C2'" "C1'"  sing N N 57  
DC  "C2'" "H2'"  sing N N 58  
DC  "C2'" "H2''" sing N N 59  
DC  "C1'" N1     sing N N 60  
DC  "C1'" "H1'"  sing N N 61  
DC  N1    C2     sing N N 62  
DC  N1    C6     sing N N 63  
DC  C2    O2     doub N N 64  
DC  C2    N3     sing N N 65  
DC  N3    C4     doub N N 66  
DC  C4    N4     sing N N 67  
DC  C4    C5     sing N N 68  
DC  N4    H41    sing N N 69  
DC  N4    H42    sing N N 70  
DC  C5    C6     doub N N 71  
DC  C5    H5     sing N N 72  
DC  C6    H6     sing N N 73  
DG  OP3   P      sing N N 74  
DG  OP3   HOP3   sing N N 75  
DG  P     OP1    doub N N 76  
DG  P     OP2    sing N N 77  
DG  P     "O5'"  sing N N 78  
DG  OP2   HOP2   sing N N 79  
DG  "O5'" "C5'"  sing N N 80  
DG  "C5'" "C4'"  sing N N 81  
DG  "C5'" "H5'"  sing N N 82  
DG  "C5'" "H5''" sing N N 83  
DG  "C4'" "O4'"  sing N N 84  
DG  "C4'" "C3'"  sing N N 85  
DG  "C4'" "H4'"  sing N N 86  
DG  "O4'" "C1'"  sing N N 87  
DG  "C3'" "O3'"  sing N N 88  
DG  "C3'" "C2'"  sing N N 89  
DG  "C3'" "H3'"  sing N N 90  
DG  "O3'" "HO3'" sing N N 91  
DG  "C2'" "C1'"  sing N N 92  
DG  "C2'" "H2'"  sing N N 93  
DG  "C2'" "H2''" sing N N 94  
DG  "C1'" N9     sing N N 95  
DG  "C1'" "H1'"  sing N N 96  
DG  N9    C8     sing Y N 97  
DG  N9    C4     sing Y N 98  
DG  C8    N7     doub Y N 99  
DG  C8    H8     sing N N 100 
DG  N7    C5     sing Y N 101 
DG  C5    C6     sing N N 102 
DG  C5    C4     doub Y N 103 
DG  C6    O6     doub N N 104 
DG  C6    N1     sing N N 105 
DG  N1    C2     sing N N 106 
DG  N1    H1     sing N N 107 
DG  C2    N2     sing N N 108 
DG  C2    N3     doub N N 109 
DG  N2    H21    sing N N 110 
DG  N2    H22    sing N N 111 
DG  N3    C4     sing N N 112 
HOH O     H1     sing N N 113 
HOH O     H2     sing N N 114 
NCO CO    N1     sing N N 115 
NCO CO    N2     sing N N 116 
NCO CO    N3     sing N N 117 
NCO CO    N4     sing N N 118 
NCO CO    N5     sing N N 119 
NCO CO    N6     sing N N 120 
NCO N1    HN11   sing N N 121 
NCO N1    HN12   sing N N 122 
NCO N1    HN13   sing N N 123 
NCO N2    HN21   sing N N 124 
NCO N2    HN22   sing N N 125 
NCO N2    HN23   sing N N 126 
NCO N3    HN31   sing N N 127 
NCO N3    HN32   sing N N 128 
NCO N3    HN33   sing N N 129 
NCO N4    HN41   sing N N 130 
NCO N4    HN42   sing N N 131 
NCO N4    HN43   sing N N 132 
NCO N5    HN51   sing N N 133 
NCO N5    HN52   sing N N 134 
NCO N5    HN53   sing N N 135 
NCO N6    HN61   sing N N 136 
NCO N6    HN62   sing N N 137 
NCO N6    HN63   sing N N 138 
XTF F     "C2'"  sing N N 139 
XTF "O3'" "C3'"  sing N N 140 
XTF "C2'" "C3'"  sing N N 141 
XTF "C2'" "C1'"  sing N N 142 
XTF "C3'" "C4'"  sing N N 143 
XTF "C1'" N1     sing N N 144 
XTF "C1'" "C7'"  sing N N 145 
XTF "O5'" "C5'"  sing N N 146 
XTF "O5'" P      sing N N 147 
XTF OP2   P      sing N N 148 
XTF N1    C6     sing N N 149 
XTF N1    C2     sing N N 150 
XTF O2    C2     doub N N 151 
XTF C6    C5     doub N N 152 
XTF C2    N3     sing N N 153 
XTF "C4'" "C5'"  sing N N 154 
XTF "C4'" "C6'"  sing N N 155 
XTF C5    C4     sing N N 156 
XTF C5    C5M    sing N N 157 
XTF N3    C4     sing N N 158 
XTF C4    O4     doub N N 159 
XTF P     OP1    doub N N 160 
XTF "C7'" "C6'"  doub N N 161 
XTF "C2'" H1     sing N N 162 
XTF "C1'" H2     sing N N 163 
XTF C6    H3     sing N N 164 
XTF C5M   H4     sing N N 165 
XTF C5M   H5     sing N N 166 
XTF C5M   H6     sing N N 167 
XTF N3    H7     sing N N 168 
XTF "C7'" H8     sing N N 169 
XTF "C6'" H9     sing N N 170 
XTF "C3'" H10    sing N N 171 
XTF "O3'" H11    sing N N 172 
XTF "C4'" H12    sing N N 173 
XTF "C5'" H13    sing N N 174 
XTF "C5'" H14    sing N N 175 
XTF OP2   H16    sing N N 176 
XTF P     OP3    sing N N 177 
XTF OP3   H18    sing N N 178 
# 
loop_
_ndb_struct_conf_na.entry_id 
_ndb_struct_conf_na.feature 
4F2X 'double helix'         
4F2X 'b-form double helix'  
4F2X 'mismatched base pair' 
# 
loop_
_ndb_struct_na_base_pair.model_number 
_ndb_struct_na_base_pair.i_label_asym_id 
_ndb_struct_na_base_pair.i_label_comp_id 
_ndb_struct_na_base_pair.i_label_seq_id 
_ndb_struct_na_base_pair.i_symmetry 
_ndb_struct_na_base_pair.j_label_asym_id 
_ndb_struct_na_base_pair.j_label_comp_id 
_ndb_struct_na_base_pair.j_label_seq_id 
_ndb_struct_na_base_pair.j_symmetry 
_ndb_struct_na_base_pair.shear 
_ndb_struct_na_base_pair.stretch 
_ndb_struct_na_base_pair.stagger 
_ndb_struct_na_base_pair.buckle 
_ndb_struct_na_base_pair.propeller 
_ndb_struct_na_base_pair.opening 
_ndb_struct_na_base_pair.pair_number 
_ndb_struct_na_base_pair.pair_name 
_ndb_struct_na_base_pair.i_auth_asym_id 
_ndb_struct_na_base_pair.i_auth_seq_id 
_ndb_struct_na_base_pair.i_PDB_ins_code 
_ndb_struct_na_base_pair.j_auth_asym_id 
_ndb_struct_na_base_pair.j_auth_seq_id 
_ndb_struct_na_base_pair.j_PDB_ins_code 
_ndb_struct_na_base_pair.hbond_type_28 
_ndb_struct_na_base_pair.hbond_type_12 
1 A DG 1 1_555 B DC 7 1_555 -0.411 -0.083 -0.104 -26.163 -9.781  -0.013 1  A_DG1:DC7_B A 1 ? B 7 ? 19 1 
1 A DC 2 1_555 B DG 6 1_555 0.099  -0.126 0.325  -16.075 1.251   -1.624 2  A_DC2:DG6_B A 2 ? B 6 ? 19 1 
1 A DG 3 1_555 B DC 5 1_555 -0.194 -0.125 0.009  0.525   -6.617  0.723  3  A_DG3:DC5_B A 3 ? B 5 ? 19 1 
1 A DG 5 1_555 B DC 3 1_555 -0.297 -0.157 0.223  -0.059  -5.387  -0.644 4  A_DG5:DC3_B A 5 ? B 3 ? 19 1 
1 A DC 6 1_555 B DG 2 1_555 0.359  -0.061 -0.025 5.900   1.378   0.568  5  A_DC6:DG2_B A 6 ? B 2 ? 19 1 
1 C DG 1 1_555 D DC 7 1_555 -0.282 -0.110 0.095  -14.596 -11.246 -1.740 6  C_DG1:DC7_D C 1 ? D 7 ? 19 1 
1 C DC 2 1_555 D DG 6 1_555 0.219  -0.137 0.291  -12.773 -0.908  -2.165 7  C_DC2:DG6_D C 2 ? D 6 ? 19 1 
1 C DG 3 1_555 D DC 5 1_555 -0.187 -0.129 0.085  4.799   -9.353  -0.708 8  C_DG3:DC5_D C 3 ? D 5 ? 19 1 
1 C DG 5 1_555 D DC 3 1_555 -0.173 -0.186 -0.262 -14.775 1.811   -1.692 9  C_DG5:DC3_D C 5 ? D 3 ? 19 1 
1 C DC 6 1_555 D DG 2 1_555 0.256  -0.180 -0.229 8.745   19.124  -0.407 10 C_DC6:DG2_D C 6 ? D 2 ? 19 1 
# 
loop_
_ndb_struct_na_base_pair_step.model_number 
_ndb_struct_na_base_pair_step.i_label_asym_id_1 
_ndb_struct_na_base_pair_step.i_label_comp_id_1 
_ndb_struct_na_base_pair_step.i_label_seq_id_1 
_ndb_struct_na_base_pair_step.i_symmetry_1 
_ndb_struct_na_base_pair_step.j_label_asym_id_1 
_ndb_struct_na_base_pair_step.j_label_comp_id_1 
_ndb_struct_na_base_pair_step.j_label_seq_id_1 
_ndb_struct_na_base_pair_step.j_symmetry_1 
_ndb_struct_na_base_pair_step.i_label_asym_id_2 
_ndb_struct_na_base_pair_step.i_label_comp_id_2 
_ndb_struct_na_base_pair_step.i_label_seq_id_2 
_ndb_struct_na_base_pair_step.i_symmetry_2 
_ndb_struct_na_base_pair_step.j_label_asym_id_2 
_ndb_struct_na_base_pair_step.j_label_comp_id_2 
_ndb_struct_na_base_pair_step.j_label_seq_id_2 
_ndb_struct_na_base_pair_step.j_symmetry_2 
_ndb_struct_na_base_pair_step.shift 
_ndb_struct_na_base_pair_step.slide 
_ndb_struct_na_base_pair_step.rise 
_ndb_struct_na_base_pair_step.tilt 
_ndb_struct_na_base_pair_step.roll 
_ndb_struct_na_base_pair_step.twist 
_ndb_struct_na_base_pair_step.x_displacement 
_ndb_struct_na_base_pair_step.y_displacement 
_ndb_struct_na_base_pair_step.helical_rise 
_ndb_struct_na_base_pair_step.inclination 
_ndb_struct_na_base_pair_step.tip 
_ndb_struct_na_base_pair_step.helical_twist 
_ndb_struct_na_base_pair_step.step_number 
_ndb_struct_na_base_pair_step.step_name 
_ndb_struct_na_base_pair_step.i_auth_asym_id_1 
_ndb_struct_na_base_pair_step.i_auth_seq_id_1 
_ndb_struct_na_base_pair_step.i_PDB_ins_code_1 
_ndb_struct_na_base_pair_step.j_auth_asym_id_1 
_ndb_struct_na_base_pair_step.j_auth_seq_id_1 
_ndb_struct_na_base_pair_step.j_PDB_ins_code_1 
_ndb_struct_na_base_pair_step.i_auth_asym_id_2 
_ndb_struct_na_base_pair_step.i_auth_seq_id_2 
_ndb_struct_na_base_pair_step.i_PDB_ins_code_2 
_ndb_struct_na_base_pair_step.j_auth_asym_id_2 
_ndb_struct_na_base_pair_step.j_auth_seq_id_2 
_ndb_struct_na_base_pair_step.j_PDB_ins_code_2 
1 A DG 1 1_555 B DC 7 1_555 A DC 2 1_555 B DG 6 1_555 0.746  0.789  3.148 -4.411 -2.995 37.246 1.591  -1.697 2.974 -4.660  6.864  
37.612 1 AA_DG1DC2:DG6DC7_BB A 1 ? B 7 ? A 2 ? B 6 ? 
1 A DC 2 1_555 B DG 6 1_555 A DG 3 1_555 B DC 5 1_555 -0.118 0.786  3.031 1.324  5.964  25.520 0.197  0.601  3.120 13.259  -2.943 
26.229 2 AA_DC2DG3:DC5DG6_BB A 2 ? B 6 ? A 3 ? B 5 ? 
1 A DG 3 1_555 B DC 5 1_555 A DG 5 1_555 B DC 3 1_555 -0.268 -0.515 6.581 -4.757 5.952  74.786 -0.787 -0.071 6.536 4.888   3.906  
75.117 3 AA_DG3DG5:DC3DC5_BB A 3 ? B 5 ? A 5 ? B 3 ? 
1 A DG 5 1_555 B DC 3 1_555 A DC 6 1_555 B DG 2 1_555 -0.062 -0.182 3.262 1.910  -1.357 27.912 -0.056 0.579  3.255 -2.808  -3.951 
28.008 4 AA_DG5DC6:DG2DC3_BB A 5 ? B 3 ? A 6 ? B 2 ? 
1 C DG 1 1_555 D DC 7 1_555 C DC 2 1_555 D DG 6 1_555 0.661  0.940  3.444 -1.833 -9.542 39.572 2.426  -1.157 3.113 -13.841 2.659  
40.701 5 CC_DG1DC2:DG6DC7_DD C 1 ? D 7 ? C 2 ? D 6 ? 
1 C DC 2 1_555 D DG 6 1_555 C DG 3 1_555 D DC 5 1_555 0.111  0.936  3.026 0.710  5.238  26.174 0.726  -0.065 3.151 11.419  -1.547 
26.694 6 CC_DC2DG3:DC5DG6_DD C 2 ? D 6 ? C 3 ? D 5 ? 
1 C DG 3 1_555 D DC 5 1_555 C DG 5 1_555 D DC 3 1_555 0.471  -0.380 7.134 1.323  1.183  73.690 -0.399 -0.301 7.135 0.986   -1.103 
73.708 7 CC_DG3DG5:DC3DC5_DD C 3 ? D 5 ? C 5 ? D 3 ? 
1 C DG 5 1_555 D DC 3 1_555 C DC 6 1_555 D DG 2 1_555 -0.056 -0.231 2.883 2.165  12.469 18.742 -4.518 0.825  2.265 33.751  -5.859 
22.583 8 CC_DG5DC6:DG2DC3_DD C 5 ? D 3 ? C 6 ? D 2 ? 
# 
loop_
_pdbx_entity_nonpoly.entity_id 
_pdbx_entity_nonpoly.name 
_pdbx_entity_nonpoly.comp_id 
3 'COBALT HEXAMMINE(III)' NCO 
4 'COBALT (III) ION'      3CO 
5 water                   HOH 
# 
_pdbx_initial_refinement_model.id               1 
_pdbx_initial_refinement_model.entity_id_list   ? 
_pdbx_initial_refinement_model.type             'experimental model' 
_pdbx_initial_refinement_model.source_name      PDB 
_pdbx_initial_refinement_model.accession_code   3FL6 
_pdbx_initial_refinement_model.details          'PDB ENTRY 3FL6' 
# 
